data_5QSI
# 
_entry.id   5QSI 
# 
_audit_conform.dict_name       mmcif_pdbx.dic 
_audit_conform.dict_version    5.387 
_audit_conform.dict_location   http://mmcif.pdb.org/dictionaries/ascii/mmcif_pdbx.dic 
# 
loop_
_database_2.database_id 
_database_2.database_code 
_database_2.pdbx_database_accession 
_database_2.pdbx_DOI 
PDB   5QSI         pdb_00005qsi 10.2210/pdb5qsi/pdb 
WWPDB D_1001402351 ?            ?                   
# 
loop_
_pdbx_audit_revision_history.ordinal 
_pdbx_audit_revision_history.data_content_type 
_pdbx_audit_revision_history.major_revision 
_pdbx_audit_revision_history.minor_revision 
_pdbx_audit_revision_history.revision_date 
1 'Structure model' 1 0 2019-08-21 
2 'Structure model' 1 1 2024-03-06 
# 
_pdbx_audit_revision_details.ordinal             1 
_pdbx_audit_revision_details.revision_ordinal    1 
_pdbx_audit_revision_details.data_content_type   'Structure model' 
_pdbx_audit_revision_details.provider            repository 
_pdbx_audit_revision_details.type                'Initial release' 
_pdbx_audit_revision_details.description         ? 
_pdbx_audit_revision_details.details             ? 
# 
loop_
_pdbx_audit_revision_group.ordinal 
_pdbx_audit_revision_group.revision_ordinal 
_pdbx_audit_revision_group.data_content_type 
_pdbx_audit_revision_group.group 
1 2 'Structure model' 'Data collection'     
2 2 'Structure model' 'Database references' 
# 
loop_
_pdbx_audit_revision_category.ordinal 
_pdbx_audit_revision_category.revision_ordinal 
_pdbx_audit_revision_category.data_content_type 
_pdbx_audit_revision_category.category 
1 2 'Structure model' chem_comp_atom 
2 2 'Structure model' chem_comp_bond 
3 2 'Structure model' database_2     
# 
loop_
_pdbx_audit_revision_item.ordinal 
_pdbx_audit_revision_item.revision_ordinal 
_pdbx_audit_revision_item.data_content_type 
_pdbx_audit_revision_item.item 
1 2 'Structure model' '_database_2.pdbx_DOI'                
2 2 'Structure model' '_database_2.pdbx_database_accession' 
# 
_pdbx_database_status.entry_id                        5QSI 
_pdbx_database_status.status_code                     REL 
_pdbx_database_status.status_code_sf                  REL 
_pdbx_database_status.status_code_mr                  ? 
_pdbx_database_status.status_code_cs                  ? 
_pdbx_database_status.recvd_initial_deposition_date   2019-05-25 
_pdbx_database_status.deposit_site                    RCSB 
_pdbx_database_status.process_site                    RCSB 
_pdbx_database_status.SG_entry                        ? 
_pdbx_database_status.pdb_format_compatible           Y 
_pdbx_database_status.methods_development_category    ? 
_pdbx_database_status.status_code_nmr_data            ? 
# 
loop_
_audit_author.name 
_audit_author.pdbx_ordinal 
'Newman, J.A.'        1 
'Gavard, A.E.'        2 
'Sherestha, L.'       3 
'Burgess-Brown, N.A.' 4 
'von Delft, F.'       5 
'Arrowsmith, C.H.'    6 
'Edwards, A.'         7 
'Bountra, C.'         8 
'Gileadi, O.'         9 
# 
_citation.id                        primary 
_citation.title                     'PanDDA analysis group deposition' 
_citation.journal_abbrev            'To Be Published' 
_citation.journal_volume            ? 
_citation.page_first                ? 
_citation.page_last                 ? 
_citation.year                      ? 
_citation.journal_id_ASTM           ? 
_citation.country                   ? 
_citation.journal_id_ISSN           ? 
_citation.journal_id_CSD            0353 
_citation.book_publisher            ? 
_citation.pdbx_database_id_PubMed   ? 
_citation.pdbx_database_id_DOI      ? 
# 
loop_
_citation_author.citation_id 
_citation_author.name 
_citation_author.identifier_ORCID 
_citation_author.ordinal 
primary 'Newman, J.A.'        ? 1 
primary 'Gavard, A.E.'        ? 2 
primary 'Sherestha, L.'       ? 3 
primary 'Burgess-Brown, N.A.' ? 4 
primary 'von Delft, F.'       ? 5 
primary 'Arrowsmith, C.H.'    ? 6 
primary 'Edwards, A.'         ? 7 
primary 'Bountra, C.'         ? 8 
primary 'Gileadi, O.'         ? 9 
# 
loop_
_entity.id 
_entity.type 
_entity.src_method 
_entity.pdbx_description 
_entity.formula_weight 
_entity.pdbx_number_of_molecules 
_entity.pdbx_ec 
_entity.pdbx_mutation 
_entity.pdbx_fragment 
_entity.details 
1 polymer     man 'T-box transcription factor T' 19655.623 1   ? G177D ? ? 
2 non-polymer syn '3-(benzyloxy)aniline'         199.248   1   ? ?     ? ? 
3 water       nat water                          18.015    215 ? ?     ? ? 
# 
_entity_name_com.entity_id   1 
_entity_name_com.name        'Brachyury protein,Protein T' 
# 
_entity_poly.entity_id                      1 
_entity_poly.type                           'polypeptide(L)' 
_entity_poly.nstd_linkage                   no 
_entity_poly.nstd_monomer                   no 
_entity_poly.pdbx_seq_one_letter_code       
;GELRVGLEESELWLRFKELTNEMIVTKNGRRMFPVLKVNVSGLDPNAMYSFLLDFVAADNHRWKYVNGEWVPGGKPEPQA
PSCVYIHPDSPNFGAHWMKAPVSFSKVKLTNKLNGGGQIMLNSLHKYEPRIHIVRVGDPQRMITSHCFPETQFIAVTAYQ
NEEITALKIKYN
;
_entity_poly.pdbx_seq_one_letter_code_can   
;GELRVGLEESELWLRFKELTNEMIVTKNGRRMFPVLKVNVSGLDPNAMYSFLLDFVAADNHRWKYVNGEWVPGGKPEPQA
PSCVYIHPDSPNFGAHWMKAPVSFSKVKLTNKLNGGGQIMLNSLHKYEPRIHIVRVGDPQRMITSHCFPETQFIAVTAYQ
NEEITALKIKYN
;
_entity_poly.pdbx_strand_id                 A 
_entity_poly.pdbx_target_identifier         ? 
# 
loop_
_pdbx_entity_nonpoly.entity_id 
_pdbx_entity_nonpoly.name 
_pdbx_entity_nonpoly.comp_id 
2 '3-(benzyloxy)aniline' O1D 
3 water                  HOH 
# 
loop_
_entity_poly_seq.entity_id 
_entity_poly_seq.num 
_entity_poly_seq.mon_id 
_entity_poly_seq.hetero 
1 1   GLY n 
1 2   GLU n 
1 3   LEU n 
1 4   ARG n 
1 5   VAL n 
1 6   GLY n 
1 7   LEU n 
1 8   GLU n 
1 9   GLU n 
1 10  SER n 
1 11  GLU n 
1 12  LEU n 
1 13  TRP n 
1 14  LEU n 
1 15  ARG n 
1 16  PHE n 
1 17  LYS n 
1 18  GLU n 
1 19  LEU n 
1 20  THR n 
1 21  ASN n 
1 22  GLU n 
1 23  MET n 
1 24  ILE n 
1 25  VAL n 
1 26  THR n 
1 27  LYS n 
1 28  ASN n 
1 29  GLY n 
1 30  ARG n 
1 31  ARG n 
1 32  MET n 
1 33  PHE n 
1 34  PRO n 
1 35  VAL n 
1 36  LEU n 
1 37  LYS n 
1 38  VAL n 
1 39  ASN n 
1 40  VAL n 
1 41  SER n 
1 42  GLY n 
1 43  LEU n 
1 44  ASP n 
1 45  PRO n 
1 46  ASN n 
1 47  ALA n 
1 48  MET n 
1 49  TYR n 
1 50  SER n 
1 51  PHE n 
1 52  LEU n 
1 53  LEU n 
1 54  ASP n 
1 55  PHE n 
1 56  VAL n 
1 57  ALA n 
1 58  ALA n 
1 59  ASP n 
1 60  ASN n 
1 61  HIS n 
1 62  ARG n 
1 63  TRP n 
1 64  LYS n 
1 65  TYR n 
1 66  VAL n 
1 67  ASN n 
1 68  GLY n 
1 69  GLU n 
1 70  TRP n 
1 71  VAL n 
1 72  PRO n 
1 73  GLY n 
1 74  GLY n 
1 75  LYS n 
1 76  PRO n 
1 77  GLU n 
1 78  PRO n 
1 79  GLN n 
1 80  ALA n 
1 81  PRO n 
1 82  SER n 
1 83  CYS n 
1 84  VAL n 
1 85  TYR n 
1 86  ILE n 
1 87  HIS n 
1 88  PRO n 
1 89  ASP n 
1 90  SER n 
1 91  PRO n 
1 92  ASN n 
1 93  PHE n 
1 94  GLY n 
1 95  ALA n 
1 96  HIS n 
1 97  TRP n 
1 98  MET n 
1 99  LYS n 
1 100 ALA n 
1 101 PRO n 
1 102 VAL n 
1 103 SER n 
1 104 PHE n 
1 105 SER n 
1 106 LYS n 
1 107 VAL n 
1 108 LYS n 
1 109 LEU n 
1 110 THR n 
1 111 ASN n 
1 112 LYS n 
1 113 LEU n 
1 114 ASN n 
1 115 GLY n 
1 116 GLY n 
1 117 GLY n 
1 118 GLN n 
1 119 ILE n 
1 120 MET n 
1 121 LEU n 
1 122 ASN n 
1 123 SER n 
1 124 LEU n 
1 125 HIS n 
1 126 LYS n 
1 127 TYR n 
1 128 GLU n 
1 129 PRO n 
1 130 ARG n 
1 131 ILE n 
1 132 HIS n 
1 133 ILE n 
1 134 VAL n 
1 135 ARG n 
1 136 VAL n 
1 137 GLY n 
1 138 ASP n 
1 139 PRO n 
1 140 GLN n 
1 141 ARG n 
1 142 MET n 
1 143 ILE n 
1 144 THR n 
1 145 SER n 
1 146 HIS n 
1 147 CYS n 
1 148 PHE n 
1 149 PRO n 
1 150 GLU n 
1 151 THR n 
1 152 GLN n 
1 153 PHE n 
1 154 ILE n 
1 155 ALA n 
1 156 VAL n 
1 157 THR n 
1 158 ALA n 
1 159 TYR n 
1 160 GLN n 
1 161 ASN n 
1 162 GLU n 
1 163 GLU n 
1 164 ILE n 
1 165 THR n 
1 166 ALA n 
1 167 LEU n 
1 168 LYS n 
1 169 ILE n 
1 170 LYS n 
1 171 TYR n 
1 172 ASN n 
# 
_entity_src_gen.entity_id                          1 
_entity_src_gen.pdbx_src_id                        1 
_entity_src_gen.pdbx_alt_source_flag               sample 
_entity_src_gen.pdbx_seq_type                      'Biological sequence' 
_entity_src_gen.pdbx_beg_seq_num                   1 
_entity_src_gen.pdbx_end_seq_num                   172 
_entity_src_gen.gene_src_common_name               Human 
_entity_src_gen.gene_src_genus                     ? 
_entity_src_gen.pdbx_gene_src_gene                 'TBXT, T' 
_entity_src_gen.gene_src_species                   ? 
_entity_src_gen.gene_src_strain                    ? 
_entity_src_gen.gene_src_tissue                    ? 
_entity_src_gen.gene_src_tissue_fraction           ? 
_entity_src_gen.gene_src_details                   ? 
_entity_src_gen.pdbx_gene_src_fragment             ? 
_entity_src_gen.pdbx_gene_src_scientific_name      'Homo sapiens' 
_entity_src_gen.pdbx_gene_src_ncbi_taxonomy_id     9606 
_entity_src_gen.pdbx_gene_src_variant              ? 
_entity_src_gen.pdbx_gene_src_cell_line            ? 
_entity_src_gen.pdbx_gene_src_atcc                 ? 
_entity_src_gen.pdbx_gene_src_organ                ? 
_entity_src_gen.pdbx_gene_src_organelle            ? 
_entity_src_gen.pdbx_gene_src_cell                 ? 
_entity_src_gen.pdbx_gene_src_cellular_location    ? 
_entity_src_gen.host_org_common_name               ? 
_entity_src_gen.pdbx_host_org_scientific_name      'Escherichia coli' 
_entity_src_gen.pdbx_host_org_ncbi_taxonomy_id     562 
_entity_src_gen.host_org_genus                     ? 
_entity_src_gen.pdbx_host_org_gene                 ? 
_entity_src_gen.pdbx_host_org_organ                ? 
_entity_src_gen.host_org_species                   ? 
_entity_src_gen.pdbx_host_org_tissue               ? 
_entity_src_gen.pdbx_host_org_tissue_fraction      ? 
_entity_src_gen.pdbx_host_org_strain               ? 
_entity_src_gen.pdbx_host_org_variant              ? 
_entity_src_gen.pdbx_host_org_cell_line            ? 
_entity_src_gen.pdbx_host_org_atcc                 ? 
_entity_src_gen.pdbx_host_org_culture_collection   ? 
_entity_src_gen.pdbx_host_org_cell                 ? 
_entity_src_gen.pdbx_host_org_organelle            ? 
_entity_src_gen.pdbx_host_org_cellular_location    ? 
_entity_src_gen.pdbx_host_org_vector_type          ? 
_entity_src_gen.pdbx_host_org_vector               ? 
_entity_src_gen.host_org_details                   ? 
_entity_src_gen.expression_system_id               ? 
_entity_src_gen.plasmid_name                       ? 
_entity_src_gen.plasmid_details                    ? 
_entity_src_gen.pdbx_description                   ? 
# 
loop_
_chem_comp.id 
_chem_comp.type 
_chem_comp.mon_nstd_flag 
_chem_comp.name 
_chem_comp.pdbx_synonyms 
_chem_comp.formula 
_chem_comp.formula_weight 
ALA 'L-peptide linking' y ALANINE                ? 'C3 H7 N O2'     89.093  
ARG 'L-peptide linking' y ARGININE               ? 'C6 H15 N4 O2 1' 175.209 
ASN 'L-peptide linking' y ASPARAGINE             ? 'C4 H8 N2 O3'    132.118 
ASP 'L-peptide linking' y 'ASPARTIC ACID'        ? 'C4 H7 N O4'     133.103 
CYS 'L-peptide linking' y CYSTEINE               ? 'C3 H7 N O2 S'   121.158 
GLN 'L-peptide linking' y GLUTAMINE              ? 'C5 H10 N2 O3'   146.144 
GLU 'L-peptide linking' y 'GLUTAMIC ACID'        ? 'C5 H9 N O4'     147.129 
GLY 'peptide linking'   y GLYCINE                ? 'C2 H5 N O2'     75.067  
HIS 'L-peptide linking' y HISTIDINE              ? 'C6 H10 N3 O2 1' 156.162 
HOH non-polymer         . WATER                  ? 'H2 O'           18.015  
ILE 'L-peptide linking' y ISOLEUCINE             ? 'C6 H13 N O2'    131.173 
LEU 'L-peptide linking' y LEUCINE                ? 'C6 H13 N O2'    131.173 
LYS 'L-peptide linking' y LYSINE                 ? 'C6 H15 N2 O2 1' 147.195 
MET 'L-peptide linking' y METHIONINE             ? 'C5 H11 N O2 S'  149.211 
O1D non-polymer         . '3-(benzyloxy)aniline' ? 'C13 H13 N O'    199.248 
PHE 'L-peptide linking' y PHENYLALANINE          ? 'C9 H11 N O2'    165.189 
PRO 'L-peptide linking' y PROLINE                ? 'C5 H9 N O2'     115.130 
SER 'L-peptide linking' y SERINE                 ? 'C3 H7 N O3'     105.093 
THR 'L-peptide linking' y THREONINE              ? 'C4 H9 N O3'     119.119 
TRP 'L-peptide linking' y TRYPTOPHAN             ? 'C11 H12 N2 O2'  204.225 
TYR 'L-peptide linking' y TYROSINE               ? 'C9 H11 N O3'    181.189 
VAL 'L-peptide linking' y VALINE                 ? 'C5 H11 N O2'    117.146 
# 
loop_
_pdbx_poly_seq_scheme.asym_id 
_pdbx_poly_seq_scheme.entity_id 
_pdbx_poly_seq_scheme.seq_id 
_pdbx_poly_seq_scheme.mon_id 
_pdbx_poly_seq_scheme.ndb_seq_num 
_pdbx_poly_seq_scheme.pdb_seq_num 
_pdbx_poly_seq_scheme.auth_seq_num 
_pdbx_poly_seq_scheme.pdb_mon_id 
_pdbx_poly_seq_scheme.auth_mon_id 
_pdbx_poly_seq_scheme.pdb_strand_id 
_pdbx_poly_seq_scheme.pdb_ins_code 
_pdbx_poly_seq_scheme.hetero 
A 1 1   GLY 1   40  ?   ?   ?   A . n 
A 1 2   GLU 2   41  41  GLU GLU A . n 
A 1 3   LEU 3   42  42  LEU LEU A . n 
A 1 4   ARG 4   43  43  ARG ARG A . n 
A 1 5   VAL 5   44  44  VAL VAL A . n 
A 1 6   GLY 6   45  45  GLY GLY A . n 
A 1 7   LEU 7   46  46  LEU LEU A . n 
A 1 8   GLU 8   47  47  GLU GLU A . n 
A 1 9   GLU 9   48  48  GLU GLU A . n 
A 1 10  SER 10  49  49  SER SER A . n 
A 1 11  GLU 11  50  50  GLU GLU A . n 
A 1 12  LEU 12  51  51  LEU LEU A . n 
A 1 13  TRP 13  52  52  TRP TRP A . n 
A 1 14  LEU 14  53  53  LEU LEU A . n 
A 1 15  ARG 15  54  54  ARG ARG A . n 
A 1 16  PHE 16  55  55  PHE PHE A . n 
A 1 17  LYS 17  56  56  LYS LYS A . n 
A 1 18  GLU 18  57  57  GLU GLU A . n 
A 1 19  LEU 19  58  58  LEU LEU A . n 
A 1 20  THR 20  59  59  THR THR A . n 
A 1 21  ASN 21  60  60  ASN ASN A . n 
A 1 22  GLU 22  61  61  GLU GLU A . n 
A 1 23  MET 23  62  62  MET MET A . n 
A 1 24  ILE 24  63  63  ILE ILE A . n 
A 1 25  VAL 25  64  64  VAL VAL A . n 
A 1 26  THR 26  65  65  THR THR A . n 
A 1 27  LYS 27  66  66  LYS LYS A . n 
A 1 28  ASN 28  67  67  ASN ASN A . n 
A 1 29  GLY 29  68  68  GLY GLY A . n 
A 1 30  ARG 30  69  69  ARG ARG A . n 
A 1 31  ARG 31  70  70  ARG ARG A . n 
A 1 32  MET 32  71  71  MET MET A . n 
A 1 33  PHE 33  72  72  PHE PHE A . n 
A 1 34  PRO 34  73  73  PRO PRO A . n 
A 1 35  VAL 35  74  74  VAL VAL A . n 
A 1 36  LEU 36  75  75  LEU LEU A . n 
A 1 37  LYS 37  76  76  LYS LYS A . n 
A 1 38  VAL 38  77  77  VAL VAL A . n 
A 1 39  ASN 39  78  78  ASN ASN A . n 
A 1 40  VAL 40  79  79  VAL VAL A . n 
A 1 41  SER 41  80  80  SER SER A . n 
A 1 42  GLY 42  81  81  GLY GLY A . n 
A 1 43  LEU 43  82  82  LEU LEU A . n 
A 1 44  ASP 44  83  83  ASP ASP A . n 
A 1 45  PRO 45  84  84  PRO PRO A . n 
A 1 46  ASN 46  85  85  ASN ASN A . n 
A 1 47  ALA 47  86  86  ALA ALA A . n 
A 1 48  MET 48  87  87  MET MET A . n 
A 1 49  TYR 49  88  88  TYR TYR A . n 
A 1 50  SER 50  89  89  SER SER A . n 
A 1 51  PHE 51  90  90  PHE PHE A . n 
A 1 52  LEU 52  91  91  LEU LEU A . n 
A 1 53  LEU 53  92  92  LEU LEU A . n 
A 1 54  ASP 54  93  93  ASP ASP A . n 
A 1 55  PHE 55  94  94  PHE PHE A . n 
A 1 56  VAL 56  95  95  VAL VAL A . n 
A 1 57  ALA 57  96  96  ALA ALA A . n 
A 1 58  ALA 58  97  97  ALA ALA A . n 
A 1 59  ASP 59  98  98  ASP ASP A . n 
A 1 60  ASN 60  99  99  ASN ASN A . n 
A 1 61  HIS 61  100 100 HIS HIS A . n 
A 1 62  ARG 62  101 101 ARG ARG A . n 
A 1 63  TRP 63  102 102 TRP TRP A . n 
A 1 64  LYS 64  103 103 LYS LYS A . n 
A 1 65  TYR 65  104 104 TYR TYR A . n 
A 1 66  VAL 66  105 105 VAL VAL A . n 
A 1 67  ASN 67  106 106 ASN ASN A . n 
A 1 68  GLY 68  107 107 GLY GLY A . n 
A 1 69  GLU 69  108 108 GLU GLU A . n 
A 1 70  TRP 70  109 109 TRP TRP A . n 
A 1 71  VAL 71  110 110 VAL VAL A . n 
A 1 72  PRO 72  111 111 PRO PRO A . n 
A 1 73  GLY 73  112 112 GLY GLY A . n 
A 1 74  GLY 74  113 113 GLY GLY A . n 
A 1 75  LYS 75  114 114 LYS LYS A . n 
A 1 76  PRO 76  115 115 PRO PRO A . n 
A 1 77  GLU 77  116 116 GLU GLU A . n 
A 1 78  PRO 78  117 117 PRO PRO A . n 
A 1 79  GLN 79  118 118 GLN GLN A . n 
A 1 80  ALA 80  119 119 ALA ALA A . n 
A 1 81  PRO 81  120 120 PRO PRO A . n 
A 1 82  SER 82  121 121 SER SER A . n 
A 1 83  CYS 83  122 122 CYS CYS A . n 
A 1 84  VAL 84  123 123 VAL VAL A . n 
A 1 85  TYR 85  124 124 TYR TYR A . n 
A 1 86  ILE 86  125 125 ILE ILE A . n 
A 1 87  HIS 87  126 126 HIS HIS A . n 
A 1 88  PRO 88  127 127 PRO PRO A . n 
A 1 89  ASP 89  128 128 ASP ASP A . n 
A 1 90  SER 90  129 129 SER SER A . n 
A 1 91  PRO 91  130 130 PRO PRO A . n 
A 1 92  ASN 92  131 131 ASN ASN A . n 
A 1 93  PHE 93  132 132 PHE PHE A . n 
A 1 94  GLY 94  133 133 GLY GLY A . n 
A 1 95  ALA 95  134 134 ALA ALA A . n 
A 1 96  HIS 96  135 135 HIS HIS A . n 
A 1 97  TRP 97  136 136 TRP TRP A . n 
A 1 98  MET 98  137 137 MET MET A . n 
A 1 99  LYS 99  138 138 LYS LYS A . n 
A 1 100 ALA 100 139 139 ALA ALA A . n 
A 1 101 PRO 101 140 140 PRO PRO A . n 
A 1 102 VAL 102 141 141 VAL VAL A . n 
A 1 103 SER 103 142 142 SER SER A . n 
A 1 104 PHE 104 143 143 PHE PHE A . n 
A 1 105 SER 105 144 144 SER SER A . n 
A 1 106 LYS 106 145 145 LYS LYS A . n 
A 1 107 VAL 107 146 146 VAL VAL A . n 
A 1 108 LYS 108 147 147 LYS LYS A . n 
A 1 109 LEU 109 148 148 LEU LEU A . n 
A 1 110 THR 110 149 149 THR THR A . n 
A 1 111 ASN 111 150 150 ASN ASN A . n 
A 1 112 LYS 112 151 151 LYS LYS A . n 
A 1 113 LEU 113 152 152 LEU LEU A . n 
A 1 114 ASN 114 153 153 ASN ASN A . n 
A 1 115 GLY 115 154 154 GLY GLY A . n 
A 1 116 GLY 116 155 155 GLY GLY A . n 
A 1 117 GLY 117 156 156 GLY GLY A . n 
A 1 118 GLN 118 157 157 GLN GLN A . n 
A 1 119 ILE 119 158 158 ILE ILE A . n 
A 1 120 MET 120 159 159 MET MET A . n 
A 1 121 LEU 121 160 160 LEU LEU A . n 
A 1 122 ASN 122 161 161 ASN ASN A . n 
A 1 123 SER 123 162 162 SER SER A . n 
A 1 124 LEU 124 163 163 LEU LEU A . n 
A 1 125 HIS 125 164 164 HIS HIS A . n 
A 1 126 LYS 126 165 165 LYS LYS A . n 
A 1 127 TYR 127 166 166 TYR TYR A . n 
A 1 128 GLU 128 167 167 GLU GLU A . n 
A 1 129 PRO 129 168 168 PRO PRO A . n 
A 1 130 ARG 130 169 169 ARG ARG A . n 
A 1 131 ILE 131 170 170 ILE ILE A . n 
A 1 132 HIS 132 171 171 HIS HIS A . n 
A 1 133 ILE 133 172 172 ILE ILE A . n 
A 1 134 VAL 134 173 173 VAL VAL A . n 
A 1 135 ARG 135 174 174 ARG ARG A . n 
A 1 136 VAL 136 175 175 VAL VAL A . n 
A 1 137 GLY 137 176 176 GLY GLY A . n 
A 1 138 ASP 138 177 177 ASP ASP A . n 
A 1 139 PRO 139 178 178 PRO PRO A . n 
A 1 140 GLN 140 179 179 GLN GLN A . n 
A 1 141 ARG 141 180 180 ARG ARG A . n 
A 1 142 MET 142 181 181 MET MET A . n 
A 1 143 ILE 143 182 182 ILE ILE A . n 
A 1 144 THR 144 183 183 THR THR A . n 
A 1 145 SER 145 184 184 SER SER A . n 
A 1 146 HIS 146 185 185 HIS HIS A . n 
A 1 147 CYS 147 186 186 CYS CYS A . n 
A 1 148 PHE 148 187 187 PHE PHE A . n 
A 1 149 PRO 149 188 188 PRO PRO A . n 
A 1 150 GLU 150 189 189 GLU GLU A . n 
A 1 151 THR 151 190 190 THR THR A . n 
A 1 152 GLN 152 191 191 GLN GLN A . n 
A 1 153 PHE 153 192 192 PHE PHE A . n 
A 1 154 ILE 154 193 193 ILE ILE A . n 
A 1 155 ALA 155 194 194 ALA ALA A . n 
A 1 156 VAL 156 195 195 VAL VAL A . n 
A 1 157 THR 157 196 196 THR THR A . n 
A 1 158 ALA 158 197 197 ALA ALA A . n 
A 1 159 TYR 159 198 198 TYR TYR A . n 
A 1 160 GLN 160 199 199 GLN GLN A . n 
A 1 161 ASN 161 200 200 ASN ASN A . n 
A 1 162 GLU 162 201 201 GLU GLU A . n 
A 1 163 GLU 163 202 202 GLU GLU A . n 
A 1 164 ILE 164 203 203 ILE ILE A . n 
A 1 165 THR 165 204 204 THR THR A . n 
A 1 166 ALA 166 205 205 ALA ALA A . n 
A 1 167 LEU 167 206 206 LEU LEU A . n 
A 1 168 LYS 168 207 207 LYS LYS A . n 
A 1 169 ILE 169 208 208 ILE ILE A . n 
A 1 170 LYS 170 209 209 LYS LYS A . n 
A 1 171 TYR 171 210 210 TYR TYR A . n 
A 1 172 ASN 172 211 211 ASN ASN A . n 
# 
loop_
_pdbx_nonpoly_scheme.asym_id 
_pdbx_nonpoly_scheme.entity_id 
_pdbx_nonpoly_scheme.mon_id 
_pdbx_nonpoly_scheme.ndb_seq_num 
_pdbx_nonpoly_scheme.pdb_seq_num 
_pdbx_nonpoly_scheme.auth_seq_num 
_pdbx_nonpoly_scheme.pdb_mon_id 
_pdbx_nonpoly_scheme.auth_mon_id 
_pdbx_nonpoly_scheme.pdb_strand_id 
_pdbx_nonpoly_scheme.pdb_ins_code 
B 2 O1D 1   301 301 O1D LIG A . 
C 3 HOH 1   401 77  HOH HOH A . 
C 3 HOH 2   402 231 HOH HOH A . 
C 3 HOH 3   403 209 HOH HOH A . 
C 3 HOH 4   404 162 HOH HOH A . 
C 3 HOH 5   405 106 HOH HOH A . 
C 3 HOH 6   406 123 HOH HOH A . 
C 3 HOH 7   407 157 HOH HOH A . 
C 3 HOH 8   408 46  HOH HOH A . 
C 3 HOH 9   409 166 HOH HOH A . 
C 3 HOH 10  410 170 HOH HOH A . 
C 3 HOH 11  411 125 HOH HOH A . 
C 3 HOH 12  412 105 HOH HOH A . 
C 3 HOH 13  413 108 HOH HOH A . 
C 3 HOH 14  414 18  HOH HOH A . 
C 3 HOH 15  415 27  HOH HOH A . 
C 3 HOH 16  416 198 HOH HOH A . 
C 3 HOH 17  417 150 HOH HOH A . 
C 3 HOH 18  418 133 HOH HOH A . 
C 3 HOH 19  419 111 HOH HOH A . 
C 3 HOH 20  420 152 HOH HOH A . 
C 3 HOH 21  421 78  HOH HOH A . 
C 3 HOH 22  422 31  HOH HOH A . 
C 3 HOH 23  423 72  HOH HOH A . 
C 3 HOH 24  424 103 HOH HOH A . 
C 3 HOH 25  425 149 HOH HOH A . 
C 3 HOH 26  426 122 HOH HOH A . 
C 3 HOH 27  427 183 HOH HOH A . 
C 3 HOH 28  428 118 HOH HOH A . 
C 3 HOH 29  429 44  HOH HOH A . 
C 3 HOH 30  430 227 HOH HOH A . 
C 3 HOH 31  431 88  HOH HOH A . 
C 3 HOH 32  432 171 HOH HOH A . 
C 3 HOH 33  433 232 HOH HOH A . 
C 3 HOH 34  434 113 HOH HOH A . 
C 3 HOH 35  435 45  HOH HOH A . 
C 3 HOH 36  436 154 HOH HOH A . 
C 3 HOH 37  437 104 HOH HOH A . 
C 3 HOH 38  438 174 HOH HOH A . 
C 3 HOH 39  439 165 HOH HOH A . 
C 3 HOH 40  440 81  HOH HOH A . 
C 3 HOH 41  441 176 HOH HOH A . 
C 3 HOH 42  442 95  HOH HOH A . 
C 3 HOH 43  443 167 HOH HOH A . 
C 3 HOH 44  444 76  HOH HOH A . 
C 3 HOH 45  445 42  HOH HOH A . 
C 3 HOH 46  446 8   HOH HOH A . 
C 3 HOH 47  447 17  HOH HOH A . 
C 3 HOH 48  448 187 HOH HOH A . 
C 3 HOH 49  449 14  HOH HOH A . 
C 3 HOH 50  450 32  HOH HOH A . 
C 3 HOH 51  451 26  HOH HOH A . 
C 3 HOH 52  452 83  HOH HOH A . 
C 3 HOH 53  453 190 HOH HOH A . 
C 3 HOH 54  454 61  HOH HOH A . 
C 3 HOH 55  455 40  HOH HOH A . 
C 3 HOH 56  456 41  HOH HOH A . 
C 3 HOH 57  457 22  HOH HOH A . 
C 3 HOH 58  458 4   HOH HOH A . 
C 3 HOH 59  459 23  HOH HOH A . 
C 3 HOH 60  460 195 HOH HOH A . 
C 3 HOH 61  461 182 HOH HOH A . 
C 3 HOH 62  462 114 HOH HOH A . 
C 3 HOH 63  463 47  HOH HOH A . 
C 3 HOH 64  464 68  HOH HOH A . 
C 3 HOH 65  465 207 HOH HOH A . 
C 3 HOH 66  466 15  HOH HOH A . 
C 3 HOH 67  467 107 HOH HOH A . 
C 3 HOH 68  468 69  HOH HOH A . 
C 3 HOH 69  469 159 HOH HOH A . 
C 3 HOH 70  470 67  HOH HOH A . 
C 3 HOH 71  471 13  HOH HOH A . 
C 3 HOH 72  472 90  HOH HOH A . 
C 3 HOH 73  473 158 HOH HOH A . 
C 3 HOH 74  474 5   HOH HOH A . 
C 3 HOH 75  475 89  HOH HOH A . 
C 3 HOH 76  476 64  HOH HOH A . 
C 3 HOH 77  477 12  HOH HOH A . 
C 3 HOH 78  478 57  HOH HOH A . 
C 3 HOH 79  479 225 HOH HOH A . 
C 3 HOH 80  480 3   HOH HOH A . 
C 3 HOH 81  481 96  HOH HOH A . 
C 3 HOH 82  482 50  HOH HOH A . 
C 3 HOH 83  483 35  HOH HOH A . 
C 3 HOH 84  484 191 HOH HOH A . 
C 3 HOH 85  485 9   HOH HOH A . 
C 3 HOH 86  486 119 HOH HOH A . 
C 3 HOH 87  487 192 HOH HOH A . 
C 3 HOH 88  488 124 HOH HOH A . 
C 3 HOH 89  489 94  HOH HOH A . 
C 3 HOH 90  490 194 HOH HOH A . 
C 3 HOH 91  491 180 HOH HOH A . 
C 3 HOH 92  492 208 HOH HOH A . 
C 3 HOH 93  493 36  HOH HOH A . 
C 3 HOH 94  494 1   HOH HOH A . 
C 3 HOH 95  495 188 HOH HOH A . 
C 3 HOH 96  496 6   HOH HOH A . 
C 3 HOH 97  497 178 HOH HOH A . 
C 3 HOH 98  498 60  HOH HOH A . 
C 3 HOH 99  499 185 HOH HOH A . 
C 3 HOH 100 500 16  HOH HOH A . 
C 3 HOH 101 501 33  HOH HOH A . 
C 3 HOH 102 502 101 HOH HOH A . 
C 3 HOH 103 503 228 HOH HOH A . 
C 3 HOH 104 504 164 HOH HOH A . 
C 3 HOH 105 505 30  HOH HOH A . 
C 3 HOH 106 506 87  HOH HOH A . 
C 3 HOH 107 507 51  HOH HOH A . 
C 3 HOH 108 508 70  HOH HOH A . 
C 3 HOH 109 509 11  HOH HOH A . 
C 3 HOH 110 510 221 HOH HOH A . 
C 3 HOH 111 511 39  HOH HOH A . 
C 3 HOH 112 512 184 HOH HOH A . 
C 3 HOH 113 513 233 HOH HOH A . 
C 3 HOH 114 514 34  HOH HOH A . 
C 3 HOH 115 515 223 HOH HOH A . 
C 3 HOH 116 516 199 HOH HOH A . 
C 3 HOH 117 517 86  HOH HOH A . 
C 3 HOH 118 518 92  HOH HOH A . 
C 3 HOH 119 519 54  HOH HOH A . 
C 3 HOH 120 520 175 HOH HOH A . 
C 3 HOH 121 521 93  HOH HOH A . 
C 3 HOH 122 522 37  HOH HOH A . 
C 3 HOH 123 523 56  HOH HOH A . 
C 3 HOH 124 524 151 HOH HOH A . 
C 3 HOH 125 525 58  HOH HOH A . 
C 3 HOH 126 526 161 HOH HOH A . 
C 3 HOH 127 527 196 HOH HOH A . 
C 3 HOH 128 528 38  HOH HOH A . 
C 3 HOH 129 529 20  HOH HOH A . 
C 3 HOH 130 530 117 HOH HOH A . 
C 3 HOH 131 531 24  HOH HOH A . 
C 3 HOH 132 532 43  HOH HOH A . 
C 3 HOH 133 533 7   HOH HOH A . 
C 3 HOH 134 534 138 HOH HOH A . 
C 3 HOH 135 535 25  HOH HOH A . 
C 3 HOH 136 536 28  HOH HOH A . 
C 3 HOH 137 537 66  HOH HOH A . 
C 3 HOH 138 538 169 HOH HOH A . 
C 3 HOH 139 539 82  HOH HOH A . 
C 3 HOH 140 540 2   HOH HOH A . 
C 3 HOH 141 541 216 HOH HOH A . 
C 3 HOH 142 542 181 HOH HOH A . 
C 3 HOH 143 543 99  HOH HOH A . 
C 3 HOH 144 544 135 HOH HOH A . 
C 3 HOH 145 545 29  HOH HOH A . 
C 3 HOH 146 546 163 HOH HOH A . 
C 3 HOH 147 547 127 HOH HOH A . 
C 3 HOH 148 548 202 HOH HOH A . 
C 3 HOH 149 549 168 HOH HOH A . 
C 3 HOH 150 550 179 HOH HOH A . 
C 3 HOH 151 551 172 HOH HOH A . 
C 3 HOH 152 552 213 HOH HOH A . 
C 3 HOH 153 553 160 HOH HOH A . 
C 3 HOH 154 554 121 HOH HOH A . 
C 3 HOH 155 555 224 HOH HOH A . 
C 3 HOH 156 556 173 HOH HOH A . 
C 3 HOH 157 557 84  HOH HOH A . 
C 3 HOH 158 558 85  HOH HOH A . 
C 3 HOH 159 559 143 HOH HOH A . 
C 3 HOH 160 560 156 HOH HOH A . 
C 3 HOH 161 561 189 HOH HOH A . 
C 3 HOH 162 562 136 HOH HOH A . 
C 3 HOH 163 563 186 HOH HOH A . 
C 3 HOH 164 564 80  HOH HOH A . 
C 3 HOH 165 565 10  HOH HOH A . 
C 3 HOH 166 566 131 HOH HOH A . 
C 3 HOH 167 567 197 HOH HOH A . 
C 3 HOH 168 568 139 HOH HOH A . 
C 3 HOH 169 569 214 HOH HOH A . 
C 3 HOH 170 570 200 HOH HOH A . 
C 3 HOH 171 571 142 HOH HOH A . 
C 3 HOH 172 572 19  HOH HOH A . 
C 3 HOH 173 573 177 HOH HOH A . 
C 3 HOH 174 574 98  HOH HOH A . 
C 3 HOH 175 575 218 HOH HOH A . 
C 3 HOH 176 576 219 HOH HOH A . 
C 3 HOH 177 577 74  HOH HOH A . 
C 3 HOH 178 578 129 HOH HOH A . 
C 3 HOH 179 579 215 HOH HOH A . 
C 3 HOH 180 580 140 HOH HOH A . 
C 3 HOH 181 581 206 HOH HOH A . 
C 3 HOH 182 582 222 HOH HOH A . 
C 3 HOH 183 583 75  HOH HOH A . 
C 3 HOH 184 584 193 HOH HOH A . 
C 3 HOH 185 585 65  HOH HOH A . 
C 3 HOH 186 586 116 HOH HOH A . 
C 3 HOH 187 587 210 HOH HOH A . 
C 3 HOH 188 588 137 HOH HOH A . 
C 3 HOH 189 589 102 HOH HOH A . 
C 3 HOH 190 590 55  HOH HOH A . 
C 3 HOH 191 591 21  HOH HOH A . 
C 3 HOH 192 592 144 HOH HOH A . 
C 3 HOH 193 593 79  HOH HOH A . 
C 3 HOH 194 594 217 HOH HOH A . 
C 3 HOH 195 595 126 HOH HOH A . 
C 3 HOH 196 596 132 HOH HOH A . 
C 3 HOH 197 597 91  HOH HOH A . 
C 3 HOH 198 598 130 HOH HOH A . 
C 3 HOH 199 599 112 HOH HOH A . 
C 3 HOH 200 600 230 HOH HOH A . 
C 3 HOH 201 601 63  HOH HOH A . 
C 3 HOH 202 602 71  HOH HOH A . 
C 3 HOH 203 603 110 HOH HOH A . 
C 3 HOH 204 604 73  HOH HOH A . 
C 3 HOH 205 605 153 HOH HOH A . 
C 3 HOH 206 606 49  HOH HOH A . 
C 3 HOH 207 607 203 HOH HOH A . 
C 3 HOH 208 608 128 HOH HOH A . 
C 3 HOH 209 609 148 HOH HOH A . 
C 3 HOH 210 610 211 HOH HOH A . 
C 3 HOH 211 611 134 HOH HOH A . 
C 3 HOH 212 612 147 HOH HOH A . 
C 3 HOH 213 613 115 HOH HOH A . 
C 3 HOH 214 614 145 HOH HOH A . 
C 3 HOH 215 615 146 HOH HOH A . 
# 
loop_
_software.pdbx_ordinal 
_software.name 
_software.version 
_software.date 
_software.type 
_software.contact_author 
_software.contact_author_email 
_software.classification 
_software.location 
_software.language 
_software.citation_id 
1 REFMAC      5.8.0238 ?               program 'Garib N. Murshudov' garib@ysbl.york.ac.uk    refinement        
http://www.ccp4.ac.uk/dist/html/refmac5.html        Fortran_77 ? 
2 Aimless     0.7.3    15/08/18        program 'Phil Evans'         ?                        'data scaling'    
http://www.mrc-lmb.cam.ac.uk/harry/pre/aimless.html ?          ? 
3 PDB_EXTRACT 3.23     'SEP. 23, 2016' package PDB                  deposit@deposit.rcsb.org 'data extraction' 
http://sw-tools.pdb.org/apps/PDB_EXTRACT/           C++        ? 
4 XDS         .        ?               program ?                    ?                        'data reduction'  ? ?          ? 
5 REFMAC      .        ?               program ?                    ?                        phasing           ? ?          ? 
# 
_cell.entry_id           5QSI 
_cell.length_a           99.660 
_cell.length_b           99.660 
_cell.length_c           99.470 
_cell.angle_alpha        90.000 
_cell.angle_beta         90.000 
_cell.angle_gamma        120.000 
_cell.Z_PDB              18 
_cell.pdbx_unique_axis   ? 
# 
_symmetry.entry_id                         5QSI 
_symmetry.Int_Tables_number                155 
_symmetry.space_group_name_H-M             'H 3 2' 
_symmetry.pdbx_full_space_group_name_H-M   ? 
_symmetry.cell_setting                     ? 
# 
_exptl.crystals_number   1 
_exptl.entry_id          5QSI 
_exptl.method            'X-RAY DIFFRACTION' 
# 
_exptl_crystal.id                    1 
_exptl_crystal.pdbx_mosaicity        0.000 
_exptl_crystal.pdbx_mosaicity_esd    ? 
_exptl_crystal.density_Matthews      2.42 
_exptl_crystal.density_diffrn        ? 
_exptl_crystal.density_meas          ? 
_exptl_crystal.density_meas_temp     ? 
_exptl_crystal.density_percent_sol   49.14 
_exptl_crystal.size_max              ? 
_exptl_crystal.size_mid              ? 
_exptl_crystal.size_min              ? 
_exptl_crystal.size_rad              ? 
_exptl_crystal.description           ? 
# 
_exptl_crystal_grow.crystal_id      1 
_exptl_crystal_grow.method          'VAPOR DIFFUSION, SITTING DROP' 
_exptl_crystal_grow.pH              7 
_exptl_crystal_grow.temp            298 
_exptl_crystal_grow.pdbx_details    '0.1 M SPG pH 7.0, 30 % PEG 1000' 
_exptl_crystal_grow.temp_details    ? 
_exptl_crystal_grow.pdbx_pH_range   ? 
# 
_diffrn.id                               1 
_diffrn.ambient_temp                     100 
_diffrn.crystal_id                       1 
_diffrn.ambient_temp_details             ? 
_diffrn.pdbx_serial_crystal_experiment   ? 
# 
_diffrn_detector.detector               PIXEL 
_diffrn_detector.type                   'DECTRIS PILATUS 6M' 
_diffrn_detector.pdbx_collection_date   2018-12-09 
_diffrn_detector.diffrn_id              1 
_diffrn_detector.details                ? 
# 
_diffrn_radiation.diffrn_id                        1 
_diffrn_radiation.wavelength_id                    1 
_diffrn_radiation.pdbx_diffrn_protocol             'SINGLE WAVELENGTH' 
_diffrn_radiation.pdbx_monochromatic_or_laue_m_l   M 
_diffrn_radiation.monochromator                    ? 
_diffrn_radiation.pdbx_scattering_type             x-ray 
# 
_diffrn_radiation_wavelength.id           1 
_diffrn_radiation_wavelength.wavelength   0.91587 
_diffrn_radiation_wavelength.wt           1.0 
# 
_diffrn_source.diffrn_id                   1 
_diffrn_source.source                      SYNCHROTRON 
_diffrn_source.type                        'DIAMOND BEAMLINE I04-1' 
_diffrn_source.pdbx_wavelength_list        0.91587 
_diffrn_source.pdbx_synchrotron_site       Diamond 
_diffrn_source.pdbx_synchrotron_beamline   I04-1 
_diffrn_source.pdbx_wavelength             ? 
# 
_reflns.entry_id                     5QSI 
_reflns.pdbx_diffrn_id               1 
_reflns.pdbx_ordinal                 1 
_reflns.observed_criterion_sigma_I   ? 
_reflns.observed_criterion_sigma_F   ? 
_reflns.d_resolution_low             49.840 
_reflns.d_resolution_high            1.540 
_reflns.number_obs                   28206 
_reflns.number_all                   ? 
_reflns.percent_possible_obs         100.000 
_reflns.pdbx_Rmerge_I_obs            0.066 
_reflns.pdbx_Rsym_value              ? 
_reflns.pdbx_netI_over_sigmaI        13.900 
_reflns.B_iso_Wilson_estimate        ? 
_reflns.pdbx_redundancy              9.000 
_reflns.pdbx_Rrim_I_all              0.070 
_reflns.pdbx_Rpim_I_all              0.023 
_reflns.pdbx_CC_half                 0.999 
_reflns.pdbx_netI_over_av_sigmaI     ? 
_reflns.pdbx_number_measured_all     253291 
_reflns.pdbx_scaling_rejects         462 
_reflns.pdbx_chi_squared             ? 
_reflns.Rmerge_F_all                 ? 
_reflns.Rmerge_F_obs                 ? 
_reflns.observed_criterion_F_max     ? 
_reflns.observed_criterion_F_min     ? 
_reflns.observed_criterion_I_max     ? 
_reflns.observed_criterion_I_min     ? 
_reflns.pdbx_d_res_high_opt          ? 
_reflns.pdbx_d_res_low_opt           ? 
_reflns.details                      ? 
# 
loop_
_reflns_shell.pdbx_diffrn_id 
_reflns_shell.pdbx_ordinal 
_reflns_shell.d_res_high 
_reflns_shell.d_res_low 
_reflns_shell.number_measured_obs 
_reflns_shell.number_measured_all 
_reflns_shell.number_unique_obs 
_reflns_shell.pdbx_rejects 
_reflns_shell.Rmerge_I_obs 
_reflns_shell.meanI_over_sigI_obs 
_reflns_shell.pdbx_Rsym_value 
_reflns_shell.pdbx_chi_squared 
_reflns_shell.pdbx_redundancy 
_reflns_shell.percent_possible_obs 
_reflns_shell.pdbx_netI_over_sigmaI_obs 
_reflns_shell.number_possible 
_reflns_shell.number_unique_all 
_reflns_shell.Rmerge_F_all 
_reflns_shell.Rmerge_F_obs 
_reflns_shell.Rmerge_I_all 
_reflns_shell.meanI_over_sigI_all 
_reflns_shell.percent_possible_all 
_reflns_shell.pdbx_Rrim_I_all 
_reflns_shell.pdbx_Rpim_I_all 
_reflns_shell.pdbx_CC_half 
1 1 1.540 1.580  ? 13082 ? ? 1.685 ? ? ? 6.400 ? 1.000  ? 2057 ? ? ? ? 99.400 1.836 0.716 0.437 
1 2 6.890 49.840 ? 3192  ? ? 0.030 ? ? ? 8.900 ? 46.100 ? 359  ? ? ? ? 99.800 0.032 0.011 0.999 
# 
_refine.entry_id                                 5QSI 
_refine.pdbx_refine_id                           'X-RAY DIFFRACTION' 
_refine.ls_d_res_high                            1.6400 
_refine.ls_d_res_low                             49.8300 
_refine.pdbx_ls_sigma_F                          0.000 
_refine.pdbx_data_cutoff_high_absF               ? 
_refine.pdbx_data_cutoff_low_absF                ? 
_refine.ls_percent_reflns_obs                    99.8500 
_refine.ls_number_reflns_obs                     22215 
_refine.ls_number_reflns_all                     ? 
_refine.pdbx_ls_cross_valid_method               THROUGHOUT 
_refine.ls_matrix_type                           ? 
_refine.pdbx_R_Free_selection_details            RANDOM 
_refine.details                                  
'HYDROGENS HAVE BEEN ADDED IN THE RIDING POSITIONS U VALUES      : REFINED INDIVIDUALLY' 
_refine.ls_R_factor_all                          ? 
_refine.ls_R_factor_obs                          0.1913 
_refine.ls_R_factor_R_work                       0.1889 
_refine.ls_wR_factor_R_work                      ? 
_refine.ls_R_factor_R_free                       0.2395 
_refine.ls_wR_factor_R_free                      ? 
_refine.ls_percent_reflns_R_free                 5.0000 
_refine.ls_number_reflns_R_free                  1167 
_refine.ls_number_reflns_R_work                  ? 
_refine.ls_R_factor_R_free_error                 ? 
_refine.B_iso_mean                               29.6520 
_refine.solvent_model_param_bsol                 ? 
_refine.solvent_model_param_ksol                 ? 
_refine.pdbx_isotropic_thermal_model             ? 
_refine.aniso_B[1][1]                            -0.0100 
_refine.aniso_B[2][2]                            -0.0100 
_refine.aniso_B[3][3]                            0.0400 
_refine.aniso_B[1][2]                            -0.0100 
_refine.aniso_B[1][3]                            -0.0000 
_refine.aniso_B[2][3]                            -0.0000 
_refine.correlation_coeff_Fo_to_Fc               0.9670 
_refine.correlation_coeff_Fo_to_Fc_free          0.9480 
_refine.overall_SU_R_Cruickshank_DPI             ? 
_refine.pdbx_overall_SU_R_free_Cruickshank_DPI   ? 
_refine.pdbx_overall_SU_R_Blow_DPI               ? 
_refine.pdbx_overall_SU_R_free_Blow_DPI          ? 
_refine.overall_SU_R_free                        ? 
_refine.pdbx_overall_ESU_R                       0.1130 
_refine.pdbx_overall_ESU_R_Free                  0.1170 
_refine.overall_SU_ML                            0.0950 
_refine.overall_SU_B                             2.9210 
_refine.solvent_model_details                    MASK 
_refine.pdbx_solvent_vdw_probe_radii             1.2000 
_refine.pdbx_solvent_ion_probe_radii             0.8000 
_refine.pdbx_solvent_shrinkage_radii             0.8000 
_refine.ls_number_parameters                     ? 
_refine.ls_number_restraints                     ? 
_refine.pdbx_starting_model                      6f58 
_refine.pdbx_method_to_determine_struct          'FOURIER SYNTHESIS' 
_refine.pdbx_stereochemistry_target_values       'MAXIMUM LIKELIHOOD' 
_refine.pdbx_stereochem_target_val_spec_case     ? 
_refine.overall_FOM_work_R_set                   ? 
_refine.B_iso_max                                130.160 
_refine.B_iso_min                                17.850 
_refine.pdbx_overall_phase_error                 ? 
_refine.occupancy_max                            ? 
_refine.occupancy_min                            ? 
_refine.pdbx_diffrn_id                           1 
_refine.pdbx_TLS_residual_ADP_flag               ? 
_refine.pdbx_ls_sigma_I                          ? 
_refine.pdbx_data_cutoff_high_rms_absF           ? 
_refine.ls_R_factor_R_free_error_details         ? 
# 
_refine_hist.cycle_id                         final 
_refine_hist.pdbx_refine_id                   'X-RAY DIFFRACTION' 
_refine_hist.d_res_high                       1.6400 
_refine_hist.d_res_low                        49.8300 
_refine_hist.pdbx_number_atoms_ligand         15 
_refine_hist.number_atoms_solvent             215 
_refine_hist.number_atoms_total               1610 
_refine_hist.pdbx_number_residues_total       171 
_refine_hist.pdbx_B_iso_mean_ligand           58.54 
_refine_hist.pdbx_B_iso_mean_solvent          43.72 
_refine_hist.pdbx_number_atoms_protein        1380 
_refine_hist.pdbx_number_atoms_nucleic_acid   0 
# 
loop_
_refine_ls_restr.pdbx_refine_id 
_refine_ls_restr.type 
_refine_ls_restr.number 
_refine_ls_restr.dev_ideal 
_refine_ls_restr.dev_ideal_target 
_refine_ls_restr.weight 
_refine_ls_restr.pdbx_restraint_function 
'X-RAY DIFFRACTION' r_bond_refined_d       1880 0.010  0.014  ? ? 
'X-RAY DIFFRACTION' r_bond_other_d         1572 0.002  0.017  ? ? 
'X-RAY DIFFRACTION' r_angle_refined_deg    2325 1.570  1.672  ? ? 
'X-RAY DIFFRACTION' r_angle_other_deg      3665 1.347  1.593  ? ? 
'X-RAY DIFFRACTION' r_dihedral_angle_1_deg 209  6.857  5.000  ? ? 
'X-RAY DIFFRACTION' r_dihedral_angle_2_deg 86   30.632 21.744 ? ? 
'X-RAY DIFFRACTION' r_dihedral_angle_3_deg 297  14.822 15.000 ? ? 
'X-RAY DIFFRACTION' r_dihedral_angle_4_deg 11   18.299 15.000 ? ? 
'X-RAY DIFFRACTION' r_chiral_restr         212  0.080  0.200  ? ? 
'X-RAY DIFFRACTION' r_gen_planes_refined   2082 0.008  0.020  ? ? 
'X-RAY DIFFRACTION' r_gen_planes_other     379  0.002  0.020  ? ? 
'X-RAY DIFFRACTION' r_mcbond_it            893  2.109  2.747  ? ? 
'X-RAY DIFFRACTION' r_mcbond_other         885  2.120  2.736  ? ? 
'X-RAY DIFFRACTION' r_mcangle_it           1029 3.189  4.131  ? ? 
# 
_refine_ls_shell.d_res_high                       1.6400 
_refine_ls_shell.d_res_low                        1.6830 
_refine_ls_shell.pdbx_total_number_of_bins_used   20 
_refine_ls_shell.percent_reflns_obs               99.8200 
_refine_ls_shell.number_reflns_R_work             1602 
_refine_ls_shell.R_factor_all                     ? 
_refine_ls_shell.R_factor_R_work                  0.3080 
_refine_ls_shell.R_factor_R_free                  0.3210 
_refine_ls_shell.percent_reflns_R_free            ? 
_refine_ls_shell.number_reflns_R_free             93 
_refine_ls_shell.R_factor_R_free_error            ? 
_refine_ls_shell.number_reflns_all                1695 
_refine_ls_shell.number_reflns_obs                ? 
_refine_ls_shell.pdbx_refine_id                   'X-RAY DIFFRACTION' 
# 
_struct.entry_id                  5QSI 
_struct.title                     
'PanDDA analysis group deposition -- Crystal Structure of human Brachyury G177D variant in complex with Z933326822' 
_struct.pdbx_model_details        ? 
_struct.pdbx_CASP_flag            ? 
_struct.pdbx_model_type_details   ? 
# 
_struct_keywords.entry_id        5QSI 
_struct_keywords.text            'SGC - Diamond I04-1 fragment screening, PanDDA, XChemExplorer, TRANSCRIPTION' 
_struct_keywords.pdbx_keywords   TRANSCRIPTION 
# 
loop_
_struct_asym.id 
_struct_asym.pdbx_blank_PDB_chainid_flag 
_struct_asym.pdbx_modified 
_struct_asym.entity_id 
_struct_asym.details 
A N N 1 ? 
B N N 2 ? 
C N N 3 ? 
# 
_struct_ref.id                         1 
_struct_ref.db_name                    UNP 
_struct_ref.db_code                    TBXT_HUMAN 
_struct_ref.pdbx_db_accession          O15178 
_struct_ref.pdbx_db_isoform            ? 
_struct_ref.entity_id                  1 
_struct_ref.pdbx_seq_one_letter_code   
;ELRVGLEESELWLRFKELTNEMIVTKNGRRMFPVLKVNVSGLDPNAMYSFLLDFVAADNHRWKYVNGEWVPGGKPEPQAP
SCVYIHPDSPNFGAHWMKAPVSFSKVKLTNKLNGGGQIMLNSLHKYEPRIHIVRVGGPQRMITSHCFPETQFIAVTAYQN
EEITALKIKYN
;
_struct_ref.pdbx_align_begin           41 
# 
_struct_ref_seq.align_id                      1 
_struct_ref_seq.ref_id                        1 
_struct_ref_seq.pdbx_PDB_id_code              5QSI 
_struct_ref_seq.pdbx_strand_id                A 
_struct_ref_seq.seq_align_beg                 2 
_struct_ref_seq.pdbx_seq_align_beg_ins_code   ? 
_struct_ref_seq.seq_align_end                 172 
_struct_ref_seq.pdbx_seq_align_end_ins_code   ? 
_struct_ref_seq.pdbx_db_accession             O15178 
_struct_ref_seq.db_align_beg                  41 
_struct_ref_seq.pdbx_db_align_beg_ins_code    ? 
_struct_ref_seq.db_align_end                  211 
_struct_ref_seq.pdbx_db_align_end_ins_code    ? 
_struct_ref_seq.pdbx_auth_seq_align_beg       41 
_struct_ref_seq.pdbx_auth_seq_align_end       211 
# 
loop_
_struct_ref_seq_dif.align_id 
_struct_ref_seq_dif.pdbx_pdb_id_code 
_struct_ref_seq_dif.mon_id 
_struct_ref_seq_dif.pdbx_pdb_strand_id 
_struct_ref_seq_dif.seq_num 
_struct_ref_seq_dif.pdbx_pdb_ins_code 
_struct_ref_seq_dif.pdbx_seq_db_name 
_struct_ref_seq_dif.pdbx_seq_db_accession_code 
_struct_ref_seq_dif.db_mon_id 
_struct_ref_seq_dif.pdbx_seq_db_seq_num 
_struct_ref_seq_dif.details 
_struct_ref_seq_dif.pdbx_auth_seq_num 
_struct_ref_seq_dif.pdbx_ordinal 
1 5QSI GLY A 1   ? UNP O15178 ?   ?   'expression tag'      40  1 
1 5QSI ASP A 138 ? UNP O15178 GLY 177 'engineered mutation' 177 2 
# 
_pdbx_struct_assembly.id                   1 
_pdbx_struct_assembly.details              author_and_software_defined_assembly 
_pdbx_struct_assembly.method_details       PISA 
_pdbx_struct_assembly.oligomeric_details   monomeric 
_pdbx_struct_assembly.oligomeric_count     1 
# 
_pdbx_struct_assembly_gen.assembly_id       1 
_pdbx_struct_assembly_gen.oper_expression   1 
_pdbx_struct_assembly_gen.asym_id_list      A,B,C 
# 
_pdbx_struct_oper_list.id                   1 
_pdbx_struct_oper_list.type                 'identity operation' 
_pdbx_struct_oper_list.name                 1_555 
_pdbx_struct_oper_list.symmetry_operation   x,y,z 
_pdbx_struct_oper_list.matrix[1][1]         1.0000000000 
_pdbx_struct_oper_list.matrix[1][2]         0.0000000000 
_pdbx_struct_oper_list.matrix[1][3]         0.0000000000 
_pdbx_struct_oper_list.vector[1]            0.0000000000 
_pdbx_struct_oper_list.matrix[2][1]         0.0000000000 
_pdbx_struct_oper_list.matrix[2][2]         1.0000000000 
_pdbx_struct_oper_list.matrix[2][3]         0.0000000000 
_pdbx_struct_oper_list.vector[2]            0.0000000000 
_pdbx_struct_oper_list.matrix[3][1]         0.0000000000 
_pdbx_struct_oper_list.matrix[3][2]         0.0000000000 
_pdbx_struct_oper_list.matrix[3][3]         1.0000000000 
_pdbx_struct_oper_list.vector[3]            0.0000000000 
# 
loop_
_struct_conf.conf_type_id 
_struct_conf.id 
_struct_conf.pdbx_PDB_helix_id 
_struct_conf.beg_label_comp_id 
_struct_conf.beg_label_asym_id 
_struct_conf.beg_label_seq_id 
_struct_conf.pdbx_beg_PDB_ins_code 
_struct_conf.end_label_comp_id 
_struct_conf.end_label_asym_id 
_struct_conf.end_label_seq_id 
_struct_conf.pdbx_end_PDB_ins_code 
_struct_conf.beg_auth_comp_id 
_struct_conf.beg_auth_asym_id 
_struct_conf.beg_auth_seq_id 
_struct_conf.end_auth_comp_id 
_struct_conf.end_auth_asym_id 
_struct_conf.end_auth_seq_id 
_struct_conf.pdbx_PDB_helix_class 
_struct_conf.details 
_struct_conf.pdbx_PDB_helix_length 
HELX_P HELX_P1 AA1 GLU A 9   ? THR A 20  ? GLU A 48  THR A 59  1 ? 12 
HELX_P HELX_P2 AA2 GLY A 94  ? ALA A 100 ? GLY A 133 ALA A 139 1 ? 7  
HELX_P HELX_P3 AA3 PRO A 149 ? GLN A 152 ? PRO A 188 GLN A 191 5 ? 4  
HELX_P HELX_P4 AA4 ASN A 161 ? ASN A 172 ? ASN A 200 ASN A 211 1 ? 12 
# 
_struct_conf_type.id          HELX_P 
_struct_conf_type.criteria    ? 
_struct_conf_type.reference   ? 
# 
loop_
_struct_mon_prot_cis.pdbx_id 
_struct_mon_prot_cis.label_comp_id 
_struct_mon_prot_cis.label_seq_id 
_struct_mon_prot_cis.label_asym_id 
_struct_mon_prot_cis.label_alt_id 
_struct_mon_prot_cis.pdbx_PDB_ins_code 
_struct_mon_prot_cis.auth_comp_id 
_struct_mon_prot_cis.auth_seq_id 
_struct_mon_prot_cis.auth_asym_id 
_struct_mon_prot_cis.pdbx_label_comp_id_2 
_struct_mon_prot_cis.pdbx_label_seq_id_2 
_struct_mon_prot_cis.pdbx_label_asym_id_2 
_struct_mon_prot_cis.pdbx_PDB_ins_code_2 
_struct_mon_prot_cis.pdbx_auth_comp_id_2 
_struct_mon_prot_cis.pdbx_auth_seq_id_2 
_struct_mon_prot_cis.pdbx_auth_asym_id_2 
_struct_mon_prot_cis.pdbx_PDB_model_num 
_struct_mon_prot_cis.pdbx_omega_angle 
1 PHE 33 A . ? PHE 72  A PRO 34 A ? PRO 73  A 1 -5.04  
2 SER 90 A . ? SER 129 A PRO 91 A ? PRO 130 A 1 -14.51 
# 
loop_
_struct_sheet.id 
_struct_sheet.type 
_struct_sheet.number_strands 
_struct_sheet.details 
AA1 ? 3 ? 
AA2 ? 5 ? 
AA3 ? 4 ? 
AA4 ? 3 ? 
AA5 ? 2 ? 
# 
loop_
_struct_sheet_order.sheet_id 
_struct_sheet_order.range_id_1 
_struct_sheet_order.range_id_2 
_struct_sheet_order.offset 
_struct_sheet_order.sense 
AA1 1 2 ? anti-parallel 
AA1 2 3 ? anti-parallel 
AA2 1 2 ? parallel      
AA2 2 3 ? anti-parallel 
AA2 3 4 ? anti-parallel 
AA2 4 5 ? anti-parallel 
AA3 1 2 ? anti-parallel 
AA3 2 3 ? anti-parallel 
AA3 3 4 ? anti-parallel 
AA4 1 2 ? anti-parallel 
AA4 2 3 ? parallel      
AA5 1 2 ? anti-parallel 
# 
loop_
_struct_sheet_range.sheet_id 
_struct_sheet_range.id 
_struct_sheet_range.beg_label_comp_id 
_struct_sheet_range.beg_label_asym_id 
_struct_sheet_range.beg_label_seq_id 
_struct_sheet_range.pdbx_beg_PDB_ins_code 
_struct_sheet_range.end_label_comp_id 
_struct_sheet_range.end_label_asym_id 
_struct_sheet_range.end_label_seq_id 
_struct_sheet_range.pdbx_end_PDB_ins_code 
_struct_sheet_range.beg_auth_comp_id 
_struct_sheet_range.beg_auth_asym_id 
_struct_sheet_range.beg_auth_seq_id 
_struct_sheet_range.end_auth_comp_id 
_struct_sheet_range.end_auth_asym_id 
_struct_sheet_range.end_auth_seq_id 
AA1 1 ARG A 4   ? LEU A 7   ? ARG A 43  LEU A 46  
AA1 2 LYS A 37  ? SER A 41  ? LYS A 76  SER A 80  
AA1 3 VAL A 102 ? SER A 103 ? VAL A 141 SER A 142 
AA2 1 GLU A 22  ? ILE A 24  ? GLU A 61  ILE A 63  
AA2 2 PHE A 153 ? VAL A 156 ? PHE A 192 VAL A 195 
AA2 3 LYS A 126 ? ARG A 135 ? LYS A 165 ARG A 174 
AA2 4 MET A 48  ? ALA A 57  ? MET A 87  ALA A 96  
AA2 5 ASN A 92  ? PHE A 93  ? ASN A 131 PHE A 132 
AA3 1 TYR A 85  ? ILE A 86  ? TYR A 124 ILE A 125 
AA3 2 MET A 48  ? ALA A 57  ? MET A 87  ALA A 96  
AA3 3 LYS A 126 ? ARG A 135 ? LYS A 165 ARG A 174 
AA3 4 ILE A 143 ? CYS A 147 ? ILE A 182 CYS A 186 
AA4 1 ARG A 30  ? ARG A 31  ? ARG A 69  ARG A 70  
AA4 2 LYS A 108 ? THR A 110 ? LYS A 147 THR A 149 
AA4 3 ILE A 119 ? MET A 120 ? ILE A 158 MET A 159 
AA5 1 ARG A 62  ? VAL A 66  ? ARG A 101 VAL A 105 
AA5 2 GLU A 69  ? GLY A 74  ? GLU A 108 GLY A 113 
# 
loop_
_pdbx_struct_sheet_hbond.sheet_id 
_pdbx_struct_sheet_hbond.range_id_1 
_pdbx_struct_sheet_hbond.range_id_2 
_pdbx_struct_sheet_hbond.range_1_label_atom_id 
_pdbx_struct_sheet_hbond.range_1_label_comp_id 
_pdbx_struct_sheet_hbond.range_1_label_asym_id 
_pdbx_struct_sheet_hbond.range_1_label_seq_id 
_pdbx_struct_sheet_hbond.range_1_PDB_ins_code 
_pdbx_struct_sheet_hbond.range_1_auth_atom_id 
_pdbx_struct_sheet_hbond.range_1_auth_comp_id 
_pdbx_struct_sheet_hbond.range_1_auth_asym_id 
_pdbx_struct_sheet_hbond.range_1_auth_seq_id 
_pdbx_struct_sheet_hbond.range_2_label_atom_id 
_pdbx_struct_sheet_hbond.range_2_label_comp_id 
_pdbx_struct_sheet_hbond.range_2_label_asym_id 
_pdbx_struct_sheet_hbond.range_2_label_seq_id 
_pdbx_struct_sheet_hbond.range_2_PDB_ins_code 
_pdbx_struct_sheet_hbond.range_2_auth_atom_id 
_pdbx_struct_sheet_hbond.range_2_auth_comp_id 
_pdbx_struct_sheet_hbond.range_2_auth_asym_id 
_pdbx_struct_sheet_hbond.range_2_auth_seq_id 
AA1 1 2 N ARG A 4   ? N ARG A 43  O SER A 41  ? O SER A 80  
AA1 2 3 N VAL A 38  ? N VAL A 77  O VAL A 102 ? O VAL A 141 
AA2 1 2 N MET A 23  ? N MET A 62  O VAL A 156 ? O VAL A 195 
AA2 2 3 O PHE A 153 ? O PHE A 192 N TYR A 127 ? N TYR A 166 
AA2 3 4 O ARG A 130 ? O ARG A 169 N ASP A 54  ? N ASP A 93  
AA2 4 5 N TYR A 49  ? N TYR A 88  O ASN A 92  ? O ASN A 131 
AA3 1 2 O TYR A 85  ? O TYR A 124 N LEU A 53  ? N LEU A 92  
AA3 2 3 N ASP A 54  ? N ASP A 93  O ARG A 130 ? O ARG A 169 
AA3 3 4 N ILE A 131 ? N ILE A 170 O HIS A 146 ? O HIS A 185 
AA4 1 2 N ARG A 30  ? N ARG A 69  O LEU A 109 ? O LEU A 148 
AA4 2 3 N THR A 110 ? N THR A 149 O ILE A 119 ? O ILE A 158 
AA5 1 2 N LYS A 64  ? N LYS A 103 O VAL A 71  ? O VAL A 110 
# 
_struct_site.id                   AC1 
_struct_site.pdbx_evidence_code   Software 
_struct_site.pdbx_auth_asym_id    A 
_struct_site.pdbx_auth_comp_id    O1D 
_struct_site.pdbx_auth_seq_id     301 
_struct_site.pdbx_auth_ins_code   ? 
_struct_site.pdbx_num_residues    5 
_struct_site.details              'binding site for residue O1D A 301' 
# 
loop_
_struct_site_gen.id 
_struct_site_gen.site_id 
_struct_site_gen.pdbx_num_res 
_struct_site_gen.label_comp_id 
_struct_site_gen.label_asym_id 
_struct_site_gen.label_seq_id 
_struct_site_gen.pdbx_auth_ins_code 
_struct_site_gen.auth_comp_id 
_struct_site_gen.auth_asym_id 
_struct_site_gen.auth_seq_id 
_struct_site_gen.label_atom_id 
_struct_site_gen.label_alt_id 
_struct_site_gen.symmetry 
_struct_site_gen.details 
1 AC1 5 GLU A 2   ? GLU A 41  . ? 1_555 ? 
2 AC1 5 LEU A 43  ? LEU A 82  . ? 6_555 ? 
3 AC1 5 TYR A 49  ? TYR A 88  . ? 6_555 ? 
4 AC1 5 ARG A 135 ? ARG A 174 . ? 6_555 ? 
5 AC1 5 THR A 144 ? THR A 183 . ? 6_555 ? 
# 
loop_
_pdbx_validate_torsion.id 
_pdbx_validate_torsion.PDB_model_num 
_pdbx_validate_torsion.auth_comp_id 
_pdbx_validate_torsion.auth_asym_id 
_pdbx_validate_torsion.auth_seq_id 
_pdbx_validate_torsion.PDB_ins_code 
_pdbx_validate_torsion.label_alt_id 
_pdbx_validate_torsion.phi 
_pdbx_validate_torsion.psi 
1 1 THR A 59  ? ? 82.03   111.32 
2 1 ASN A 99  ? ? -91.58  34.04  
3 1 PHE A 143 ? ? -100.67 49.57  
4 1 PHE A 143 ? ? -100.35 49.57  
5 1 LEU A 152 ? ? -61.92  86.10  
# 
loop_
_pdbx_struct_special_symmetry.id 
_pdbx_struct_special_symmetry.PDB_model_num 
_pdbx_struct_special_symmetry.auth_asym_id 
_pdbx_struct_special_symmetry.auth_comp_id 
_pdbx_struct_special_symmetry.auth_seq_id 
_pdbx_struct_special_symmetry.PDB_ins_code 
_pdbx_struct_special_symmetry.label_asym_id 
_pdbx_struct_special_symmetry.label_comp_id 
_pdbx_struct_special_symmetry.label_seq_id 
1 1 A O1D 301 ? B O1D . 
2 1 A O1D 301 ? B O1D . 
3 1 A HOH 505 ? C HOH . 
# 
_phasing.method   MR 
# 
_pdbx_entry_details.entry_id                 5QSI 
_pdbx_entry_details.has_ligand_of_interest   Y 
_pdbx_entry_details.compound_details         ? 
_pdbx_entry_details.source_details           ? 
_pdbx_entry_details.nonpolymer_details       ? 
_pdbx_entry_details.sequence_details         ? 
# 
loop_
_pdbx_distant_solvent_atoms.id 
_pdbx_distant_solvent_atoms.PDB_model_num 
_pdbx_distant_solvent_atoms.auth_atom_id 
_pdbx_distant_solvent_atoms.label_alt_id 
_pdbx_distant_solvent_atoms.auth_asym_id 
_pdbx_distant_solvent_atoms.auth_comp_id 
_pdbx_distant_solvent_atoms.auth_seq_id 
_pdbx_distant_solvent_atoms.PDB_ins_code 
_pdbx_distant_solvent_atoms.neighbor_macromolecule_distance 
_pdbx_distant_solvent_atoms.neighbor_ligand_distance 
1 1 O ? A HOH 613 ? 6.55 . 
2 1 O ? A HOH 614 ? 6.65 . 
3 1 O ? A HOH 615 ? 7.99 . 
# 
_pdbx_unobs_or_zero_occ_residues.id               1 
_pdbx_unobs_or_zero_occ_residues.PDB_model_num    1 
_pdbx_unobs_or_zero_occ_residues.polymer_flag     Y 
_pdbx_unobs_or_zero_occ_residues.occupancy_flag   1 
_pdbx_unobs_or_zero_occ_residues.auth_asym_id     A 
_pdbx_unobs_or_zero_occ_residues.auth_comp_id     GLY 
_pdbx_unobs_or_zero_occ_residues.auth_seq_id      40 
_pdbx_unobs_or_zero_occ_residues.PDB_ins_code     ? 
_pdbx_unobs_or_zero_occ_residues.label_asym_id    A 
_pdbx_unobs_or_zero_occ_residues.label_comp_id    GLY 
_pdbx_unobs_or_zero_occ_residues.label_seq_id     1 
# 
loop_
_chem_comp_atom.comp_id 
_chem_comp_atom.atom_id 
_chem_comp_atom.type_symbol 
_chem_comp_atom.pdbx_aromatic_flag 
_chem_comp_atom.pdbx_stereo_config 
_chem_comp_atom.pdbx_ordinal 
ALA N    N N N 1   
ALA CA   C N S 2   
ALA C    C N N 3   
ALA O    O N N 4   
ALA CB   C N N 5   
ALA OXT  O N N 6   
ALA H    H N N 7   
ALA H2   H N N 8   
ALA HA   H N N 9   
ALA HB1  H N N 10  
ALA HB2  H N N 11  
ALA HB3  H N N 12  
ALA HXT  H N N 13  
ARG N    N N N 14  
ARG CA   C N S 15  
ARG C    C N N 16  
ARG O    O N N 17  
ARG CB   C N N 18  
ARG CG   C N N 19  
ARG CD   C N N 20  
ARG NE   N N N 21  
ARG CZ   C N N 22  
ARG NH1  N N N 23  
ARG NH2  N N N 24  
ARG OXT  O N N 25  
ARG H    H N N 26  
ARG H2   H N N 27  
ARG HA   H N N 28  
ARG HB2  H N N 29  
ARG HB3  H N N 30  
ARG HG2  H N N 31  
ARG HG3  H N N 32  
ARG HD2  H N N 33  
ARG HD3  H N N 34  
ARG HE   H N N 35  
ARG HH11 H N N 36  
ARG HH12 H N N 37  
ARG HH21 H N N 38  
ARG HH22 H N N 39  
ARG HXT  H N N 40  
ASN N    N N N 41  
ASN CA   C N S 42  
ASN C    C N N 43  
ASN O    O N N 44  
ASN CB   C N N 45  
ASN CG   C N N 46  
ASN OD1  O N N 47  
ASN ND2  N N N 48  
ASN OXT  O N N 49  
ASN H    H N N 50  
ASN H2   H N N 51  
ASN HA   H N N 52  
ASN HB2  H N N 53  
ASN HB3  H N N 54  
ASN HD21 H N N 55  
ASN HD22 H N N 56  
ASN HXT  H N N 57  
ASP N    N N N 58  
ASP CA   C N S 59  
ASP C    C N N 60  
ASP O    O N N 61  
ASP CB   C N N 62  
ASP CG   C N N 63  
ASP OD1  O N N 64  
ASP OD2  O N N 65  
ASP OXT  O N N 66  
ASP H    H N N 67  
ASP H2   H N N 68  
ASP HA   H N N 69  
ASP HB2  H N N 70  
ASP HB3  H N N 71  
ASP HD2  H N N 72  
ASP HXT  H N N 73  
CYS N    N N N 74  
CYS CA   C N R 75  
CYS C    C N N 76  
CYS O    O N N 77  
CYS CB   C N N 78  
CYS SG   S N N 79  
CYS OXT  O N N 80  
CYS H    H N N 81  
CYS H2   H N N 82  
CYS HA   H N N 83  
CYS HB2  H N N 84  
CYS HB3  H N N 85  
CYS HG   H N N 86  
CYS HXT  H N N 87  
GLN N    N N N 88  
GLN CA   C N S 89  
GLN C    C N N 90  
GLN O    O N N 91  
GLN CB   C N N 92  
GLN CG   C N N 93  
GLN CD   C N N 94  
GLN OE1  O N N 95  
GLN NE2  N N N 96  
GLN OXT  O N N 97  
GLN H    H N N 98  
GLN H2   H N N 99  
GLN HA   H N N 100 
GLN HB2  H N N 101 
GLN HB3  H N N 102 
GLN HG2  H N N 103 
GLN HG3  H N N 104 
GLN HE21 H N N 105 
GLN HE22 H N N 106 
GLN HXT  H N N 107 
GLU N    N N N 108 
GLU CA   C N S 109 
GLU C    C N N 110 
GLU O    O N N 111 
GLU CB   C N N 112 
GLU CG   C N N 113 
GLU CD   C N N 114 
GLU OE1  O N N 115 
GLU OE2  O N N 116 
GLU OXT  O N N 117 
GLU H    H N N 118 
GLU H2   H N N 119 
GLU HA   H N N 120 
GLU HB2  H N N 121 
GLU HB3  H N N 122 
GLU HG2  H N N 123 
GLU HG3  H N N 124 
GLU HE2  H N N 125 
GLU HXT  H N N 126 
GLY N    N N N 127 
GLY CA   C N N 128 
GLY C    C N N 129 
GLY O    O N N 130 
GLY OXT  O N N 131 
GLY H    H N N 132 
GLY H2   H N N 133 
GLY HA2  H N N 134 
GLY HA3  H N N 135 
GLY HXT  H N N 136 
HIS N    N N N 137 
HIS CA   C N S 138 
HIS C    C N N 139 
HIS O    O N N 140 
HIS CB   C N N 141 
HIS CG   C Y N 142 
HIS ND1  N Y N 143 
HIS CD2  C Y N 144 
HIS CE1  C Y N 145 
HIS NE2  N Y N 146 
HIS OXT  O N N 147 
HIS H    H N N 148 
HIS H2   H N N 149 
HIS HA   H N N 150 
HIS HB2  H N N 151 
HIS HB3  H N N 152 
HIS HD1  H N N 153 
HIS HD2  H N N 154 
HIS HE1  H N N 155 
HIS HE2  H N N 156 
HIS HXT  H N N 157 
HOH O    O N N 158 
HOH H1   H N N 159 
HOH H2   H N N 160 
ILE N    N N N 161 
ILE CA   C N S 162 
ILE C    C N N 163 
ILE O    O N N 164 
ILE CB   C N S 165 
ILE CG1  C N N 166 
ILE CG2  C N N 167 
ILE CD1  C N N 168 
ILE OXT  O N N 169 
ILE H    H N N 170 
ILE H2   H N N 171 
ILE HA   H N N 172 
ILE HB   H N N 173 
ILE HG12 H N N 174 
ILE HG13 H N N 175 
ILE HG21 H N N 176 
ILE HG22 H N N 177 
ILE HG23 H N N 178 
ILE HD11 H N N 179 
ILE HD12 H N N 180 
ILE HD13 H N N 181 
ILE HXT  H N N 182 
LEU N    N N N 183 
LEU CA   C N S 184 
LEU C    C N N 185 
LEU O    O N N 186 
LEU CB   C N N 187 
LEU CG   C N N 188 
LEU CD1  C N N 189 
LEU CD2  C N N 190 
LEU OXT  O N N 191 
LEU H    H N N 192 
LEU H2   H N N 193 
LEU HA   H N N 194 
LEU HB2  H N N 195 
LEU HB3  H N N 196 
LEU HG   H N N 197 
LEU HD11 H N N 198 
LEU HD12 H N N 199 
LEU HD13 H N N 200 
LEU HD21 H N N 201 
LEU HD22 H N N 202 
LEU HD23 H N N 203 
LEU HXT  H N N 204 
LYS N    N N N 205 
LYS CA   C N S 206 
LYS C    C N N 207 
LYS O    O N N 208 
LYS CB   C N N 209 
LYS CG   C N N 210 
LYS CD   C N N 211 
LYS CE   C N N 212 
LYS NZ   N N N 213 
LYS OXT  O N N 214 
LYS H    H N N 215 
LYS H2   H N N 216 
LYS HA   H N N 217 
LYS HB2  H N N 218 
LYS HB3  H N N 219 
LYS HG2  H N N 220 
LYS HG3  H N N 221 
LYS HD2  H N N 222 
LYS HD3  H N N 223 
LYS HE2  H N N 224 
LYS HE3  H N N 225 
LYS HZ1  H N N 226 
LYS HZ2  H N N 227 
LYS HZ3  H N N 228 
LYS HXT  H N N 229 
MET N    N N N 230 
MET CA   C N S 231 
MET C    C N N 232 
MET O    O N N 233 
MET CB   C N N 234 
MET CG   C N N 235 
MET SD   S N N 236 
MET CE   C N N 237 
MET OXT  O N N 238 
MET H    H N N 239 
MET H2   H N N 240 
MET HA   H N N 241 
MET HB2  H N N 242 
MET HB3  H N N 243 
MET HG2  H N N 244 
MET HG3  H N N 245 
MET HE1  H N N 246 
MET HE2  H N N 247 
MET HE3  H N N 248 
MET HXT  H N N 249 
O1D C4   C Y N 250 
O1D C5   C N N 251 
O1D C6   C Y N 252 
O1D C7   C Y N 253 
O1D C8   C Y N 254 
O1D C10  C Y N 255 
O1D N    N N N 256 
O1D C    C Y N 257 
O1D O    O N N 258 
O1D C1   C Y N 259 
O1D C11  C Y N 260 
O1D C12  C Y N 261 
O1D C2   C Y N 262 
O1D C3   C Y N 263 
O1D C9   C Y N 264 
O1D H1   H N N 265 
O1D H2   H N N 266 
O1D H3   H N N 267 
O1D H4   H N N 268 
O1D H5   H N N 269 
O1D H6   H N N 270 
O1D H7   H N N 271 
O1D H8   H N N 272 
O1D H9   H N N 273 
O1D H10  H N N 274 
O1D H11  H N N 275 
O1D H12  H N N 276 
O1D H13  H N N 277 
PHE N    N N N 278 
PHE CA   C N S 279 
PHE C    C N N 280 
PHE O    O N N 281 
PHE CB   C N N 282 
PHE CG   C Y N 283 
PHE CD1  C Y N 284 
PHE CD2  C Y N 285 
PHE CE1  C Y N 286 
PHE CE2  C Y N 287 
PHE CZ   C Y N 288 
PHE OXT  O N N 289 
PHE H    H N N 290 
PHE H2   H N N 291 
PHE HA   H N N 292 
PHE HB2  H N N 293 
PHE HB3  H N N 294 
PHE HD1  H N N 295 
PHE HD2  H N N 296 
PHE HE1  H N N 297 
PHE HE2  H N N 298 
PHE HZ   H N N 299 
PHE HXT  H N N 300 
PRO N    N N N 301 
PRO CA   C N S 302 
PRO C    C N N 303 
PRO O    O N N 304 
PRO CB   C N N 305 
PRO CG   C N N 306 
PRO CD   C N N 307 
PRO OXT  O N N 308 
PRO H    H N N 309 
PRO HA   H N N 310 
PRO HB2  H N N 311 
PRO HB3  H N N 312 
PRO HG2  H N N 313 
PRO HG3  H N N 314 
PRO HD2  H N N 315 
PRO HD3  H N N 316 
PRO HXT  H N N 317 
SER N    N N N 318 
SER CA   C N S 319 
SER C    C N N 320 
SER O    O N N 321 
SER CB   C N N 322 
SER OG   O N N 323 
SER OXT  O N N 324 
SER H    H N N 325 
SER H2   H N N 326 
SER HA   H N N 327 
SER HB2  H N N 328 
SER HB3  H N N 329 
SER HG   H N N 330 
SER HXT  H N N 331 
THR N    N N N 332 
THR CA   C N S 333 
THR C    C N N 334 
THR O    O N N 335 
THR CB   C N R 336 
THR OG1  O N N 337 
THR CG2  C N N 338 
THR OXT  O N N 339 
THR H    H N N 340 
THR H2   H N N 341 
THR HA   H N N 342 
THR HB   H N N 343 
THR HG1  H N N 344 
THR HG21 H N N 345 
THR HG22 H N N 346 
THR HG23 H N N 347 
THR HXT  H N N 348 
TRP N    N N N 349 
TRP CA   C N S 350 
TRP C    C N N 351 
TRP O    O N N 352 
TRP CB   C N N 353 
TRP CG   C Y N 354 
TRP CD1  C Y N 355 
TRP CD2  C Y N 356 
TRP NE1  N Y N 357 
TRP CE2  C Y N 358 
TRP CE3  C Y N 359 
TRP CZ2  C Y N 360 
TRP CZ3  C Y N 361 
TRP CH2  C Y N 362 
TRP OXT  O N N 363 
TRP H    H N N 364 
TRP H2   H N N 365 
TRP HA   H N N 366 
TRP HB2  H N N 367 
TRP HB3  H N N 368 
TRP HD1  H N N 369 
TRP HE1  H N N 370 
TRP HE3  H N N 371 
TRP HZ2  H N N 372 
TRP HZ3  H N N 373 
TRP HH2  H N N 374 
TRP HXT  H N N 375 
TYR N    N N N 376 
TYR CA   C N S 377 
TYR C    C N N 378 
TYR O    O N N 379 
TYR CB   C N N 380 
TYR CG   C Y N 381 
TYR CD1  C Y N 382 
TYR CD2  C Y N 383 
TYR CE1  C Y N 384 
TYR CE2  C Y N 385 
TYR CZ   C Y N 386 
TYR OH   O N N 387 
TYR OXT  O N N 388 
TYR H    H N N 389 
TYR H2   H N N 390 
TYR HA   H N N 391 
TYR HB2  H N N 392 
TYR HB3  H N N 393 
TYR HD1  H N N 394 
TYR HD2  H N N 395 
TYR HE1  H N N 396 
TYR HE2  H N N 397 
TYR HH   H N N 398 
TYR HXT  H N N 399 
VAL N    N N N 400 
VAL CA   C N S 401 
VAL C    C N N 402 
VAL O    O N N 403 
VAL CB   C N N 404 
VAL CG1  C N N 405 
VAL CG2  C N N 406 
VAL OXT  O N N 407 
VAL H    H N N 408 
VAL H2   H N N 409 
VAL HA   H N N 410 
VAL HB   H N N 411 
VAL HG11 H N N 412 
VAL HG12 H N N 413 
VAL HG13 H N N 414 
VAL HG21 H N N 415 
VAL HG22 H N N 416 
VAL HG23 H N N 417 
VAL HXT  H N N 418 
# 
loop_
_chem_comp_bond.comp_id 
_chem_comp_bond.atom_id_1 
_chem_comp_bond.atom_id_2 
_chem_comp_bond.value_order 
_chem_comp_bond.pdbx_aromatic_flag 
_chem_comp_bond.pdbx_stereo_config 
_chem_comp_bond.pdbx_ordinal 
ALA N   CA   sing N N 1   
ALA N   H    sing N N 2   
ALA N   H2   sing N N 3   
ALA CA  C    sing N N 4   
ALA CA  CB   sing N N 5   
ALA CA  HA   sing N N 6   
ALA C   O    doub N N 7   
ALA C   OXT  sing N N 8   
ALA CB  HB1  sing N N 9   
ALA CB  HB2  sing N N 10  
ALA CB  HB3  sing N N 11  
ALA OXT HXT  sing N N 12  
ARG N   CA   sing N N 13  
ARG N   H    sing N N 14  
ARG N   H2   sing N N 15  
ARG CA  C    sing N N 16  
ARG CA  CB   sing N N 17  
ARG CA  HA   sing N N 18  
ARG C   O    doub N N 19  
ARG C   OXT  sing N N 20  
ARG CB  CG   sing N N 21  
ARG CB  HB2  sing N N 22  
ARG CB  HB3  sing N N 23  
ARG CG  CD   sing N N 24  
ARG CG  HG2  sing N N 25  
ARG CG  HG3  sing N N 26  
ARG CD  NE   sing N N 27  
ARG CD  HD2  sing N N 28  
ARG CD  HD3  sing N N 29  
ARG NE  CZ   sing N N 30  
ARG NE  HE   sing N N 31  
ARG CZ  NH1  sing N N 32  
ARG CZ  NH2  doub N N 33  
ARG NH1 HH11 sing N N 34  
ARG NH1 HH12 sing N N 35  
ARG NH2 HH21 sing N N 36  
ARG NH2 HH22 sing N N 37  
ARG OXT HXT  sing N N 38  
ASN N   CA   sing N N 39  
ASN N   H    sing N N 40  
ASN N   H2   sing N N 41  
ASN CA  C    sing N N 42  
ASN CA  CB   sing N N 43  
ASN CA  HA   sing N N 44  
ASN C   O    doub N N 45  
ASN C   OXT  sing N N 46  
ASN CB  CG   sing N N 47  
ASN CB  HB2  sing N N 48  
ASN CB  HB3  sing N N 49  
ASN CG  OD1  doub N N 50  
ASN CG  ND2  sing N N 51  
ASN ND2 HD21 sing N N 52  
ASN ND2 HD22 sing N N 53  
ASN OXT HXT  sing N N 54  
ASP N   CA   sing N N 55  
ASP N   H    sing N N 56  
ASP N   H2   sing N N 57  
ASP CA  C    sing N N 58  
ASP CA  CB   sing N N 59  
ASP CA  HA   sing N N 60  
ASP C   O    doub N N 61  
ASP C   OXT  sing N N 62  
ASP CB  CG   sing N N 63  
ASP CB  HB2  sing N N 64  
ASP CB  HB3  sing N N 65  
ASP CG  OD1  doub N N 66  
ASP CG  OD2  sing N N 67  
ASP OD2 HD2  sing N N 68  
ASP OXT HXT  sing N N 69  
CYS N   CA   sing N N 70  
CYS N   H    sing N N 71  
CYS N   H2   sing N N 72  
CYS CA  C    sing N N 73  
CYS CA  CB   sing N N 74  
CYS CA  HA   sing N N 75  
CYS C   O    doub N N 76  
CYS C   OXT  sing N N 77  
CYS CB  SG   sing N N 78  
CYS CB  HB2  sing N N 79  
CYS CB  HB3  sing N N 80  
CYS SG  HG   sing N N 81  
CYS OXT HXT  sing N N 82  
GLN N   CA   sing N N 83  
GLN N   H    sing N N 84  
GLN N   H2   sing N N 85  
GLN CA  C    sing N N 86  
GLN CA  CB   sing N N 87  
GLN CA  HA   sing N N 88  
GLN C   O    doub N N 89  
GLN C   OXT  sing N N 90  
GLN CB  CG   sing N N 91  
GLN CB  HB2  sing N N 92  
GLN CB  HB3  sing N N 93  
GLN CG  CD   sing N N 94  
GLN CG  HG2  sing N N 95  
GLN CG  HG3  sing N N 96  
GLN CD  OE1  doub N N 97  
GLN CD  NE2  sing N N 98  
GLN NE2 HE21 sing N N 99  
GLN NE2 HE22 sing N N 100 
GLN OXT HXT  sing N N 101 
GLU N   CA   sing N N 102 
GLU N   H    sing N N 103 
GLU N   H2   sing N N 104 
GLU CA  C    sing N N 105 
GLU CA  CB   sing N N 106 
GLU CA  HA   sing N N 107 
GLU C   O    doub N N 108 
GLU C   OXT  sing N N 109 
GLU CB  CG   sing N N 110 
GLU CB  HB2  sing N N 111 
GLU CB  HB3  sing N N 112 
GLU CG  CD   sing N N 113 
GLU CG  HG2  sing N N 114 
GLU CG  HG3  sing N N 115 
GLU CD  OE1  doub N N 116 
GLU CD  OE2  sing N N 117 
GLU OE2 HE2  sing N N 118 
GLU OXT HXT  sing N N 119 
GLY N   CA   sing N N 120 
GLY N   H    sing N N 121 
GLY N   H2   sing N N 122 
GLY CA  C    sing N N 123 
GLY CA  HA2  sing N N 124 
GLY CA  HA3  sing N N 125 
GLY C   O    doub N N 126 
GLY C   OXT  sing N N 127 
GLY OXT HXT  sing N N 128 
HIS N   CA   sing N N 129 
HIS N   H    sing N N 130 
HIS N   H2   sing N N 131 
HIS CA  C    sing N N 132 
HIS CA  CB   sing N N 133 
HIS CA  HA   sing N N 134 
HIS C   O    doub N N 135 
HIS C   OXT  sing N N 136 
HIS CB  CG   sing N N 137 
HIS CB  HB2  sing N N 138 
HIS CB  HB3  sing N N 139 
HIS CG  ND1  sing Y N 140 
HIS CG  CD2  doub Y N 141 
HIS ND1 CE1  doub Y N 142 
HIS ND1 HD1  sing N N 143 
HIS CD2 NE2  sing Y N 144 
HIS CD2 HD2  sing N N 145 
HIS CE1 NE2  sing Y N 146 
HIS CE1 HE1  sing N N 147 
HIS NE2 HE2  sing N N 148 
HIS OXT HXT  sing N N 149 
HOH O   H1   sing N N 150 
HOH O   H2   sing N N 151 
ILE N   CA   sing N N 152 
ILE N   H    sing N N 153 
ILE N   H2   sing N N 154 
ILE CA  C    sing N N 155 
ILE CA  CB   sing N N 156 
ILE CA  HA   sing N N 157 
ILE C   O    doub N N 158 
ILE C   OXT  sing N N 159 
ILE CB  CG1  sing N N 160 
ILE CB  CG2  sing N N 161 
ILE CB  HB   sing N N 162 
ILE CG1 CD1  sing N N 163 
ILE CG1 HG12 sing N N 164 
ILE CG1 HG13 sing N N 165 
ILE CG2 HG21 sing N N 166 
ILE CG2 HG22 sing N N 167 
ILE CG2 HG23 sing N N 168 
ILE CD1 HD11 sing N N 169 
ILE CD1 HD12 sing N N 170 
ILE CD1 HD13 sing N N 171 
ILE OXT HXT  sing N N 172 
LEU N   CA   sing N N 173 
LEU N   H    sing N N 174 
LEU N   H2   sing N N 175 
LEU CA  C    sing N N 176 
LEU CA  CB   sing N N 177 
LEU CA  HA   sing N N 178 
LEU C   O    doub N N 179 
LEU C   OXT  sing N N 180 
LEU CB  CG   sing N N 181 
LEU CB  HB2  sing N N 182 
LEU CB  HB3  sing N N 183 
LEU CG  CD1  sing N N 184 
LEU CG  CD2  sing N N 185 
LEU CG  HG   sing N N 186 
LEU CD1 HD11 sing N N 187 
LEU CD1 HD12 sing N N 188 
LEU CD1 HD13 sing N N 189 
LEU CD2 HD21 sing N N 190 
LEU CD2 HD22 sing N N 191 
LEU CD2 HD23 sing N N 192 
LEU OXT HXT  sing N N 193 
LYS N   CA   sing N N 194 
LYS N   H    sing N N 195 
LYS N   H2   sing N N 196 
LYS CA  C    sing N N 197 
LYS CA  CB   sing N N 198 
LYS CA  HA   sing N N 199 
LYS C   O    doub N N 200 
LYS C   OXT  sing N N 201 
LYS CB  CG   sing N N 202 
LYS CB  HB2  sing N N 203 
LYS CB  HB3  sing N N 204 
LYS CG  CD   sing N N 205 
LYS CG  HG2  sing N N 206 
LYS CG  HG3  sing N N 207 
LYS CD  CE   sing N N 208 
LYS CD  HD2  sing N N 209 
LYS CD  HD3  sing N N 210 
LYS CE  NZ   sing N N 211 
LYS CE  HE2  sing N N 212 
LYS CE  HE3  sing N N 213 
LYS NZ  HZ1  sing N N 214 
LYS NZ  HZ2  sing N N 215 
LYS NZ  HZ3  sing N N 216 
LYS OXT HXT  sing N N 217 
MET N   CA   sing N N 218 
MET N   H    sing N N 219 
MET N   H2   sing N N 220 
MET CA  C    sing N N 221 
MET CA  CB   sing N N 222 
MET CA  HA   sing N N 223 
MET C   O    doub N N 224 
MET C   OXT  sing N N 225 
MET CB  CG   sing N N 226 
MET CB  HB2  sing N N 227 
MET CB  HB3  sing N N 228 
MET CG  SD   sing N N 229 
MET CG  HG2  sing N N 230 
MET CG  HG3  sing N N 231 
MET SD  CE   sing N N 232 
MET CE  HE1  sing N N 233 
MET CE  HE2  sing N N 234 
MET CE  HE3  sing N N 235 
MET OXT HXT  sing N N 236 
O1D N   C    sing N N 237 
O1D C1  C    doub Y N 238 
O1D C1  C2   sing Y N 239 
O1D C   C12  sing Y N 240 
O1D C2  C3   doub Y N 241 
O1D C12 C4   doub Y N 242 
O1D C3  C4   sing Y N 243 
O1D C4  O    sing N N 244 
O1D O   C5   sing N N 245 
O1D C5  C6   sing N N 246 
O1D C6  C11  doub Y N 247 
O1D C6  C7   sing Y N 248 
O1D C11 C10  sing Y N 249 
O1D C7  C8   doub Y N 250 
O1D C10 C9   doub Y N 251 
O1D C8  C9   sing Y N 252 
O1D C5  H1   sing N N 253 
O1D C5  H2   sing N N 254 
O1D C7  H3   sing N N 255 
O1D C8  H4   sing N N 256 
O1D C10 H5   sing N N 257 
O1D N   H6   sing N N 258 
O1D N   H7   sing N N 259 
O1D C1  H8   sing N N 260 
O1D C11 H9   sing N N 261 
O1D C12 H10  sing N N 262 
O1D C2  H11  sing N N 263 
O1D C3  H12  sing N N 264 
O1D C9  H13  sing N N 265 
PHE N   CA   sing N N 266 
PHE N   H    sing N N 267 
PHE N   H2   sing N N 268 
PHE CA  C    sing N N 269 
PHE CA  CB   sing N N 270 
PHE CA  HA   sing N N 271 
PHE C   O    doub N N 272 
PHE C   OXT  sing N N 273 
PHE CB  CG   sing N N 274 
PHE CB  HB2  sing N N 275 
PHE CB  HB3  sing N N 276 
PHE CG  CD1  doub Y N 277 
PHE CG  CD2  sing Y N 278 
PHE CD1 CE1  sing Y N 279 
PHE CD1 HD1  sing N N 280 
PHE CD2 CE2  doub Y N 281 
PHE CD2 HD2  sing N N 282 
PHE CE1 CZ   doub Y N 283 
PHE CE1 HE1  sing N N 284 
PHE CE2 CZ   sing Y N 285 
PHE CE2 HE2  sing N N 286 
PHE CZ  HZ   sing N N 287 
PHE OXT HXT  sing N N 288 
PRO N   CA   sing N N 289 
PRO N   CD   sing N N 290 
PRO N   H    sing N N 291 
PRO CA  C    sing N N 292 
PRO CA  CB   sing N N 293 
PRO CA  HA   sing N N 294 
PRO C   O    doub N N 295 
PRO C   OXT  sing N N 296 
PRO CB  CG   sing N N 297 
PRO CB  HB2  sing N N 298 
PRO CB  HB3  sing N N 299 
PRO CG  CD   sing N N 300 
PRO CG  HG2  sing N N 301 
PRO CG  HG3  sing N N 302 
PRO CD  HD2  sing N N 303 
PRO CD  HD3  sing N N 304 
PRO OXT HXT  sing N N 305 
SER N   CA   sing N N 306 
SER N   H    sing N N 307 
SER N   H2   sing N N 308 
SER CA  C    sing N N 309 
SER CA  CB   sing N N 310 
SER CA  HA   sing N N 311 
SER C   O    doub N N 312 
SER C   OXT  sing N N 313 
SER CB  OG   sing N N 314 
SER CB  HB2  sing N N 315 
SER CB  HB3  sing N N 316 
SER OG  HG   sing N N 317 
SER OXT HXT  sing N N 318 
THR N   CA   sing N N 319 
THR N   H    sing N N 320 
THR N   H2   sing N N 321 
THR CA  C    sing N N 322 
THR CA  CB   sing N N 323 
THR CA  HA   sing N N 324 
THR C   O    doub N N 325 
THR C   OXT  sing N N 326 
THR CB  OG1  sing N N 327 
THR CB  CG2  sing N N 328 
THR CB  HB   sing N N 329 
THR OG1 HG1  sing N N 330 
THR CG2 HG21 sing N N 331 
THR CG2 HG22 sing N N 332 
THR CG2 HG23 sing N N 333 
THR OXT HXT  sing N N 334 
TRP N   CA   sing N N 335 
TRP N   H    sing N N 336 
TRP N   H2   sing N N 337 
TRP CA  C    sing N N 338 
TRP CA  CB   sing N N 339 
TRP CA  HA   sing N N 340 
TRP C   O    doub N N 341 
TRP C   OXT  sing N N 342 
TRP CB  CG   sing N N 343 
TRP CB  HB2  sing N N 344 
TRP CB  HB3  sing N N 345 
TRP CG  CD1  doub Y N 346 
TRP CG  CD2  sing Y N 347 
TRP CD1 NE1  sing Y N 348 
TRP CD1 HD1  sing N N 349 
TRP CD2 CE2  doub Y N 350 
TRP CD2 CE3  sing Y N 351 
TRP NE1 CE2  sing Y N 352 
TRP NE1 HE1  sing N N 353 
TRP CE2 CZ2  sing Y N 354 
TRP CE3 CZ3  doub Y N 355 
TRP CE3 HE3  sing N N 356 
TRP CZ2 CH2  doub Y N 357 
TRP CZ2 HZ2  sing N N 358 
TRP CZ3 CH2  sing Y N 359 
TRP CZ3 HZ3  sing N N 360 
TRP CH2 HH2  sing N N 361 
TRP OXT HXT  sing N N 362 
TYR N   CA   sing N N 363 
TYR N   H    sing N N 364 
TYR N   H2   sing N N 365 
TYR CA  C    sing N N 366 
TYR CA  CB   sing N N 367 
TYR CA  HA   sing N N 368 
TYR C   O    doub N N 369 
TYR C   OXT  sing N N 370 
TYR CB  CG   sing N N 371 
TYR CB  HB2  sing N N 372 
TYR CB  HB3  sing N N 373 
TYR CG  CD1  doub Y N 374 
TYR CG  CD2  sing Y N 375 
TYR CD1 CE1  sing Y N 376 
TYR CD1 HD1  sing N N 377 
TYR CD2 CE2  doub Y N 378 
TYR CD2 HD2  sing N N 379 
TYR CE1 CZ   doub Y N 380 
TYR CE1 HE1  sing N N 381 
TYR CE2 CZ   sing Y N 382 
TYR CE2 HE2  sing N N 383 
TYR CZ  OH   sing N N 384 
TYR OH  HH   sing N N 385 
TYR OXT HXT  sing N N 386 
VAL N   CA   sing N N 387 
VAL N   H    sing N N 388 
VAL N   H2   sing N N 389 
VAL CA  C    sing N N 390 
VAL CA  CB   sing N N 391 
VAL CA  HA   sing N N 392 
VAL C   O    doub N N 393 
VAL C   OXT  sing N N 394 
VAL CB  CG1  sing N N 395 
VAL CB  CG2  sing N N 396 
VAL CB  HB   sing N N 397 
VAL CG1 HG11 sing N N 398 
VAL CG1 HG12 sing N N 399 
VAL CG1 HG13 sing N N 400 
VAL CG2 HG21 sing N N 401 
VAL CG2 HG22 sing N N 402 
VAL CG2 HG23 sing N N 403 
VAL OXT HXT  sing N N 404 
# 
_pdbx_deposit_group.group_id            G_1002081 
_pdbx_deposit_group.group_description   
;Human Brachyury G177D variant screened against the DSI-poised Fragment Library by X-ray Crystallography at the XChem facility of Diamond Light Source beamline I04-1
;
_pdbx_deposit_group.group_title         'PanDDA analysis group deposition' 
_pdbx_deposit_group.group_type          'changed state' 
# 
_pdbx_entity_instance_feature.ordinal        1 
_pdbx_entity_instance_feature.comp_id        O1D 
_pdbx_entity_instance_feature.asym_id        ? 
_pdbx_entity_instance_feature.seq_num        ? 
_pdbx_entity_instance_feature.auth_comp_id   O1D 
_pdbx_entity_instance_feature.auth_asym_id   ? 
_pdbx_entity_instance_feature.auth_seq_num   ? 
_pdbx_entity_instance_feature.feature_type   'SUBJECT OF INVESTIGATION' 
_pdbx_entity_instance_feature.details        ? 
# 
_atom_sites.entry_id                    5QSI 
_atom_sites.fract_transf_matrix[1][1]   -0.00463041 
_atom_sites.fract_transf_matrix[1][2]   0.01043887 
_atom_sites.fract_transf_matrix[1][3]   -0.00195684 
_atom_sites.fract_transf_matrix[2][1]   -0.00519712 
_atom_sites.fract_transf_matrix[2][2]   0.00573989 
_atom_sites.fract_transf_matrix[2][3]   0.00861853 
_atom_sites.fract_transf_matrix[3][1]   0.00875120 
_atom_sites.fract_transf_matrix[3][2]   0.00433040 
_atom_sites.fract_transf_matrix[3][3]   0.00239310 
_atom_sites.fract_transf_vector[1]      -0.180350 
_atom_sites.fract_transf_vector[2]      -0.365867 
_atom_sites.fract_transf_vector[3]      -0.017441 
# 
loop_
_atom_type.symbol 
C 
N 
O 
S 
# 
loop_
_atom_site.group_PDB 
_atom_site.id 
_atom_site.type_symbol 
_atom_site.label_atom_id 
_atom_site.label_alt_id 
_atom_site.label_comp_id 
_atom_site.label_asym_id 
_atom_site.label_entity_id 
_atom_site.label_seq_id 
_atom_site.pdbx_PDB_ins_code 
_atom_site.Cartn_x 
_atom_site.Cartn_y 
_atom_site.Cartn_z 
_atom_site.occupancy 
_atom_site.B_iso_or_equiv 
_atom_site.pdbx_formal_charge 
_atom_site.auth_seq_id 
_atom_site.auth_comp_id 
_atom_site.auth_asym_id 
_atom_site.auth_atom_id 
_atom_site.pdbx_PDB_model_num 
ATOM   1    N N   . GLU A 1 2   ? -8.185  13.612  18.940  1.00 40.15  ? 41  GLU A N   1 
ATOM   2    C CA  . GLU A 1 2   ? -7.450  13.768  17.678  1.00 39.21  ? 41  GLU A CA  1 
ATOM   3    C C   . GLU A 1 2   ? -7.615  12.501  16.811  1.00 34.35  ? 41  GLU A C   1 
ATOM   4    O O   . GLU A 1 2   ? -7.519  11.411  17.369  1.00 32.48  ? 41  GLU A O   1 
ATOM   5    C CB  . GLU A 1 2   ? -5.971  13.933  18.004  1.00 47.74  ? 41  GLU A CB  1 
ATOM   6    C CG  . GLU A 1 2   ? -5.151  14.500  16.871  1.00 55.27  ? 41  GLU A CG  1 
ATOM   7    C CD  . GLU A 1 2   ? -4.908  15.993  16.982  1.00 61.28  ? 41  GLU A CD  1 
ATOM   8    O OE1 . GLU A 1 2   ? -4.393  16.559  16.019  1.00 54.71  ? 41  GLU A OE1 1 
ATOM   9    O OE2 . GLU A 1 2   ? -5.236  16.578  18.042  1.00 73.41  ? 41  GLU A OE2 1 
ATOM   10   N N   . LEU A 1 3   ? -7.692  12.631  15.487  1.00 30.45  ? 42  LEU A N   1 
ATOM   11   C CA  . LEU A 1 3   ? -7.616  11.463  14.562  1.00 27.05  ? 42  LEU A CA  1 
ATOM   12   C C   . LEU A 1 3   ? -6.198  10.917  14.629  1.00 27.39  ? 42  LEU A C   1 
ATOM   13   O O   . LEU A 1 3   ? -5.232  11.652  14.412  1.00 30.46  ? 42  LEU A O   1 
ATOM   14   C CB  . LEU A 1 3   ? -7.960  11.822  13.116  1.00 27.23  ? 42  LEU A CB  1 
ATOM   15   C CG  . LEU A 1 3   ? -7.774  10.762  12.038  1.00 28.21  ? 42  LEU A CG  1 
ATOM   16   C CD1 . LEU A 1 3   ? -8.684  9.574   12.301  1.00 29.62  ? 42  LEU A CD1 1 
ATOM   17   C CD2 . LEU A 1 3   ? -8.060  11.349  10.664  1.00 30.59  ? 42  LEU A CD2 1 
ATOM   18   N N   . ARG A 1 4   ? -6.103  9.630   14.865  1.00 26.58  ? 43  ARG A N   1 
ATOM   19   C CA  . ARG A 1 4   ? -4.830  8.880   14.884  1.00 30.24  ? 43  ARG A CA  1 
ATOM   20   C C   . ARG A 1 4   ? -5.039  7.631   14.045  1.00 26.84  ? 43  ARG A C   1 
ATOM   21   O O   . ARG A 1 4   ? -5.951  6.875   14.346  1.00 25.75  ? 43  ARG A O   1 
ATOM   22   C CB  . ARG A 1 4   ? -4.413  8.537   16.316  1.00 34.75  ? 43  ARG A CB  1 
ATOM   23   C CG  . ARG A 1 4   ? -3.905  9.732   17.116  1.00 41.77  ? 43  ARG A CG  1 
ATOM   24   C CD  . ARG A 1 4   ? -3.930  9.496   18.619  1.00 49.30  ? 43  ARG A CD  1 
ATOM   25   N NE  . ARG A 1 4   ? -3.210  8.278   18.984  1.00 56.28  ? 43  ARG A NE  1 
ATOM   26   C CZ  . ARG A 1 4   ? -2.030  8.232   19.604  1.00 58.26  ? 43  ARG A CZ  1 
ATOM   27   N NH1 . ARG A 1 4   ? -1.487  7.061   19.888  1.00 56.08  ? 43  ARG A NH1 1 
ATOM   28   N NH2 . ARG A 1 4   ? -1.397  9.346   19.943  1.00 64.97  ? 43  ARG A NH2 1 
ATOM   29   N N   . VAL A 1 5   ? -4.176  7.410   13.056  1.00 25.28  ? 44  VAL A N   1 
ATOM   30   C CA  . VAL A 1 5   ? -4.142  6.183   12.219  1.00 22.74  ? 44  VAL A CA  1 
ATOM   31   C C   . VAL A 1 5   ? -2.778  5.535   12.454  1.00 28.03  ? 44  VAL A C   1 
ATOM   32   O O   . VAL A 1 5   ? -1.788  6.099   12.022  1.00 31.29  ? 44  VAL A O   1 
ATOM   33   C CB  . VAL A 1 5   ? -4.364  6.523   10.737  1.00 24.17  ? 44  VAL A CB  1 
ATOM   34   C CG1 . VAL A 1 5   ? -4.473  5.284   9.877   1.00 23.75  ? 44  VAL A CG1 1 
ATOM   35   C CG2 . VAL A 1 5   ? -5.619  7.369   10.578  1.00 23.75  ? 44  VAL A CG2 1 
ATOM   36   N N   . GLY A 1 6   ? -2.754  4.391   13.114  1.00 27.58  ? 45  GLY A N   1 
ATOM   37   C CA  . GLY A 1 6   ? -1.497  3.707   13.462  1.00 24.60  ? 45  GLY A CA  1 
ATOM   38   C C   . GLY A 1 6   ? -1.289  2.474   12.614  1.00 22.96  ? 45  GLY A C   1 
ATOM   39   O O   . GLY A 1 6   ? -2.222  1.732   12.358  1.00 24.55  ? 45  GLY A O   1 
ATOM   40   N N   . LEU A 1 7   ? -0.060  2.227   12.195  1.00 23.73  ? 46  LEU A N   1 
ATOM   41   C CA  . LEU A 1 7   ? 0.229   1.018   11.402  1.00 22.05  ? 46  LEU A CA  1 
ATOM   42   C C   . LEU A 1 7   ? 0.250   -0.192  12.347  1.00 22.30  ? 46  LEU A C   1 
ATOM   43   O O   . LEU A 1 7   ? 0.955   -0.117  13.387  1.00 25.16  ? 46  LEU A O   1 
ATOM   44   C CB  . LEU A 1 7   ? 1.589   1.190   10.734  1.00 23.02  ? 46  LEU A CB  1 
ATOM   45   C CG  . LEU A 1 7   ? 2.067   0.003   9.923   1.00 22.85  ? 46  LEU A CG  1 
ATOM   46   C CD1 . LEU A 1 7   ? 1.206   -0.221  8.707   1.00 23.38  ? 46  LEU A CD1 1 
ATOM   47   C CD2 . LEU A 1 7   ? 3.508   0.223   9.498   1.00 24.19  ? 46  LEU A CD2 1 
ATOM   48   N N   . GLU A 1 8   ? -0.466  -1.239  11.986  1.00 24.29  ? 47  GLU A N   1 
ATOM   49   C CA  . GLU A 1 8   ? -0.432  -2.548  12.684  1.00 25.27  ? 47  GLU A CA  1 
ATOM   50   C C   . GLU A 1 8   ? 0.790   -3.337  12.191  1.00 23.68  ? 47  GLU A C   1 
ATOM   51   O O   . GLU A 1 8   ? 1.201   -3.154  11.031  1.00 22.62  ? 47  GLU A O   1 
ATOM   52   C CB  . GLU A 1 8   ? -1.695  -3.344  12.410  1.00 26.90  ? 47  GLU A CB  1 
ATOM   53   C CG  . GLU A 1 8   ? -2.893  -2.694  13.040  1.00 27.71  ? 47  GLU A CG  1 
ATOM   54   C CD  . GLU A 1 8   ? -3.122  -3.133  14.474  1.00 31.49  ? 47  GLU A CD  1 
ATOM   55   O OE1 . GLU A 1 8   ? -3.642  -2.318  15.290  1.00 30.35  ? 47  GLU A OE1 1 
ATOM   56   O OE2 . GLU A 1 8   ? -2.769  -4.317  14.769  1.00 32.03  ? 47  GLU A OE2 1 
ATOM   57   N N   . GLU A 1 9   ? 1.364   -4.166  13.057  1.00 25.74  ? 48  GLU A N   1 
ATOM   58   C CA  . GLU A 1 9   ? 2.481   -5.072  12.676  1.00 27.36  ? 48  GLU A CA  1 
ATOM   59   C C   . GLU A 1 9   ? 3.627   -4.248  12.094  1.00 24.06  ? 48  GLU A C   1 
ATOM   60   O O   . GLU A 1 9   ? 4.272   -4.700  11.118  1.00 25.18  ? 48  GLU A O   1 
ATOM   61   C CB  . GLU A 1 9   ? 1.954   -6.099  11.685  1.00 27.76  ? 48  GLU A CB  1 
ATOM   62   C CG  . GLU A 1 9   ? 0.917   -7.001  12.327  1.00 31.71  ? 48  GLU A CG  1 
ATOM   63   C CD  . GLU A 1 9   ? 0.124   -7.907  11.419  1.00 44.35  ? 48  GLU A CD  1 
ATOM   64   O OE1 . GLU A 1 9   ? 0.595   -8.185  10.299  1.00 46.58  ? 48  GLU A OE1 1 
ATOM   65   O OE2 . GLU A 1 9   ? -0.983  -8.337  11.833  1.00 53.73  ? 48  GLU A OE2 1 
ATOM   66   N N   . SER A 1 10  ? 3.894   -3.101  12.695  1.00 25.36  ? 49  SER A N   1 
ATOM   67   C CA  . SER A 1 10  ? 4.980   -2.210  12.236  1.00 26.15  ? 49  SER A CA  1 
ATOM   68   C C   . SER A 1 10  ? 6.334   -2.944  12.337  1.00 29.22  ? 49  SER A C   1 
ATOM   69   O O   . SER A 1 10  ? 7.148   -2.777  11.418  1.00 28.20  ? 49  SER A O   1 
ATOM   70   C CB  . SER A 1 10  ? 4.989   -0.946  13.010  1.00 27.24  ? 49  SER A CB  1 
ATOM   71   O OG  . SER A 1 10  ? 5.083   -1.224  14.393  1.00 31.29  ? 49  SER A OG  1 
ATOM   72   N N   . GLU A 1 11  ? 6.574   -3.726  13.391  1.00 27.88  ? 50  GLU A N   1 
ATOM   73   C CA  . GLU A 1 11  ? 7.855   -4.463  13.534  1.00 28.59  ? 50  GLU A CA  1 
ATOM   74   C C   . GLU A 1 11  ? 8.011   -5.453  12.363  1.00 26.46  ? 50  GLU A C   1 
ATOM   75   O O   . GLU A 1 11  ? 9.151   -5.620  11.863  1.00 26.24  ? 50  GLU A O   1 
ATOM   76   C CB  . GLU A 1 11  ? 7.887   -5.082  14.931  1.00 33.27  ? 50  GLU A CB  1 
ATOM   77   C CG  . GLU A 1 11  ? 9.173   -5.798  15.251  1.00 42.14  ? 50  GLU A CG  1 
ATOM   78   C CD  . GLU A 1 11  ? 9.109   -6.546  16.577  1.00 47.92  ? 50  GLU A CD  1 
ATOM   79   O OE1 . GLU A 1 11  ? 8.644   -5.940  17.576  1.00 47.46  ? 50  GLU A OE1 1 
ATOM   80   O OE2 . GLU A 1 11  ? 9.478   -7.751  16.585  1.00 62.76  ? 50  GLU A OE2 1 
ATOM   81   N N   . LEU A 1 12  ? 6.943   -6.088  11.909  1.00 23.71  ? 51  LEU A N   1 
ATOM   82   C CA  . LEU A 1 12  ? 6.983   -7.018  10.736  1.00 25.28  ? 51  LEU A CA  1 
ATOM   83   C C   . LEU A 1 12  ? 7.343   -6.247  9.458   1.00 27.74  ? 51  LEU A C   1 
ATOM   84   O O   . LEU A 1 12  ? 8.280   -6.657  8.711   1.00 26.19  ? 51  LEU A O   1 
ATOM   85   C CB  . LEU A 1 12  ? 5.645   -7.743  10.613  1.00 28.72  ? 51  LEU A CB  1 
ATOM   86   C CG  . LEU A 1 12  ? 5.491   -8.630  9.384   1.00 29.47  ? 51  LEU A CG  1 
ATOM   87   C CD1 . LEU A 1 12  ? 6.525   -9.749  9.360   1.00 31.84  ? 51  LEU A CD1 1 
ATOM   88   C CD2 . LEU A 1 12  ? 4.086   -9.182  9.280   1.00 30.23  ? 51  LEU A CD2 1 
ATOM   89   N N   . TRP A 1 13  ? 6.662   -5.123  9.217   1.00 25.97  ? 52  TRP A N   1 
ATOM   90   C CA  . TRP A 1 13  ? 6.978   -4.282  8.040   1.00 23.53  ? 52  TRP A CA  1 
ATOM   91   C C   . TRP A 1 13  ? 8.450   -3.868  8.099   1.00 24.67  ? 52  TRP A C   1 
ATOM   92   O O   . TRP A 1 13  ? 9.120   -3.831  7.052   1.00 24.24  ? 52  TRP A O   1 
ATOM   93   C CB  . TRP A 1 13  ? 6.070   -3.054  8.020   1.00 23.06  ? 52  TRP A CB  1 
ATOM   94   C CG  . TRP A 1 13  ? 4.724   -3.324  7.445   1.00 21.90  ? 52  TRP A CG  1 
ATOM   95   C CD1 . TRP A 1 13  ? 3.544   -3.444  8.122   1.00 22.71  ? 52  TRP A CD1 1 
ATOM   96   C CD2 . TRP A 1 13  ? 4.406   -3.494  6.062   1.00 22.25  ? 52  TRP A CD2 1 
ATOM   97   N NE1 . TRP A 1 13  ? 2.523   -3.711  7.260   1.00 23.80  ? 52  TRP A NE1 1 
ATOM   98   C CE2 . TRP A 1 13  ? 3.012   -3.684  5.982   1.00 22.43  ? 52  TRP A CE2 1 
ATOM   99   C CE3 . TRP A 1 13  ? 5.138   -3.433  4.870   1.00 20.79  ? 52  TRP A CE3 1 
ATOM   100  C CZ2 . TRP A 1 13  ? 2.361   -3.863  4.767   1.00 23.26  ? 52  TRP A CZ2 1 
ATOM   101  C CZ3 . TRP A 1 13  ? 4.479   -3.575  3.676   1.00 22.09  ? 52  TRP A CZ3 1 
ATOM   102  C CH2 . TRP A 1 13  ? 3.111   -3.802  3.622   1.00 24.75  ? 52  TRP A CH2 1 
ATOM   103  N N   . LEU A 1 14  ? 8.941   -3.513  9.279   1.00 27.42  ? 53  LEU A N   1 
ATOM   104  C CA  . LEU A 1 14  ? 10.326  -3.004  9.399   1.00 27.26  ? 53  LEU A CA  1 
ATOM   105  C C   . LEU A 1 14  ? 11.345  -4.127  9.082   1.00 25.84  ? 53  LEU A C   1 
ATOM   106  O O   . LEU A 1 14  ? 12.413  -3.779  8.577   1.00 26.82  ? 53  LEU A O   1 
ATOM   107  C CB  . LEU A 1 14  ? 10.556  -2.353  10.767  1.00 29.84  ? 53  LEU A CB  1 
ATOM   108  C CG  . LEU A 1 14  ? 10.021  -0.915  10.925  1.00 34.59  ? 53  LEU A CG  1 
ATOM   109  C CD1 . LEU A 1 14  ? 10.587  0.013   9.859   1.00 34.28  ? 53  LEU A CD1 1 
ATOM   110  C CD2 . LEU A 1 14  ? 8.508   -0.859  10.866  1.00 41.34  ? 53  LEU A CD2 1 
ATOM   111  N N   . ARG A 1 15  ? 11.023  -5.402  9.334   1.00 26.45  ? 54  ARG A N   1 
ATOM   112  C CA  . ARG A 1 15  ? 11.894  -6.567  8.995   1.00 27.27  ? 54  ARG A CA  1 
ATOM   113  C C   . ARG A 1 15  ? 12.071  -6.624  7.480   1.00 28.66  ? 54  ARG A C   1 
ATOM   114  O O   . ARG A 1 15  ? 13.186  -6.876  7.003   1.00 28.69  ? 54  ARG A O   1 
ATOM   115  C CB  . ARG A 1 15  ? 11.295  -7.886  9.488   1.00 31.54  ? 54  ARG A CB  1 
ATOM   116  C CG  . ARG A 1 15  ? 11.490  -8.138  10.975  1.00 36.84  ? 54  ARG A CG  1 
ATOM   117  C CD  . ARG A 1 15  ? 10.757  -9.384  11.453  1.00 44.75  ? 54  ARG A CD  1 
ATOM   118  N NE  . ARG A 1 15  ? 10.423  -9.292  12.875  1.00 50.08  ? 54  ARG A NE  1 
ATOM   119  C CZ  . ARG A 1 15  ? 11.316  -9.374  13.863  1.00 58.27  ? 54  ARG A CZ  1 
ATOM   120  N NH1 . ARG A 1 15  ? 12.598  -9.585  13.595  1.00 57.68  ? 54  ARG A NH1 1 
ATOM   121  N NH2 . ARG A 1 15  ? 10.925  -9.261  15.125  1.00 59.34  ? 54  ARG A NH2 1 
ATOM   122  N N   . PHE A 1 16  ? 11.000  -6.346  6.738   1.00 25.28  ? 55  PHE A N   1 
ATOM   123  C CA  . PHE A 1 16  ? 11.023  -6.365  5.262   1.00 25.61  ? 55  PHE A CA  1 
ATOM   124  C C   . PHE A 1 16  ? 11.723  -5.104  4.787   1.00 25.49  ? 55  PHE A C   1 
ATOM   125  O O   . PHE A 1 16  ? 12.567  -5.194  3.890   1.00 27.19  ? 55  PHE A O   1 
ATOM   126  C CB  . PHE A 1 16  ? 9.608   -6.453  4.699   1.00 23.62  ? 55  PHE A CB  1 
ATOM   127  C CG  . PHE A 1 16  ? 9.029   -7.834  4.734   1.00 25.29  ? 55  PHE A CG  1 
ATOM   128  C CD1 . PHE A 1 16  ? 9.194   -8.678  3.647   1.00 27.21  ? 55  PHE A CD1 1 
ATOM   129  C CD2 . PHE A 1 16  ? 8.356   -8.307  5.849   1.00 29.18  ? 55  PHE A CD2 1 
ATOM   130  C CE1 . PHE A 1 16  ? 8.644   -9.947  3.654   1.00 27.78  ? 55  PHE A CE1 1 
ATOM   131  C CE2 . PHE A 1 16  ? 7.826   -9.597  5.873   1.00 29.08  ? 55  PHE A CE2 1 
ATOM   132  C CZ  . PHE A 1 16  ? 7.991   -10.425 4.782   1.00 31.07  ? 55  PHE A CZ  1 
ATOM   133  N N   . LYS A 1 17  ? 11.432  -3.970  5.428   1.00 24.66  ? 56  LYS A N   1 
ATOM   134  C CA  . LYS A 1 17  ? 11.995  -2.682  4.967   1.00 26.42  ? 56  LYS A CA  1 
ATOM   135  C C   . LYS A 1 17  ? 13.516  -2.736  5.162   1.00 27.13  ? 56  LYS A C   1 
ATOM   136  O O   . LYS A 1 17  ? 14.235  -2.174  4.320   1.00 25.99  ? 56  LYS A O   1 
ATOM   137  C CB  . LYS A 1 17  ? 11.405  -1.466  5.686   1.00 26.06  ? 56  LYS A CB  1 
ATOM   138  C CG  . LYS A 1 17  ? 11.931  -0.148  5.133   1.00 30.15  ? 56  LYS A CG  1 
ATOM   139  C CD  . LYS A 1 17  ? 11.176  1.076   5.574   1.00 31.53  ? 56  LYS A CD  1 
ATOM   140  C CE  . LYS A 1 17  ? 11.862  2.356   5.167   1.00 32.14  ? 56  LYS A CE  1 
ATOM   141  N NZ  . LYS A 1 17  ? 11.010  3.538   5.433   1.00 32.36  ? 56  LYS A NZ  1 
ATOM   142  N N   . GLU A 1 18  ? 14.006  -3.415  6.194   1.00 27.55  ? 57  GLU A N   1 
ATOM   143  C CA  . GLU A 1 18  ? 15.479  -3.407  6.399   1.00 32.74  ? 57  GLU A CA  1 
ATOM   144  C C   . GLU A 1 18  ? 16.167  -4.133  5.243   1.00 31.61  ? 57  GLU A C   1 
ATOM   145  O O   . GLU A 1 18  ? 17.308  -3.745  4.937   1.00 32.04  ? 57  GLU A O   1 
ATOM   146  C CB  . GLU A 1 18  ? 15.910  -3.848  7.790   1.00 41.50  ? 57  GLU A CB  1 
ATOM   147  C CG  . GLU A 1 18  ? 15.703  -5.292  8.109   1.00 50.89  ? 57  GLU A CG  1 
ATOM   148  C CD  . GLU A 1 18  ? 16.319  -5.622  9.462   1.00 60.02  ? 57  GLU A CD  1 
ATOM   149  O OE1 . GLU A 1 18  ? 17.362  -5.011  9.792   1.00 66.58  ? 57  GLU A OE1 1 
ATOM   150  O OE2 . GLU A 1 18  ? 15.750  -6.457  10.194  1.00 60.17  ? 57  GLU A OE2 1 
ATOM   151  N N   . LEU A 1 19  ? 15.491  -5.041  4.561   1.00 26.29  ? 58  LEU A N   1 
ATOM   152  C CA  . LEU A 1 19  ? 16.057  -5.815  3.420   1.00 29.40  ? 58  LEU A CA  1 
ATOM   153  C C   . LEU A 1 19  ? 15.831  -5.046  2.113   1.00 28.30  ? 58  LEU A C   1 
ATOM   154  O O   . LEU A 1 19  ? 16.422  -5.382  1.092   1.00 25.92  ? 58  LEU A O   1 
ATOM   155  C CB  . LEU A 1 19  ? 15.346  -7.166  3.313   1.00 29.62  ? 58  LEU A CB  1 
ATOM   156  C CG  . LEU A 1 19  ? 15.413  -8.113  4.509   1.00 35.13  ? 58  LEU A CG  1 
ATOM   157  C CD1 . LEU A 1 19  ? 14.812  -9.464  4.127   1.00 36.89  ? 58  LEU A CD1 1 
ATOM   158  C CD2 . LEU A 1 19  ? 16.829  -8.299  4.992   1.00 38.64  ? 58  LEU A CD2 1 
ATOM   159  N N   . THR A 1 20  ? 14.952  -4.055  2.171   1.00 25.74  ? 59  THR A N   1 
ATOM   160  C CA  . THR A 1 20  ? 14.291  -3.412  1.022   1.00 23.91  ? 59  THR A CA  1 
ATOM   161  C C   . THR A 1 20  ? 13.126  -4.303  0.645   1.00 23.71  ? 59  THR A C   1 
ATOM   162  O O   . THR A 1 20  ? 13.308  -5.424  0.153   1.00 21.33  ? 59  THR A O   1 
ATOM   163  C CB  . THR A 1 20  ? 15.193  -3.058  -0.169  1.00 26.71  ? 59  THR A CB  1 
ATOM   164  O OG1 . THR A 1 20  ? 16.194  -2.152  0.318   1.00 26.95  ? 59  THR A OG1 1 
ATOM   165  C CG2 . THR A 1 20  ? 14.394  -2.430  -1.293  1.00 25.84  ? 59  THR A CG2 1 
ATOM   166  N N   . ASN A 1 21  ? 11.911  -3.829  0.865   1.00 23.38  ? 60  ASN A N   1 
ATOM   167  C CA  . ASN A 1 21  ? 10.728  -4.664  0.605   1.00 21.95  ? 60  ASN A CA  1 
ATOM   168  C C   . ASN A 1 21  ? 10.433  -4.719  -0.896  1.00 24.18  ? 60  ASN A C   1 
ATOM   169  O O   . ASN A 1 21  ? 10.730  -3.768  -1.637  1.00 23.33  ? 60  ASN A O   1 
ATOM   170  C CB  . ASN A 1 21  ? 9.558   -4.185  1.466   1.00 22.65  ? 60  ASN A CB  1 
ATOM   171  C CG  . ASN A 1 21  ? 8.461   -5.203  1.672   1.00 24.51  ? 60  ASN A CG  1 
ATOM   172  O OD1 . ASN A 1 21  ? 8.501   -6.311  1.152   1.00 24.45  ? 60  ASN A OD1 1 
ATOM   173  N ND2 . ASN A 1 21  ? 7.411   -4.791  2.392   1.00 25.50  ? 60  ASN A ND2 1 
ATOM   174  N N   . GLU A 1 22  ? 9.858   -5.836  -1.327  1.00 22.16  ? 61  GLU A N   1 
ATOM   175  C CA  . GLU A 1 22  ? 9.505   -6.123  -2.729  1.00 23.05  ? 61  GLU A CA  1 
ATOM   176  C C   . GLU A 1 22  ? 8.064   -6.651  -2.740  1.00 22.72  ? 61  GLU A C   1 
ATOM   177  O O   . GLU A 1 22  ? 7.721   -7.456  -1.845  1.00 25.24  ? 61  GLU A O   1 
ATOM   178  C CB  . GLU A 1 22  ? 10.458  -7.149  -3.361  1.00 22.64  ? 61  GLU A CB  1 
ATOM   179  C CG  . GLU A 1 22  ? 11.928  -6.777  -3.313  1.00 23.14  ? 61  GLU A CG  1 
ATOM   180  C CD  . GLU A 1 22  ? 12.819  -7.829  -3.973  1.00 22.69  ? 61  GLU A CD  1 
ATOM   181  O OE1 . GLU A 1 22  ? 13.933  -8.039  -3.477  1.00 26.60  ? 61  GLU A OE1 1 
ATOM   182  O OE2 . GLU A 1 22  ? 12.379  -8.414  -4.973  1.00 23.96  ? 61  GLU A OE2 1 
ATOM   183  N N   . MET A 1 23  ? 7.232   -6.202  -3.671  1.00 23.03  ? 62  MET A N   1 
ATOM   184  C CA  . MET A 1 23  ? 5.890   -6.785  -3.875  1.00 23.09  ? 62  MET A CA  1 
ATOM   185  C C   . MET A 1 23  ? 5.840   -7.236  -5.315  1.00 22.10  ? 62  MET A C   1 
ATOM   186  O O   . MET A 1 23  ? 6.160   -6.452  -6.189  1.00 25.91  ? 62  MET A O   1 
ATOM   187  C CB  . MET A 1 23  ? 4.730   -5.827  -3.599  1.00 24.15  ? 62  MET A CB  1 
ATOM   188  C CG  . MET A 1 23  ? 4.739   -5.319  -2.209  1.00 25.61  ? 62  MET A CG  1 
ATOM   189  S SD  . MET A 1 23  ? 4.069   -6.557  -1.034  1.00 25.38  ? 62  MET A SD  1 
ATOM   190  C CE  . MET A 1 23  ? 4.415   -5.703  0.496   1.00 26.66  ? 62  MET A CE  1 
ATOM   191  N N   . ILE A 1 24  ? 5.394   -8.462  -5.518  1.00 25.29  ? 63  ILE A N   1 
ATOM   192  C CA  . ILE A 1 24  ? 5.169   -9.013  -6.878  1.00 26.05  ? 63  ILE A CA  1 
ATOM   193  C C   . ILE A 1 24  ? 3.991   -8.326  -7.538  1.00 26.32  ? 63  ILE A C   1 
ATOM   194  O O   . ILE A 1 24  ? 2.928   -8.244  -6.906  1.00 26.88  ? 63  ILE A O   1 
ATOM   195  C CB  . ILE A 1 24  ? 4.933   -10.529 -6.849  1.00 30.63  ? 63  ILE A CB  1 
ATOM   196  C CG1 . ILE A 1 24  ? 6.011   -11.296 -6.079  1.00 38.18  ? 63  ILE A CG1 1 
ATOM   197  C CG2 . ILE A 1 24  ? 4.729   -11.027 -8.272  1.00 34.16  ? 63  ILE A CG2 1 
ATOM   198  C CD1 . ILE A 1 24  ? 7.151   -11.727 -6.904  1.00 40.86  ? 63  ILE A CD1 1 
ATOM   199  N N   . VAL A 1 25  ? 4.157   -7.964  -8.805  1.00 26.42  ? 64  VAL A N   1 
ATOM   200  C CA  . VAL A 1 25  ? 3.074   -7.499  -9.703  1.00 26.15  ? 64  VAL A CA  1 
ATOM   201  C C   . VAL A 1 25  ? 2.912   -8.554  -10.801 1.00 32.63  ? 64  VAL A C   1 
ATOM   202  O O   . VAL A 1 25  ? 3.937   -9.110  -11.276 1.00 30.57  ? 64  VAL A O   1 
ATOM   203  C CB  . VAL A 1 25  ? 3.313   -6.080  -10.240 1.00 29.36  ? 64  VAL A CB  1 
ATOM   204  C CG1 . VAL A 1 25  ? 3.201   -5.046  -9.130  1.00 26.76  ? 64  VAL A CG1 1 
ATOM   205  C CG2 . VAL A 1 25  ? 4.640   -5.965  -10.981 1.00 28.91  ? 64  VAL A CG2 1 
ATOM   206  N N   . THR A 1 26  ? 1.667   -8.832  -11.178 1.00 32.58  ? 65  THR A N   1 
ATOM   207  C CA  . THR A 1 26  ? 1.343   -9.822  -12.236 1.00 35.82  ? 65  THR A CA  1 
ATOM   208  C C   . THR A 1 26  ? 0.214   -9.288  -13.104 1.00 34.91  ? 65  THR A C   1 
ATOM   209  O O   . THR A 1 26  ? -0.454  -8.278  -12.745 1.00 31.08  ? 65  THR A O   1 
ATOM   210  C CB  . THR A 1 26  ? 0.939   -11.199 -11.688 1.00 33.12  ? 65  THR A CB  1 
ATOM   211  O OG1 . THR A 1 26  ? -0.266  -11.032 -10.942 1.00 34.54  ? 65  THR A OG1 1 
ATOM   212  C CG2 . THR A 1 26  ? 2.004   -11.874 -10.858 1.00 36.80  ? 65  THR A CG2 1 
ATOM   213  N N   . LYS A 1 27  ? 0.026   -9.951  -14.237 1.00 36.02  ? 66  LYS A N   1 
ATOM   214  C CA  . LYS A 1 27  ? -1.022  -9.612  -15.218 1.00 38.94  ? 66  LYS A CA  1 
ATOM   215  C C   . LYS A 1 27  ? -2.373  -9.598  -14.485 1.00 34.51  ? 66  LYS A C   1 
ATOM   216  O O   . LYS A 1 27  ? -3.132  -8.607  -14.640 1.00 38.15  ? 66  LYS A O   1 
ATOM   217  C CB  . LYS A 1 27  ? -0.984  -10.647 -16.350 1.00 42.93  ? 66  LYS A CB  1 
ATOM   218  C CG  . LYS A 1 27  ? -2.021  -10.451 -17.443 1.00 54.54  ? 66  LYS A CG  1 
ATOM   219  C CD  . LYS A 1 27  ? -2.227  -11.686 -18.305 1.00 59.98  ? 66  LYS A CD  1 
ATOM   220  C CE  . LYS A 1 27  ? -2.671  -11.348 -19.712 1.00 68.58  ? 66  LYS A CE  1 
ATOM   221  N NZ  . LYS A 1 27  ? -3.745  -10.325 -19.723 1.00 71.12  ? 66  LYS A NZ  1 
ATOM   222  N N   . ASN A 1 28  ? -2.628  -10.632 -13.697 1.00 34.77  ? 67  ASN A N   1 
ATOM   223  C CA  . ASN A 1 28  ? -3.947  -10.841 -13.054 1.00 41.40  ? 67  ASN A CA  1 
ATOM   224  C C   . ASN A 1 28  ? -4.003  -10.239 -11.649 1.00 42.22  ? 67  ASN A C   1 
ATOM   225  O O   . ASN A 1 28  ? -5.116  -10.140 -11.114 1.00 40.83  ? 67  ASN A O   1 
ATOM   226  C CB  . ASN A 1 28  ? -4.338  -12.312 -13.079 1.00 42.21  ? 67  ASN A CB  1 
ATOM   227  C CG  . ASN A 1 28  ? -4.571  -12.757 -14.506 1.00 42.62  ? 67  ASN A CG  1 
ATOM   228  O OD1 . ASN A 1 28  ? -5.008  -11.960 -15.337 1.00 42.53  ? 67  ASN A OD1 1 
ATOM   229  N ND2 . ASN A 1 28  ? -4.231  -13.995 -14.794 1.00 43.85  ? 67  ASN A ND2 1 
ATOM   230  N N   . GLY A 1 29  ? -2.871  -9.808  -11.096 1.00 38.04  ? 68  GLY A N   1 
ATOM   231  C CA  . GLY A 1 29  ? -2.846  -9.055  -9.833  1.00 36.75  ? 68  GLY A CA  1 
ATOM   232  C C   . GLY A 1 29  ? -2.503  -9.973  -8.695  1.00 34.57  ? 68  GLY A C   1 
ATOM   233  O O   . GLY A 1 29  ? -2.992  -11.132 -8.684  1.00 34.97  ? 68  GLY A O   1 
ATOM   234  N N   . ARG A 1 30  ? -1.654  -9.492  -7.791  1.00 30.84  ? 69  ARG A N   1 
ATOM   235  C CA  . ARG A 1 30  ? -1.130  -10.248 -6.644  1.00 29.50  ? 69  ARG A CA  1 
ATOM   236  C C   . ARG A 1 30  ? -1.420  -9.472  -5.355  1.00 32.20  ? 69  ARG A C   1 
ATOM   237  O O   . ARG A 1 30  ? -1.160  -8.247  -5.282  1.00 27.67  ? 69  ARG A O   1 
ATOM   238  C CB  . ARG A 1 30  ? 0.365   -10.513 -6.821  1.00 34.85  ? 69  ARG A CB  1 
ATOM   239  C CG  . ARG A 1 30  ? 0.907   -11.543 -5.853  1.00 41.39  ? 69  ARG A CG  1 
ATOM   240  C CD  . ARG A 1 30  ? 0.331   -12.943 -6.069  1.00 44.29  ? 69  ARG A CD  1 
ATOM   241  N NE  . ARG A 1 30  ? 0.693   -13.554 -7.340  1.00 41.41  ? 69  ARG A NE  1 
ATOM   242  C CZ  . ARG A 1 30  ? 1.873   -14.119 -7.610  1.00 45.01  ? 69  ARG A CZ  1 
ATOM   243  N NH1 . ARG A 1 30  ? 2.091   -14.665 -8.796  1.00 47.07  ? 69  ARG A NH1 1 
ATOM   244  N NH2 . ARG A 1 30  ? 2.839   -14.124 -6.705  1.00 45.48  ? 69  ARG A NH2 1 
ATOM   245  N N   . ARG A 1 31  ? -1.977  -10.165 -4.368  1.00 29.68  ? 70  ARG A N   1 
ATOM   246  C CA  . ARG A 1 31  ? -2.204  -9.604  -3.018  1.00 30.59  ? 70  ARG A CA  1 
ATOM   247  C C   . ARG A 1 31  ? -0.848  -9.326  -2.381  1.00 30.03  ? 70  ARG A C   1 
ATOM   248  O O   . ARG A 1 31  ? 0.182   -9.976  -2.726  1.00 29.65  ? 70  ARG A O   1 
ATOM   249  C CB  . ARG A 1 31  ? -3.063  -10.580 -2.197  1.00 34.15  ? 70  ARG A CB  1 
ATOM   250  C CG  . ARG A 1 31  ? -4.545  -10.527 -2.543  1.00 37.29  ? 70  ARG A CG  1 
ATOM   251  C CD  . ARG A 1 31  ? -5.419  -11.478 -1.722  1.00 39.38  ? 70  ARG A CD  1 
ATOM   252  N NE  . ARG A 1 31  ? -5.179  -12.860 -2.097  1.00 48.28  ? 70  ARG A NE  1 
ATOM   253  C CZ  . ARG A 1 31  ? -5.789  -13.495 -3.109  1.00 51.91  ? 70  ARG A CZ  1 
ATOM   254  N NH1 . ARG A 1 31  ? -6.707  -12.875 -3.835  1.00 56.76  ? 70  ARG A NH1 1 
ATOM   255  N NH2 . ARG A 1 31  ? -5.491  -14.754 -3.389  1.00 51.54  ? 70  ARG A NH2 1 
ATOM   256  N N   . MET A 1 32  ? -0.846  -8.389  -1.444  1.00 27.97  ? 71  MET A N   1 
ATOM   257  C CA  . MET A 1 32  ? 0.365   -7.988  -0.708  1.00 29.49  ? 71  MET A CA  1 
ATOM   258  C C   . MET A 1 32  ? 0.599   -8.905  0.481   1.00 29.74  ? 71  MET A C   1 
ATOM   259  O O   . MET A 1 32  ? -0.387  -9.339  1.124   1.00 28.67  ? 71  MET A O   1 
ATOM   260  C CB  . MET A 1 32  ? 0.229   -6.556  -0.206  1.00 27.20  ? 71  MET A CB  1 
ATOM   261  C CG  . MET A 1 32  ? 0.002   -5.560  -1.339  1.00 29.13  ? 71  MET A CG  1 
ATOM   262  S SD  . MET A 1 32  ? -0.373  -3.913  -0.746  1.00 29.71  ? 71  MET A SD  1 
ATOM   263  C CE  . MET A 1 32  ? 1.186   -3.568  0.057   1.00 29.81  ? 71  MET A CE  1 
ATOM   264  N N   . PHE A 1 33  ? 1.871   -9.124  0.786   1.00 27.03  ? 72  PHE A N   1 
ATOM   265  C CA  . PHE A 1 33  ? 2.340   -9.600  2.100   1.00 27.68  ? 72  PHE A CA  1 
ATOM   266  C C   . PHE A 1 33  ? 3.555   -8.800  2.496   1.00 25.81  ? 72  PHE A C   1 
ATOM   267  O O   . PHE A 1 33  ? 4.486   -8.697  1.703   1.00 31.40  ? 72  PHE A O   1 
ATOM   268  C CB  . PHE A 1 33  ? 2.692   -11.088 2.142   1.00 27.65  ? 72  PHE A CB  1 
ATOM   269  C CG  . PHE A 1 33  ? 2.980   -11.496 3.554   1.00 29.19  ? 72  PHE A CG  1 
ATOM   270  C CD1 . PHE A 1 33  ? 1.941   -11.855 4.407   1.00 32.52  ? 72  PHE A CD1 1 
ATOM   271  C CD2 . PHE A 1 33  ? 4.262   -11.424 4.064   1.00 29.99  ? 72  PHE A CD2 1 
ATOM   272  C CE1 . PHE A 1 33  ? 2.206   -12.205 5.717   1.00 30.31  ? 72  PHE A CE1 1 
ATOM   273  C CE2 . PHE A 1 33  ? 4.514   -11.712 5.391   1.00 31.99  ? 72  PHE A CE2 1 
ATOM   274  C CZ  . PHE A 1 33  ? 3.485   -12.092 6.222   1.00 34.50  ? 72  PHE A CZ  1 
ATOM   275  N N   . PRO A 1 34  ? 3.601   -8.200  3.699   1.00 26.04  ? 73  PRO A N   1 
ATOM   276  C CA  . PRO A 1 34  ? 2.482   -8.182  4.636   1.00 27.63  ? 73  PRO A CA  1 
ATOM   277  C C   . PRO A 1 34  ? 1.285   -7.418  4.049   1.00 26.50  ? 73  PRO A C   1 
ATOM   278  O O   . PRO A 1 34  ? 1.421   -6.678  3.080   1.00 25.04  ? 73  PRO A O   1 
ATOM   279  C CB  . PRO A 1 34  ? 3.033   -7.464  5.874   1.00 29.14  ? 73  PRO A CB  1 
ATOM   280  C CG  . PRO A 1 34  ? 4.547   -7.543  5.742   1.00 29.91  ? 73  PRO A CG  1 
ATOM   281  C CD  . PRO A 1 34  ? 4.794   -7.546  4.257   1.00 26.90  ? 73  PRO A CD  1 
ATOM   282  N N   . VAL A 1 35  ? 0.133   -7.636  4.680   1.00 27.60  ? 74  VAL A N   1 
ATOM   283  C CA  . VAL A 1 35  ? -1.099  -6.868  4.402   1.00 27.00  ? 74  VAL A CA  1 
ATOM   284  C C   . VAL A 1 35  ? -1.029  -5.555  5.179   1.00 24.40  ? 74  VAL A C   1 
ATOM   285  O O   . VAL A 1 35  ? -0.707  -5.584  6.397   1.00 25.71  ? 74  VAL A O   1 
ATOM   286  C CB  . VAL A 1 35  ? -2.329  -7.710  4.773   1.00 33.47  ? 74  VAL A CB  1 
ATOM   287  C CG1 . VAL A 1 35  ? -3.602  -6.875  4.726   1.00 35.50  ? 74  VAL A CG1 1 
ATOM   288  C CG2 . VAL A 1 35  ? -2.410  -8.922  3.860   1.00 36.29  ? 74  VAL A CG2 1 
ATOM   289  N N   . LEU A 1 36  ? -1.421  -4.468  4.522   1.00 25.49  ? 75  LEU A N   1 
ATOM   290  C CA  . LEU A 1 36  ? -1.558  -3.159  5.188   1.00 25.30  ? 75  LEU A CA  1 
ATOM   291  C C   . LEU A 1 36  ? -2.796  -3.185  6.085   1.00 24.28  ? 75  LEU A C   1 
ATOM   292  O O   . LEU A 1 36  ? -3.908  -3.414  5.553   1.00 23.95  ? 75  LEU A O   1 
ATOM   293  C CB  . LEU A 1 36  ? -1.679  -2.056  4.158   1.00 26.60  ? 75  LEU A CB  1 
ATOM   294  C CG  . LEU A 1 36  ? -1.789  -0.669  4.750   1.00 31.60  ? 75  LEU A CG  1 
ATOM   295  C CD1 . LEU A 1 36  ? -0.517  -0.288  5.493   1.00 34.20  ? 75  LEU A CD1 1 
ATOM   296  C CD2 . LEU A 1 36  ? -2.122  0.367   3.679   1.00 32.24  ? 75  LEU A CD2 1 
ATOM   297  N N   . LYS A 1 37  ? -2.584  -2.954  7.368   1.00 24.95  ? 76  LYS A N   1 
ATOM   298  C CA  . LYS A 1 37  ? -3.648  -2.922  8.399   1.00 23.57  ? 76  LYS A CA  1 
ATOM   299  C C   . LYS A 1 37  ? -3.354  -1.732  9.275   1.00 22.86  ? 76  LYS A C   1 
ATOM   300  O O   . LYS A 1 37  ? -2.191  -1.553  9.646   1.00 22.28  ? 76  LYS A O   1 
ATOM   301  C CB  . LYS A 1 37  ? -3.656  -4.173  9.282   1.00 27.69  ? 76  LYS A CB  1 
ATOM   302  C CG  . LYS A 1 37  ? -3.691  -5.492  8.534   1.00 34.22  ? 76  LYS A CG  1 
ATOM   303  C CD  . LYS A 1 37  ? -3.600  -6.710  9.446   1.00 40.49  ? 76  LYS A CD  1 
ATOM   304  C CE  . LYS A 1 37  ? -2.735  -7.798  8.838   1.00 48.32  ? 76  LYS A CE  1 
ATOM   305  N NZ  . LYS A 1 37  ? -1.325  -7.347  8.666   1.00 53.78  ? 76  LYS A NZ  1 
ATOM   306  N N   . VAL A 1 38  ? -4.383  -0.984  9.634   1.00 22.14  ? 77  VAL A N   1 
ATOM   307  C CA  . VAL A 1 38  ? -4.216  0.184   10.530  1.00 23.59  ? 77  VAL A CA  1 
ATOM   308  C C   . VAL A 1 38  ? -5.283  0.175   11.612  1.00 21.97  ? 77  VAL A C   1 
ATOM   309  O O   . VAL A 1 38  ? -6.357  -0.358  11.396  1.00 25.76  ? 77  VAL A O   1 
ATOM   310  C CB  . VAL A 1 38  ? -4.249  1.495   9.737   1.00 25.82  ? 77  VAL A CB  1 
ATOM   311  C CG1 . VAL A 1 38  ? -3.140  1.516   8.717   1.00 25.35  ? 77  VAL A CG1 1 
ATOM   312  C CG2 . VAL A 1 38  ? -5.591  1.704   9.060   1.00 26.42  ? 77  VAL A CG2 1 
ATOM   313  N N   . ASN A 1 39  ? -4.917  0.775   12.726  1.00 22.79  ? 78  ASN A N   1 
ATOM   314  C CA  . ASN A 1 39  ? -5.839  1.056   13.852  1.00 22.88  ? 78  ASN A CA  1 
ATOM   315  C C   . ASN A 1 39  ? -6.198  2.534   13.733  1.00 23.99  ? 78  ASN A C   1 
ATOM   316  O O   . ASN A 1 39  ? -5.357  3.375   13.242  1.00 23.04  ? 78  ASN A O   1 
ATOM   317  C CB  . ASN A 1 39  ? -5.258  0.626   15.198  1.00 25.12  ? 78  ASN A CB  1 
ATOM   318  C CG  . ASN A 1 39  ? -3.918  1.241   15.484  1.00 29.22  ? 78  ASN A CG  1 
ATOM   319  O OD1 . ASN A 1 39  ? -3.819  2.453   15.689  1.00 29.64  ? 78  ASN A OD1 1 
ATOM   320  N ND2 . ASN A 1 39  ? -2.884  0.417   15.477  1.00 32.65  ? 78  ASN A ND2 1 
ATOM   321  N N   . VAL A 1 40  ? -7.435  2.842   14.069  1.00 22.07  ? 79  VAL A N   1 
ATOM   322  C CA  . VAL A 1 40  ? -7.999  4.196   13.883  1.00 23.51  ? 79  VAL A CA  1 
ATOM   323  C C   . VAL A 1 40  ? -8.659  4.620   15.187  1.00 24.03  ? 79  VAL A C   1 
ATOM   324  O O   . VAL A 1 40  ? -9.448  3.869   15.743  1.00 24.62  ? 79  VAL A O   1 
ATOM   325  C CB  . VAL A 1 40  ? -8.995  4.250   12.716  1.00 24.73  ? 79  VAL A CB  1 
ATOM   326  C CG1 . VAL A 1 40  ? -9.538  5.653   12.484  1.00 27.15  ? 79  VAL A CG1 1 
ATOM   327  C CG2 . VAL A 1 40  ? -8.399  3.664   11.435  1.00 26.57  ? 79  VAL A CG2 1 
ATOM   328  N N   . SER A 1 41  ? -8.325  5.808   15.646  1.00 23.81  ? 80  SER A N   1 
ATOM   329  C CA  . SER A 1 41  ? -9.077  6.468   16.729  1.00 25.54  ? 80  SER A CA  1 
ATOM   330  C C   . SER A 1 41  ? -9.325  7.931   16.359  1.00 22.23  ? 80  SER A C   1 
ATOM   331  O O   . SER A 1 41  ? -8.630  8.483   15.515  1.00 23.20  ? 80  SER A O   1 
ATOM   332  C CB  . SER A 1 41  ? -8.371  6.321   18.070  1.00 26.12  ? 80  SER A CB  1 
ATOM   333  O OG  . SER A 1 41  ? -7.172  7.103   18.105  1.00 30.45  ? 80  SER A OG  1 
ATOM   334  N N   . GLY A 1 42  ? -10.339 8.522   16.981  1.00 23.47  ? 81  GLY A N   1 
ATOM   335  C CA  . GLY A 1 42  ? -10.643 9.952   16.827  1.00 21.19  ? 81  GLY A CA  1 
ATOM   336  C C   . GLY A 1 42  ? -11.506 10.265  15.633  1.00 23.23  ? 81  GLY A C   1 
ATOM   337  O O   . GLY A 1 42  ? -11.648 11.465  15.307  1.00 25.38  ? 81  GLY A O   1 
ATOM   338  N N   . LEU A 1 43  ? -12.104 9.275   14.959  1.00 23.85  ? 82  LEU A N   1 
ATOM   339  C CA  . LEU A 1 43  ? -13.235 9.580   14.053  1.00 22.50  ? 82  LEU A CA  1 
ATOM   340  C C   . LEU A 1 43  ? -14.467 9.896   14.897  1.00 22.70  ? 82  LEU A C   1 
ATOM   341  O O   . LEU A 1 43  ? -14.517 9.565   16.092  1.00 22.55  ? 82  LEU A O   1 
ATOM   342  C CB  . LEU A 1 43  ? -13.523 8.380   13.151  1.00 23.52  ? 82  LEU A CB  1 
ATOM   343  C CG  . LEU A 1 43  ? -12.500 8.058   12.063  1.00 23.97  ? 82  LEU A CG  1 
ATOM   344  C CD1 . LEU A 1 43  ? -12.928 6.815   11.308  1.00 27.09  ? 82  LEU A CD1 1 
ATOM   345  C CD2 . LEU A 1 43  ? -12.318 9.225   11.123  1.00 26.36  ? 82  LEU A CD2 1 
ATOM   346  N N   . ASP A 1 44  ? -15.452 10.509  14.244  1.00 23.14  ? 83  ASP A N   1 
ATOM   347  C CA  . ASP A 1 44  ? -16.786 10.664  14.844  1.00 25.19  ? 83  ASP A CA  1 
ATOM   348  C C   . ASP A 1 44  ? -17.444 9.305   14.747  1.00 21.97  ? 83  ASP A C   1 
ATOM   349  O O   . ASP A 1 44  ? -17.658 8.862   13.627  1.00 22.67  ? 83  ASP A O   1 
ATOM   350  C CB  . ASP A 1 44  ? -17.553 11.761  14.121  1.00 24.79  ? 83  ASP A CB  1 
ATOM   351  C CG  . ASP A 1 44  ? -18.921 11.988  14.711  1.00 31.28  ? 83  ASP A CG  1 
ATOM   352  O OD1 . ASP A 1 44  ? -19.405 11.124  15.489  1.00 30.78  ? 83  ASP A OD1 1 
ATOM   353  O OD2 . ASP A 1 44  ? -19.495 13.033  14.385  1.00 33.70  ? 83  ASP A OD2 1 
ATOM   354  N N   . PRO A 1 45  ? -17.737 8.581   15.852  1.00 24.12  ? 84  PRO A N   1 
ATOM   355  C CA  . PRO A 1 45  ? -18.309 7.236   15.736  1.00 23.08  ? 84  PRO A CA  1 
ATOM   356  C C   . PRO A 1 45  ? -19.645 7.242   14.988  1.00 22.66  ? 84  PRO A C   1 
ATOM   357  O O   . PRO A 1 45  ? -19.990 6.246   14.381  1.00 23.78  ? 84  PRO A O   1 
ATOM   358  C CB  . PRO A 1 45  ? -18.540 6.765   17.177  1.00 25.80  ? 84  PRO A CB  1 
ATOM   359  C CG  . PRO A 1 45  ? -18.404 7.999   18.039  1.00 28.37  ? 84  PRO A CG  1 
ATOM   360  C CD  . PRO A 1 45  ? -17.556 8.977   17.258  1.00 26.41  ? 84  PRO A CD  1 
ATOM   361  N N   . ASN A 1 46  ? -20.360 8.370   15.057  1.00 23.78  ? 85  ASN A N   1 
ATOM   362  C CA  . ASN A 1 46  ? -21.700 8.564   14.453  1.00 24.97  ? 85  ASN A CA  1 
ATOM   363  C C   . ASN A 1 46  ? -21.629 8.841   12.947  1.00 27.42  ? 85  ASN A C   1 
ATOM   364  O O   . ASN A 1 46  ? -22.648 8.618   12.264  1.00 30.17  ? 85  ASN A O   1 
ATOM   365  C CB  . ASN A 1 46  ? -22.434 9.715   15.136  1.00 28.20  ? 85  ASN A CB  1 
ATOM   366  C CG  . ASN A 1 46  ? -22.474 9.582   16.639  1.00 32.91  ? 85  ASN A CG  1 
ATOM   367  O OD1 . ASN A 1 46  ? -22.793 8.518   17.155  1.00 32.03  ? 85  ASN A OD1 1 
ATOM   368  N ND2 . ASN A 1 46  ? -22.060 10.629  17.349  1.00 38.48  ? 85  ASN A ND2 1 
ATOM   369  N N   . ALA A 1 47  ? -20.520 9.354   12.433  1.00 23.85  ? 86  ALA A N   1 
ATOM   370  C CA  . ALA A 1 47  ? -20.398 9.826   11.039  1.00 23.60  ? 86  ALA A CA  1 
ATOM   371  C C   . ALA A 1 47  ? -20.099 8.633   10.129  1.00 22.70  ? 86  ALA A C   1 
ATOM   372  O O   . ALA A 1 47  ? -19.727 7.580   10.687  1.00 22.41  ? 86  ALA A O   1 
ATOM   373  C CB  . ALA A 1 47  ? -19.343 10.889  10.952  1.00 23.73  ? 86  ALA A CB  1 
ATOM   374  N N   . MET A 1 48  ? -20.304 8.786   8.822   1.00 21.86  ? 87  MET A N   1 
ATOM   375  C CA  . MET A 1 48  ? -19.929 7.732   7.850   1.00 21.91  ? 87  MET A CA  1 
ATOM   376  C C   . MET A 1 48  ? -18.714 8.195   7.061   1.00 20.02  ? 87  MET A C   1 
ATOM   377  O O   . MET A 1 48  ? -18.598 9.406   6.766   1.00 22.58  ? 87  MET A O   1 
ATOM   378  C CB  . MET A 1 48  ? -21.083 7.347   6.933   1.00 24.84  ? 87  MET A CB  1 
ATOM   379  C CG  . MET A 1 48  ? -22.228 6.751   7.700   1.00 26.99  ? 87  MET A CG  1 
ATOM   380  S SD  . MET A 1 48  ? -23.405 5.969   6.590   1.00 27.90  ? 87  MET A SD  1 
ATOM   381  C CE  . MET A 1 48  ? -22.568 4.440   6.161   1.00 29.16  ? 87  MET A CE  1 
ATOM   382  N N   . TYR A 1 49  ? -17.826 7.242   6.781   1.00 21.19  ? 88  TYR A N   1 
ATOM   383  C CA  . TYR A 1 49  ? -16.549 7.469   6.065   1.00 21.04  ? 88  TYR A CA  1 
ATOM   384  C C   . TYR A 1 49  ? -16.304 6.320   5.100   1.00 22.26  ? 88  TYR A C   1 
ATOM   385  O O   . TYR A 1 49  ? -16.697 5.174   5.395   1.00 20.73  ? 88  TYR A O   1 
ATOM   386  C CB  . TYR A 1 49  ? -15.362 7.519   7.019   1.00 22.05  ? 88  TYR A CB  1 
ATOM   387  C CG  . TYR A 1 49  ? -15.496 8.473   8.164   1.00 22.33  ? 88  TYR A CG  1 
ATOM   388  C CD1 . TYR A 1 49  ? -14.996 9.758   8.046   1.00 21.49  ? 88  TYR A CD1 1 
ATOM   389  C CD2 . TYR A 1 49  ? -16.095 8.111   9.362   1.00 21.04  ? 88  TYR A CD2 1 
ATOM   390  C CE1 . TYR A 1 49  ? -15.086 10.651  9.093   1.00 22.13  ? 88  TYR A CE1 1 
ATOM   391  C CE2 . TYR A 1 49  ? -16.224 9.007   10.407  1.00 21.61  ? 88  TYR A CE2 1 
ATOM   392  C CZ  . TYR A 1 49  ? -15.716 10.284  10.275  1.00 22.39  ? 88  TYR A CZ  1 
ATOM   393  O OH  . TYR A 1 49  ? -15.775 11.107  11.360  1.00 26.66  ? 88  TYR A OH  1 
ATOM   394  N N   . SER A 1 50  ? -15.619 6.624   3.996   1.00 22.16  ? 89  SER A N   1 
ATOM   395  C CA  . SER A 1 50  ? -14.993 5.591   3.139   1.00 22.00  ? 89  SER A CA  1 
ATOM   396  C C   . SER A 1 50  ? -13.476 5.625   3.356   1.00 23.32  ? 89  SER A C   1 
ATOM   397  O O   . SER A 1 50  ? -12.948 6.702   3.650   1.00 22.68  ? 89  SER A O   1 
ATOM   398  C CB  . SER A 1 50  ? -15.372 5.782   1.718   1.00 25.49  ? 89  SER A CB  1 
ATOM   399  O OG  . SER A 1 50  ? -16.778 5.738   1.592   1.00 27.38  ? 89  SER A OG  1 
ATOM   400  N N   . PHE A 1 51  ? -12.831 4.478   3.244   1.00 21.73  ? 90  PHE A N   1 
ATOM   401  C CA  . PHE A 1 51  ? -11.373 4.300   3.328   1.00 23.02  ? 90  PHE A CA  1 
ATOM   402  C C   . PHE A 1 51  ? -10.881 3.983   1.923   1.00 22.82  ? 90  PHE A C   1 
ATOM   403  O O   . PHE A 1 51  ? -11.342 3.010   1.315   1.00 26.04  ? 90  PHE A O   1 
ATOM   404  C CB  . PHE A 1 51  ? -10.988 3.243   4.364   1.00 22.23  ? 90  PHE A CB  1 
ATOM   405  C CG  . PHE A 1 51  ? -10.881 3.720   5.793   1.00 21.33  ? 90  PHE A CG  1 
ATOM   406  C CD1 . PHE A 1 51  ? -9.736  3.517   6.537   1.00 20.82  ? 90  PHE A CD1 1 
ATOM   407  C CD2 . PHE A 1 51  ? -11.921 4.381   6.412   1.00 20.13  ? 90  PHE A CD2 1 
ATOM   408  C CE1 . PHE A 1 51  ? -9.629  3.988   7.844   1.00 21.53  ? 90  PHE A CE1 1 
ATOM   409  C CE2 . PHE A 1 51  ? -11.811 4.865   7.695   1.00 20.68  ? 90  PHE A CE2 1 
ATOM   410  C CZ  . PHE A 1 51  ? -10.698 4.620   8.437   1.00 21.27  ? 90  PHE A CZ  1 
ATOM   411  N N   . LEU A 1 52  ? -9.924  4.780   1.434   1.00 25.51  ? 91  LEU A N   1 
ATOM   412  C CA  . LEU A 1 52  ? -9.313  4.580   0.096   1.00 25.14  ? 91  LEU A CA  1 
ATOM   413  C C   . LEU A 1 52  ? -7.815  4.360   0.277   1.00 23.93  ? 91  LEU A C   1 
ATOM   414  O O   . LEU A 1 52  ? -7.231  4.846   1.262   1.00 24.29  ? 91  LEU A O   1 
ATOM   415  C CB  . LEU A 1 52  ? -9.519  5.797   -0.815  1.00 28.68  ? 91  LEU A CB  1 
ATOM   416  C CG  . LEU A 1 52  ? -10.856 6.003   -1.529  1.00 38.77  ? 91  LEU A CG  1 
ATOM   417  C CD1 . LEU A 1 52  ? -12.037 5.660   -0.668  1.00 35.54  ? 91  LEU A CD1 1 
ATOM   418  C CD2 . LEU A 1 52  ? -10.944 7.460   -2.028  1.00 40.33  ? 91  LEU A CD2 1 
ATOM   419  N N   . LEU A 1 53  ? -7.246  3.588   -0.632  1.00 23.29  ? 92  LEU A N   1 
ATOM   420  C CA  . LEU A 1 53  ? -5.800  3.282   -0.599  1.00 22.28  ? 92  LEU A CA  1 
ATOM   421  C C   . LEU A 1 53  ? -5.226  3.622   -1.954  1.00 22.14  ? 92  LEU A C   1 
ATOM   422  O O   . LEU A 1 53  ? -5.751  3.158   -2.974  1.00 23.50  ? 92  LEU A O   1 
ATOM   423  C CB  . LEU A 1 53  ? -5.614  1.821   -0.212  1.00 24.10  ? 92  LEU A CB  1 
ATOM   424  C CG  . LEU A 1 53  ? -4.230  1.222   -0.447  1.00 23.42  ? 92  LEU A CG  1 
ATOM   425  C CD1 . LEU A 1 53  ? -3.195  1.824   0.487   1.00 23.34  ? 92  LEU A CD1 1 
ATOM   426  C CD2 . LEU A 1 53  ? -4.290  -0.282  -0.326  1.00 23.97  ? 92  LEU A CD2 1 
ATOM   427  N N   . ASP A 1 54  ? -4.131  4.362   -1.972  1.00 23.36  ? 93  ASP A N   1 
ATOM   428  C CA  . ASP A 1 54  ? -3.376  4.453   -3.240  1.00 22.57  ? 93  ASP A CA  1 
ATOM   429  C C   . ASP A 1 54  ? -1.895  4.305   -2.938  1.00 21.57  ? 93  ASP A C   1 
ATOM   430  O O   . ASP A 1 54  ? -1.524  4.104   -1.791  1.00 21.57  ? 93  ASP A O   1 
ATOM   431  C CB  . ASP A 1 54  ? -3.707  5.731   -4.016  1.00 23.16  ? 93  ASP A CB  1 
ATOM   432  C CG  . ASP A 1 54  ? -3.264  7.063   -3.443  1.00 27.54  ? 93  ASP A CG  1 
ATOM   433  O OD1 . ASP A 1 54  ? -2.889  7.138   -2.277  1.00 24.24  ? 93  ASP A OD1 1 
ATOM   434  O OD2 . ASP A 1 54  ? -3.263  8.033   -4.202  1.00 33.64  ? 93  ASP A OD2 1 
ATOM   435  N N   . PHE A 1 55  ? -1.081  4.418   -3.982  1.00 22.23  ? 94  PHE A N   1 
ATOM   436  C CA  . PHE A 1 55  ? 0.374   4.123   -3.890  1.00 22.27  ? 94  PHE A CA  1 
ATOM   437  C C   . PHE A 1 55  ? 1.110   5.277   -4.541  1.00 23.29  ? 94  PHE A C   1 
ATOM   438  O O   . PHE A 1 55  ? 0.902   5.512   -5.724  1.00 28.07  ? 94  PHE A O   1 
ATOM   439  C CB  . PHE A 1 55  ? 0.644   2.771   -4.555  1.00 23.02  ? 94  PHE A CB  1 
ATOM   440  C CG  . PHE A 1 55  ? 0.063   1.584   -3.825  1.00 22.08  ? 94  PHE A CG  1 
ATOM   441  C CD1 . PHE A 1 55  ? 0.850   0.831   -2.957  1.00 24.95  ? 94  PHE A CD1 1 
ATOM   442  C CD2 . PHE A 1 55  ? -1.287  1.268   -3.946  1.00 22.83  ? 94  PHE A CD2 1 
ATOM   443  C CE1 . PHE A 1 55  ? 0.298   -0.222  -2.237  1.00 24.53  ? 94  PHE A CE1 1 
ATOM   444  C CE2 . PHE A 1 55  ? -1.824  0.199   -3.254  1.00 23.29  ? 94  PHE A CE2 1 
ATOM   445  C CZ  . PHE A 1 55  ? -1.026  -0.561  -2.425  1.00 24.19  ? 94  PHE A CZ  1 
ATOM   446  N N   . VAL A 1 56  ? 1.958   5.942   -3.776  1.00 24.84  ? 95  VAL A N   1 
ATOM   447  C CA  . VAL A 1 56  ? 2.660   7.155   -4.258  1.00 23.12  ? 95  VAL A CA  1 
ATOM   448  C C   . VAL A 1 56  ? 4.060   6.725   -4.709  1.00 23.96  ? 95  VAL A C   1 
ATOM   449  O O   . VAL A 1 56  ? 4.760   6.017   -3.941  1.00 22.98  ? 95  VAL A O   1 
ATOM   450  C CB  . VAL A 1 56  ? 2.696   8.198   -3.141  1.00 26.91  ? 95  VAL A CB  1 
ATOM   451  C CG1 . VAL A 1 56  ? 3.448   9.428   -3.588  1.00 31.20  ? 95  VAL A CG1 1 
ATOM   452  C CG2 . VAL A 1 56  ? 1.272   8.547   -2.690  1.00 28.78  ? 95  VAL A CG2 1 
ATOM   453  N N   . ALA A 1 57  ? 4.453   7.130   -5.904  1.00 26.09  ? 96  ALA A N   1 
ATOM   454  C CA  . ALA A 1 57  ? 5.810   6.887   -6.438  1.00 27.52  ? 96  ALA A CA  1 
ATOM   455  C C   . ALA A 1 57  ? 6.819   7.665   -5.591  1.00 28.28  ? 96  ALA A C   1 
ATOM   456  O O   . ALA A 1 57  ? 6.609   8.858   -5.366  1.00 27.75  ? 96  ALA A O   1 
ATOM   457  C CB  . ALA A 1 57  ? 5.869   7.290   -7.897  1.00 30.46  ? 96  ALA A CB  1 
ATOM   458  N N   . ALA A 1 58  ? 7.887   7.004   -5.139  1.00 26.29  ? 97  ALA A N   1 
ATOM   459  C CA  . ALA A 1 58  ? 8.817   7.544   -4.126  1.00 27.95  ? 97  ALA A CA  1 
ATOM   460  C C   . ALA A 1 58  ? 9.932   8.307   -4.846  1.00 30.89  ? 97  ALA A C   1 
ATOM   461  O O   . ALA A 1 58  ? 10.477  9.259   -4.236  1.00 33.87  ? 97  ALA A O   1 
ATOM   462  C CB  . ALA A 1 58  ? 9.344   6.438   -3.241  1.00 30.38  ? 97  ALA A CB  1 
ATOM   463  N N   . ASP A 1 59  ? 10.226  8.008   -6.118  1.00 29.65  ? 98  ASP A N   1 
ATOM   464  C CA  . ASP A 1 59  ? 11.507  8.498   -6.719  1.00 31.35  ? 98  ASP A CA  1 
ATOM   465  C C   . ASP A 1 59  ? 11.356  8.998   -8.142  1.00 32.16  ? 98  ASP A C   1 
ATOM   466  O O   . ASP A 1 59  ? 10.494  8.489   -8.872  1.00 32.63  ? 98  ASP A O   1 
ATOM   467  C CB  . ASP A 1 59  ? 12.545  7.373   -6.801  1.00 29.28  ? 98  ASP A CB  1 
ATOM   468  C CG  . ASP A 1 59  ? 12.685  6.651   -5.492  1.00 28.89  ? 98  ASP A CG  1 
ATOM   469  O OD1 . ASP A 1 59  ? 12.388  5.456   -5.470  1.00 34.45  ? 98  ASP A OD1 1 
ATOM   470  O OD2 . ASP A 1 59  ? 13.032  7.303   -4.517  1.00 34.09  ? 98  ASP A OD2 1 
ATOM   471  N N   . ASN A 1 60  ? 12.291  9.853   -8.577  1.00 31.83  ? 99  ASN A N   1 
ATOM   472  C CA  . ASN A 1 60  ? 12.360  10.279  -9.999  1.00 35.05  ? 99  ASN A CA  1 
ATOM   473  C C   . ASN A 1 60  ? 13.295  9.345   -10.793 1.00 32.28  ? 99  ASN A C   1 
ATOM   474  O O   . ASN A 1 60  ? 13.956  9.815   -11.728 1.00 30.44  ? 99  ASN A O   1 
ATOM   475  C CB  . ASN A 1 60  ? 12.772  11.758  -10.117 1.00 41.90  ? 99  ASN A CB  1 
ATOM   476  C CG  . ASN A 1 60  ? 14.212  12.038  -9.734  1.00 54.57  ? 99  ASN A CG  1 
ATOM   477  O OD1 . ASN A 1 60  ? 14.892  11.177  -9.181  1.00 64.85  ? 99  ASN A OD1 1 
ATOM   478  N ND2 . ASN A 1 60  ? 14.695  13.243  -10.013 1.00 58.42  ? 99  ASN A ND2 1 
ATOM   479  N N   . HIS A 1 61  ? 13.354  8.051   -10.467 1.00 27.85  ? 100 HIS A N   1 
ATOM   480  C CA  . HIS A 1 61  ? 14.297  7.105   -11.104 1.00 27.00  ? 100 HIS A CA  1 
ATOM   481  C C   . HIS A 1 61  ? 13.824  5.706   -10.749 1.00 25.94  ? 100 HIS A C   1 
ATOM   482  O O   . HIS A 1 61  ? 12.993  5.583   -9.802  1.00 28.75  ? 100 HIS A O   1 
ATOM   483  C CB  . HIS A 1 61  ? 15.746  7.370   -10.663 1.00 28.72  ? 100 HIS A CB  1 
ATOM   484  C CG  . HIS A 1 61  ? 16.028  7.024   -9.242  1.00 27.71  ? 100 HIS A CG  1 
ATOM   485  N ND1 . HIS A 1 61  ? 16.176  7.980   -8.255  1.00 30.07  ? 100 HIS A ND1 1 
ATOM   486  C CD2 . HIS A 1 61  ? 16.198  5.828   -8.643  1.00 26.09  ? 100 HIS A CD2 1 
ATOM   487  C CE1 . HIS A 1 61  ? 16.460  7.393   -7.108  1.00 24.79  ? 100 HIS A CE1 1 
ATOM   488  N NE2 . HIS A 1 61  ? 16.442  6.060   -7.314  1.00 33.00  ? 100 HIS A NE2 1 
ATOM   489  N N   . ARG A 1 62  ? 14.276  4.716   -11.490 1.00 27.37  ? 101 ARG A N   1 
ATOM   490  C CA  . ARG A 1 62  ? 13.939  3.337   -11.119 1.00 26.82  ? 101 ARG A CA  1 
ATOM   491  C C   . ARG A 1 62  ? 15.132  2.723   -10.394 1.00 22.61  ? 101 ARG A C   1 
ATOM   492  O O   . ARG A 1 62  ? 16.158  3.383   -10.134 1.00 23.43  ? 101 ARG A O   1 
ATOM   493  C CB  . ARG A 1 62  ? 13.467  2.552   -12.339 1.00 29.42  ? 101 ARG A CB  1 
ATOM   494  C CG  . ARG A 1 62  ? 14.575  2.203   -13.301 1.00 37.24  ? 101 ARG A CG  1 
ATOM   495  C CD  . ARG A 1 62  ? 13.939  1.573   -14.512 1.00 42.02  ? 101 ARG A CD  1 
ATOM   496  N NE  . ARG A 1 62  ? 14.921  1.174   -15.491 1.00 47.69  ? 101 ARG A NE  1 
ATOM   497  C CZ  . ARG A 1 62  ? 14.610  0.601   -16.647 1.00 59.09  ? 101 ARG A CZ  1 
ATOM   498  N NH1 . ARG A 1 62  ? 15.568  0.264   -17.495 1.00 56.78  ? 101 ARG A NH1 1 
ATOM   499  N NH2 . ARG A 1 62  ? 13.339  0.342   -16.934 1.00 60.83  ? 101 ARG A NH2 1 
ATOM   500  N N   . TRP A 1 63  ? 14.931  1.490   -9.979  1.00 21.43  ? 102 TRP A N   1 
ATOM   501  C CA  . TRP A 1 63  ? 15.875  0.761   -9.114  1.00 22.61  ? 102 TRP A CA  1 
ATOM   502  C C   . TRP A 1 63  ? 16.311  -0.484  -9.885  1.00 22.86  ? 102 TRP A C   1 
ATOM   503  O O   . TRP A 1 63  ? 15.611  -0.931  -10.796 1.00 25.07  ? 102 TRP A O   1 
ATOM   504  C CB  . TRP A 1 63  ? 15.235  0.367   -7.769  1.00 22.93  ? 102 TRP A CB  1 
ATOM   505  C CG  . TRP A 1 63  ? 14.982  1.545   -6.901  1.00 23.12  ? 102 TRP A CG  1 
ATOM   506  C CD1 . TRP A 1 63  ? 13.835  2.292   -6.827  1.00 23.45  ? 102 TRP A CD1 1 
ATOM   507  C CD2 . TRP A 1 63  ? 15.942  2.186   -6.046  1.00 24.49  ? 102 TRP A CD2 1 
ATOM   508  N NE1 . TRP A 1 63  ? 14.027  3.325   -5.963  1.00 23.89  ? 102 TRP A NE1 1 
ATOM   509  C CE2 . TRP A 1 63  ? 15.287  3.282   -5.446  1.00 26.84  ? 102 TRP A CE2 1 
ATOM   510  C CE3 . TRP A 1 63  ? 17.261  1.912   -5.669  1.00 24.12  ? 102 TRP A CE3 1 
ATOM   511  C CZ2 . TRP A 1 63  ? 15.920  4.109   -4.515  1.00 24.29  ? 102 TRP A CZ2 1 
ATOM   512  C CZ3 . TRP A 1 63  ? 17.887  2.743   -4.763  1.00 30.14  ? 102 TRP A CZ3 1 
ATOM   513  C CH2 . TRP A 1 63  ? 17.238  3.854   -4.221  1.00 27.03  ? 102 TRP A CH2 1 
ATOM   514  N N   A LYS A 1 64  ? 17.459  -1.030  -9.488  0.25 24.23  ? 103 LYS A N   1 
ATOM   515  N N   B LYS A 1 64  ? 17.462  -1.030  -9.514  0.25 24.20  ? 103 LYS A N   1 
ATOM   516  C CA  A LYS A 1 64  ? 18.042  -2.294  -10.010 0.25 24.42  ? 103 LYS A CA  1 
ATOM   517  C CA  B LYS A 1 64  ? 17.912  -2.362  -9.980  0.25 24.31  ? 103 LYS A CA  1 
ATOM   518  C C   A LYS A 1 64  ? 18.752  -2.997  -8.853  0.25 24.33  ? 103 LYS A C   1 
ATOM   519  C C   B LYS A 1 64  ? 18.737  -3.003  -8.869  0.25 24.33  ? 103 LYS A C   1 
ATOM   520  O O   A LYS A 1 64  ? 19.339  -2.294  -8.023  0.25 22.75  ? 103 LYS A O   1 
ATOM   521  O O   B LYS A 1 64  ? 19.369  -2.269  -8.098  0.25 22.72  ? 103 LYS A O   1 
ATOM   522  C CB  A LYS A 1 64  ? 19.032  -2.015  -11.146 0.25 25.67  ? 103 LYS A CB  1 
ATOM   523  C CB  B LYS A 1 64  ? 18.693  -2.278  -11.293 0.25 25.69  ? 103 LYS A CB  1 
ATOM   524  C CG  A LYS A 1 64  ? 19.439  -3.229  -11.973 0.25 28.03  ? 103 LYS A CG  1 
ATOM   525  C CG  B LYS A 1 64  ? 19.986  -1.478  -11.260 0.25 27.36  ? 103 LYS A CG  1 
ATOM   526  C CD  A LYS A 1 64  ? 20.455  -2.902  -13.052 0.25 29.64  ? 103 LYS A CD  1 
ATOM   527  C CD  B LYS A 1 64  ? 20.733  -1.560  -12.578 0.25 29.41  ? 103 LYS A CD  1 
ATOM   528  C CE  A LYS A 1 64  ? 20.849  -4.098  -13.889 0.25 30.86  ? 103 LYS A CE  1 
ATOM   529  C CE  B LYS A 1 64  ? 21.527  -0.322  -12.939 0.25 31.02  ? 103 LYS A CE  1 
ATOM   530  N NZ  A LYS A 1 64  ? 21.994  -3.778  -14.776 0.25 32.71  ? 103 LYS A NZ  1 
ATOM   531  N NZ  B LYS A 1 64  ? 22.288  0.236   -11.799 0.25 33.54  ? 103 LYS A NZ  1 
ATOM   532  N N   . TYR A 1 65  ? 18.691  -4.329  -8.813  1.00 23.47  ? 104 TYR A N   1 
ATOM   533  C CA  . TYR A 1 65  ? 19.341  -5.146  -7.775  1.00 22.83  ? 104 TYR A CA  1 
ATOM   534  C C   . TYR A 1 65  ? 20.621  -5.695  -8.397  1.00 23.83  ? 104 TYR A C   1 
ATOM   535  O O   . TYR A 1 65  ? 20.499  -6.447  -9.357  1.00 26.42  ? 104 TYR A O   1 
ATOM   536  C CB  . TYR A 1 65  ? 18.426  -6.286  -7.330  1.00 23.14  ? 104 TYR A CB  1 
ATOM   537  C CG  . TYR A 1 65  ? 18.824  -6.943  -6.039  1.00 25.29  ? 104 TYR A CG  1 
ATOM   538  C CD1 . TYR A 1 65  ? 18.710  -6.271  -4.841  1.00 23.75  ? 104 TYR A CD1 1 
ATOM   539  C CD2 . TYR A 1 65  ? 19.265  -8.275  -5.993  1.00 26.61  ? 104 TYR A CD2 1 
ATOM   540  C CE1 . TYR A 1 65  ? 19.065  -6.851  -3.629  1.00 26.85  ? 104 TYR A CE1 1 
ATOM   541  C CE2 . TYR A 1 65  ? 19.601  -8.870  -4.782  1.00 25.68  ? 104 TYR A CE2 1 
ATOM   542  C CZ  . TYR A 1 65  ? 19.494  -8.170  -3.597  1.00 28.05  ? 104 TYR A CZ  1 
ATOM   543  O OH  . TYR A 1 65  ? 19.845  -8.731  -2.397  1.00 29.19  ? 104 TYR A OH  1 
ATOM   544  N N   . VAL A 1 66  ? 21.748  -5.164  -7.949  1.00 24.83  ? 105 VAL A N   1 
ATOM   545  C CA  . VAL A 1 66  ? 23.095  -5.409  -8.541  1.00 26.25  ? 105 VAL A CA  1 
ATOM   546  C C   . VAL A 1 66  ? 24.009  -5.829  -7.400  1.00 24.53  ? 105 VAL A C   1 
ATOM   547  O O   . VAL A 1 66  ? 24.140  -5.050  -6.410  1.00 24.28  ? 105 VAL A O   1 
ATOM   548  C CB  . VAL A 1 66  ? 23.610  -4.168  -9.296  1.00 29.17  ? 105 VAL A CB  1 
ATOM   549  C CG1 . VAL A 1 66  ? 25.046  -4.332  -9.777  1.00 29.78  ? 105 VAL A CG1 1 
ATOM   550  C CG2 . VAL A 1 66  ? 22.713  -3.783  -10.451 1.00 27.16  ? 105 VAL A CG2 1 
ATOM   551  N N   . ASN A 1 67  ? 24.587  -7.024  -7.497  1.00 28.44  ? 106 ASN A N   1 
ATOM   552  C CA  . ASN A 1 67  ? 25.551  -7.543  -6.484  1.00 28.40  ? 106 ASN A CA  1 
ATOM   553  C C   . ASN A 1 67  ? 24.940  -7.488  -5.075  1.00 27.26  ? 106 ASN A C   1 
ATOM   554  O O   . ASN A 1 67  ? 25.648  -7.113  -4.119  1.00 27.15  ? 106 ASN A O   1 
ATOM   555  C CB  . ASN A 1 67  ? 26.852  -6.749  -6.548  1.00 28.00  ? 106 ASN A CB  1 
ATOM   556  C CG  . ASN A 1 67  ? 27.526  -6.832  -7.896  1.00 28.10  ? 106 ASN A CG  1 
ATOM   557  O OD1 . ASN A 1 67  ? 27.398  -7.838  -8.591  1.00 33.39  ? 106 ASN A OD1 1 
ATOM   558  N ND2 . ASN A 1 67  ? 28.282  -5.793  -8.236  1.00 31.86  ? 106 ASN A ND2 1 
ATOM   559  N N   . GLY A 1 68  ? 23.661  -7.850  -4.930  1.00 32.27  ? 107 GLY A N   1 
ATOM   560  C CA  . GLY A 1 68  ? 23.008  -7.984  -3.613  1.00 34.55  ? 107 GLY A CA  1 
ATOM   561  C C   . GLY A 1 68  ? 22.605  -6.653  -3.004  1.00 32.17  ? 107 GLY A C   1 
ATOM   562  O O   . GLY A 1 68  ? 22.321  -6.623  -1.783  1.00 35.67  ? 107 GLY A O   1 
ATOM   563  N N   . GLU A 1 69  ? 22.575  -5.586  -3.811  1.00 30.62  ? 108 GLU A N   1 
ATOM   564  C CA  . GLU A 1 69  ? 22.369  -4.176  -3.390  1.00 33.22  ? 108 GLU A CA  1 
ATOM   565  C C   . GLU A 1 69  ? 21.292  -3.573  -4.315  1.00 29.23  ? 108 GLU A C   1 
ATOM   566  O O   . GLU A 1 69  ? 21.428  -3.655  -5.560  1.00 26.42  ? 108 GLU A O   1 
ATOM   567  C CB  . GLU A 1 69  ? 23.739  -3.485  -3.520  1.00 38.77  ? 108 GLU A CB  1 
ATOM   568  C CG  . GLU A 1 69  ? 24.011  -2.284  -2.646  1.00 50.61  ? 108 GLU A CG  1 
ATOM   569  C CD  . GLU A 1 69  ? 25.329  -1.546  -2.945  1.00 49.87  ? 108 GLU A CD  1 
ATOM   570  O OE1 . GLU A 1 69  ? 25.806  -1.551  -4.121  1.00 40.90  ? 108 GLU A OE1 1 
ATOM   571  O OE2 . GLU A 1 69  ? 25.888  -0.938  -2.006  1.00 56.58  ? 108 GLU A OE2 1 
ATOM   572  N N   . TRP A 1 70  ? 20.288  -2.892  -3.777  1.00 25.93  ? 109 TRP A N   1 
ATOM   573  C CA  . TRP A 1 70  ? 19.430  -2.067  -4.658  1.00 24.58  ? 109 TRP A CA  1 
ATOM   574  C C   . TRP A 1 70  ? 20.141  -0.738  -4.938  1.00 26.20  ? 109 TRP A C   1 
ATOM   575  O O   . TRP A 1 70  ? 20.620  -0.078  -3.980  1.00 27.81  ? 109 TRP A O   1 
ATOM   576  C CB  . TRP A 1 70  ? 18.065  -1.811  -4.033  1.00 25.71  ? 109 TRP A CB  1 
ATOM   577  C CG  . TRP A 1 70  ? 17.155  -2.985  -4.090  1.00 23.94  ? 109 TRP A CG  1 
ATOM   578  C CD1 . TRP A 1 70  ? 16.902  -3.860  -3.075  1.00 26.51  ? 109 TRP A CD1 1 
ATOM   579  C CD2 . TRP A 1 70  ? 16.327  -3.364  -5.188  1.00 24.37  ? 109 TRP A CD2 1 
ATOM   580  N NE1 . TRP A 1 70  ? 16.008  -4.783  -3.507  1.00 23.82  ? 109 TRP A NE1 1 
ATOM   581  C CE2 . TRP A 1 70  ? 15.622  -4.510  -4.784  1.00 23.75  ? 109 TRP A CE2 1 
ATOM   582  C CE3 . TRP A 1 70  ? 16.156  -2.898  -6.492  1.00 24.41  ? 109 TRP A CE3 1 
ATOM   583  C CZ2 . TRP A 1 70  ? 14.713  -5.137  -5.617  1.00 26.55  ? 109 TRP A CZ2 1 
ATOM   584  C CZ3 . TRP A 1 70  ? 15.239  -3.506  -7.307  1.00 26.67  ? 109 TRP A CZ3 1 
ATOM   585  C CH2 . TRP A 1 70  ? 14.561  -4.649  -6.888  1.00 28.80  ? 109 TRP A CH2 1 
ATOM   586  N N   . VAL A 1 71  ? 20.223  -0.374  -6.198  1.00 23.73  ? 110 VAL A N   1 
ATOM   587  C CA  . VAL A 1 71  ? 20.905  0.886   -6.628  1.00 25.19  ? 110 VAL A CA  1 
ATOM   588  C C   . VAL A 1 71  ? 20.045  1.575   -7.670  1.00 23.55  ? 110 VAL A C   1 
ATOM   589  O O   . VAL A 1 71  ? 19.197  0.962   -8.342  1.00 22.75  ? 110 VAL A O   1 
ATOM   590  C CB  . VAL A 1 71  ? 22.314  0.617   -7.196  1.00 26.52  ? 110 VAL A CB  1 
ATOM   591  C CG1 . VAL A 1 71  ? 23.251  0.078   -6.127  1.00 28.35  ? 110 VAL A CG1 1 
ATOM   592  C CG2 . VAL A 1 71  ? 22.241  -0.291  -8.405  1.00 27.28  ? 110 VAL A CG2 1 
ATOM   593  N N   . PRO A 1 72  ? 20.185  2.913   -7.839  1.00 25.08  ? 111 PRO A N   1 
ATOM   594  C CA  . PRO A 1 72  ? 19.485  3.576   -8.927  1.00 26.09  ? 111 PRO A CA  1 
ATOM   595  C C   . PRO A 1 72  ? 19.753  2.880   -10.263 1.00 25.46  ? 111 PRO A C   1 
ATOM   596  O O   . PRO A 1 72  ? 20.923  2.529   -10.548 1.00 25.62  ? 111 PRO A O   1 
ATOM   597  C CB  . PRO A 1 72  ? 20.045  5.005   -8.880  1.00 28.16  ? 111 PRO A CB  1 
ATOM   598  C CG  . PRO A 1 72  ? 20.414  5.198   -7.416  1.00 27.63  ? 111 PRO A CG  1 
ATOM   599  C CD  . PRO A 1 72  ? 20.969  3.841   -7.009  1.00 28.03  ? 111 PRO A CD  1 
ATOM   600  N N   . GLY A 1 73  ? 18.687  2.643   -11.033 1.00 24.33  ? 112 GLY A N   1 
ATOM   601  C CA  . GLY A 1 73  ? 18.666  1.713   -12.177 1.00 27.60  ? 112 GLY A CA  1 
ATOM   602  C C   . GLY A 1 73  ? 18.209  2.358   -13.466 1.00 27.85  ? 112 GLY A C   1 
ATOM   603  O O   . GLY A 1 73  ? 17.946  1.649   -14.470 1.00 32.37  ? 112 GLY A O   1 
ATOM   604  N N   . GLY A 1 74  ? 18.097  3.672   -13.473 1.00 27.82  ? 113 GLY A N   1 
ATOM   605  C CA  . GLY A 1 74  ? 17.771  4.379   -14.714 1.00 29.00  ? 113 GLY A CA  1 
ATOM   606  C C   . GLY A 1 74  ? 16.680  5.391   -14.544 1.00 28.59  ? 113 GLY A C   1 
ATOM   607  O O   . GLY A 1 74  ? 16.171  5.621   -13.417 1.00 27.15  ? 113 GLY A O   1 
ATOM   608  N N   . LYS A 1 75  ? 16.300  6.020   -15.650 1.00 32.32  ? 114 LYS A N   1 
ATOM   609  C CA  . LYS A 1 75  ? 15.205  7.006   -15.586 1.00 32.37  ? 114 LYS A CA  1 
ATOM   610  C C   . LYS A 1 75  ? 13.902  6.246   -15.432 1.00 32.95  ? 114 LYS A C   1 
ATOM   611  O O   . LYS A 1 75  ? 13.798  5.077   -15.800 1.00 33.57  ? 114 LYS A O   1 
ATOM   612  C CB  . LYS A 1 75  ? 15.252  7.952   -16.784 1.00 41.13  ? 114 LYS A CB  1 
ATOM   613  C CG  . LYS A 1 75  ? 16.073  9.208   -16.507 1.00 39.62  ? 114 LYS A CG  1 
ATOM   614  C CD  . LYS A 1 75  ? 16.856  9.706   -17.674 1.00 41.32  ? 114 LYS A CD  1 
ATOM   615  C CE  . LYS A 1 75  ? 16.689  11.181  -17.926 1.00 39.28  ? 114 LYS A CE  1 
ATOM   616  N NZ  . LYS A 1 75  ? 16.807  11.984  -16.694 1.00 42.49  ? 114 LYS A NZ  1 
ATOM   617  N N   . PRO A 1 76  ? 12.893  6.901   -14.842 1.00 34.39  ? 115 PRO A N   1 
ATOM   618  C CA  . PRO A 1 76  ? 11.635  6.235   -14.520 1.00 34.90  ? 115 PRO A CA  1 
ATOM   619  C C   . PRO A 1 76  ? 10.770  6.108   -15.778 1.00 36.07  ? 115 PRO A C   1 
ATOM   620  O O   . PRO A 1 76  ? 10.924  6.870   -16.746 1.00 36.90  ? 115 PRO A O   1 
ATOM   621  C CB  . PRO A 1 76  ? 11.020  7.201   -13.513 1.00 34.75  ? 115 PRO A CB  1 
ATOM   622  C CG  . PRO A 1 76  ? 11.414  8.543   -14.077 1.00 37.41  ? 115 PRO A CG  1 
ATOM   623  C CD  . PRO A 1 76  ? 12.850  8.336   -14.521 1.00 36.46  ? 115 PRO A CD  1 
ATOM   624  N N   . GLU A 1 77  ? 9.880   5.136   -15.750 1.00 33.03  ? 116 GLU A N   1 
ATOM   625  C CA  . GLU A 1 77  ? 8.757   5.071   -16.704 1.00 34.94  ? 116 GLU A CA  1 
ATOM   626  C C   . GLU A 1 77  ? 7.792   6.196   -16.331 1.00 38.42  ? 116 GLU A C   1 
ATOM   627  O O   . GLU A 1 77  ? 7.732   6.671   -15.183 1.00 33.97  ? 116 GLU A O   1 
ATOM   628  C CB  . GLU A 1 77  ? 8.165   3.663   -16.715 1.00 39.65  ? 116 GLU A CB  1 
ATOM   629  C CG  . GLU A 1 77  ? 9.109   2.638   -17.315 1.00 44.60  ? 116 GLU A CG  1 
ATOM   630  C CD  . GLU A 1 77  ? 8.987   1.246   -16.741 1.00 53.90  ? 116 GLU A CD  1 
ATOM   631  O OE1 . GLU A 1 77  ? 7.890   0.668   -16.835 1.00 54.15  ? 116 GLU A OE1 1 
ATOM   632  O OE2 . GLU A 1 77  ? 9.996   0.756   -16.185 1.00 65.43  ? 116 GLU A OE2 1 
ATOM   633  N N   . PRO A 1 78  ? 7.032   6.706   -17.320 1.00 33.69  ? 117 PRO A N   1 
ATOM   634  C CA  . PRO A 1 78  ? 5.920   7.601   -17.027 1.00 36.35  ? 117 PRO A CA  1 
ATOM   635  C C   . PRO A 1 78  ? 5.051   7.037   -15.893 1.00 35.41  ? 117 PRO A C   1 
ATOM   636  O O   . PRO A 1 78  ? 4.869   5.822   -15.863 1.00 35.70  ? 117 PRO A O   1 
ATOM   637  C CB  . PRO A 1 78  ? 5.150   7.596   -18.354 1.00 36.76  ? 117 PRO A CB  1 
ATOM   638  C CG  . PRO A 1 78  ? 6.239   7.429   -19.389 1.00 38.27  ? 117 PRO A CG  1 
ATOM   639  C CD  . PRO A 1 78  ? 7.233   6.473   -18.755 1.00 39.20  ? 117 PRO A CD  1 
ATOM   640  N N   . GLN A 1 79  ? 4.557   7.910   -15.018 1.00 37.30  ? 118 GLN A N   1 
ATOM   641  C CA  . GLN A 1 79  ? 3.773   7.518   -13.814 1.00 44.73  ? 118 GLN A CA  1 
ATOM   642  C C   . GLN A 1 79  ? 2.644   6.563   -14.211 1.00 45.47  ? 118 GLN A C   1 
ATOM   643  O O   . GLN A 1 79  ? 1.906   6.871   -15.146 1.00 37.76  ? 118 GLN A O   1 
ATOM   644  C CB  . GLN A 1 79  ? 3.194   8.748   -13.108 1.00 52.23  ? 118 GLN A CB  1 
ATOM   645  C CG  . GLN A 1 79  ? 4.248   9.657   -12.482 1.00 64.66  ? 118 GLN A CG  1 
ATOM   646  C CD  . GLN A 1 79  ? 4.655   9.314   -11.064 1.00 72.74  ? 118 GLN A CD  1 
ATOM   647  O OE1 . GLN A 1 79  ? 3.981   8.575   -10.343 1.00 76.12  ? 118 GLN A OE1 1 
ATOM   648  N NE2 . GLN A 1 79  ? 5.777   9.877   -10.636 1.00 68.44  ? 118 GLN A NE2 1 
ATOM   649  N N   . ALA A 1 80  ? 2.486   5.468   -13.456 1.00 47.49  ? 119 ALA A N   1 
ATOM   650  C CA  . ALA A 1 80  ? 1.298   4.583   -13.461 1.00 47.52  ? 119 ALA A CA  1 
ATOM   651  C C   . ALA A 1 80  ? 0.029   5.441   -13.440 1.00 47.89  ? 119 ALA A C   1 
ATOM   652  O O   . ALA A 1 80  ? 0.031   6.541   -12.879 1.00 43.82  ? 119 ALA A O   1 
ATOM   653  C CB  . ALA A 1 80  ? 1.374   3.642   -12.269 1.00 44.18  ? 119 ALA A CB  1 
ATOM   654  N N   . PRO A 1 81  ? -1.083  5.020   -14.083 1.00 51.04  ? 120 PRO A N   1 
ATOM   655  C CA  . PRO A 1 81  ? -2.333  5.783   -13.998 1.00 56.24  ? 120 PRO A CA  1 
ATOM   656  C C   . PRO A 1 81  ? -2.787  5.887   -12.532 1.00 56.96  ? 120 PRO A C   1 
ATOM   657  O O   . PRO A 1 81  ? -2.393  5.033   -11.727 1.00 53.85  ? 120 PRO A O   1 
ATOM   658  C CB  . PRO A 1 81  ? -3.326  4.978   -14.851 1.00 57.66  ? 120 PRO A CB  1 
ATOM   659  C CG  . PRO A 1 81  ? -2.728  3.584   -14.918 1.00 54.86  ? 120 PRO A CG  1 
ATOM   660  C CD  . PRO A 1 81  ? -1.227  3.796   -14.890 1.00 53.02  ? 120 PRO A CD  1 
ATOM   661  N N   . SER A 1 82  ? -3.524  6.946   -12.188 1.00 58.23  ? 121 SER A N   1 
ATOM   662  C CA  . SER A 1 82  ? -4.205  7.085   -10.870 1.00 60.65  ? 121 SER A CA  1 
ATOM   663  C C   . SER A 1 82  ? -5.041  5.829   -10.629 1.00 48.70  ? 121 SER A C   1 
ATOM   664  O O   . SER A 1 82  ? -5.973  5.585   -11.409 1.00 45.68  ? 121 SER A O   1 
ATOM   665  C CB  . SER A 1 82  ? -5.061  8.325   -10.789 1.00 64.33  ? 121 SER A CB  1 
ATOM   666  O OG  . SER A 1 82  ? -4.323  9.386   -10.208 1.00 74.17  ? 121 SER A OG  1 
ATOM   667  N N   . CYS A 1 83  ? -4.637  5.001   -9.673  1.00 37.76  ? 122 CYS A N   1 
ATOM   668  C CA  . CYS A 1 83  ? -5.423  3.833   -9.213  1.00 35.49  ? 122 CYS A CA  1 
ATOM   669  C C   . CYS A 1 83  ? -5.740  4.040   -7.729  1.00 35.64  ? 122 CYS A C   1 
ATOM   670  O O   . CYS A 1 83  ? -4.793  4.181   -6.930  1.00 33.50  ? 122 CYS A O   1 
ATOM   671  C CB  . CYS A 1 83  ? -4.692  2.517   -9.446  1.00 35.55  ? 122 CYS A CB  1 
ATOM   672  S SG  . CYS A 1 83  ? -4.457  2.108   -11.203 1.00 37.63  ? 122 CYS A SG  1 
ATOM   673  N N   . VAL A 1 84  ? -7.026  4.090   -7.383  1.00 32.47  ? 123 VAL A N   1 
ATOM   674  C CA  . VAL A 1 84  ? -7.468  4.140   -5.971  1.00 31.74  ? 123 VAL A CA  1 
ATOM   675  C C   . VAL A 1 84  ? -8.275  2.877   -5.687  1.00 31.21  ? 123 VAL A C   1 
ATOM   676  O O   . VAL A 1 84  ? -9.088  2.466   -6.532  1.00 32.16  ? 123 VAL A O   1 
ATOM   677  C CB  . VAL A 1 84  ? -8.246  5.433   -5.697  1.00 34.06  ? 123 VAL A CB  1 
ATOM   678  C CG1 . VAL A 1 84  ? -8.725  5.467   -4.264  1.00 37.81  ? 123 VAL A CG1 1 
ATOM   679  C CG2 . VAL A 1 84  ? -7.428  6.674   -6.026  1.00 35.46  ? 123 VAL A CG2 1 
ATOM   680  N N   . TYR A 1 85  ? -7.952  2.199   -4.594  1.00 26.65  ? 124 TYR A N   1 
ATOM   681  C CA  . TYR A 1 85  ? -8.703  1.044   -4.072  1.00 25.70  ? 124 TYR A CA  1 
ATOM   682  C C   . TYR A 1 85  ? -9.655  1.558   -3.002  1.00 25.65  ? 124 TYR A C   1 
ATOM   683  O O   . TYR A 1 85  ? -9.216  2.245   -2.065  1.00 26.79  ? 124 TYR A O   1 
ATOM   684  C CB  . TYR A 1 85  ? -7.750  0.006   -3.484  1.00 25.53  ? 124 TYR A CB  1 
ATOM   685  C CG  . TYR A 1 85  ? -8.406  -1.202  -2.874  1.00 26.34  ? 124 TYR A CG  1 
ATOM   686  C CD1 . TYR A 1 85  ? -8.917  -2.215  -3.667  1.00 30.04  ? 124 TYR A CD1 1 
ATOM   687  C CD2 . TYR A 1 85  ? -8.486  -1.362  -1.508  1.00 26.25  ? 124 TYR A CD2 1 
ATOM   688  C CE1 . TYR A 1 85  ? -9.518  -3.335  -3.119  1.00 29.05  ? 124 TYR A CE1 1 
ATOM   689  C CE2 . TYR A 1 85  ? -9.079  -2.488  -0.941  1.00 26.83  ? 124 TYR A CE2 1 
ATOM   690  C CZ  . TYR A 1 85  ? -9.589  -3.488  -1.754  1.00 28.33  ? 124 TYR A CZ  1 
ATOM   691  O OH  . TYR A 1 85  ? -10.173 -4.599  -1.199  1.00 28.86  ? 124 TYR A OH  1 
ATOM   692  N N   . ILE A 1 86  ? -10.923 1.179   -3.106  1.00 26.79  ? 125 ILE A N   1 
ATOM   693  C CA  . ILE A 1 86  ? -11.935 1.520   -2.084  1.00 25.57  ? 125 ILE A CA  1 
ATOM   694  C C   . ILE A 1 86  ? -12.022 0.350   -1.115  1.00 23.37  ? 125 ILE A C   1 
ATOM   695  O O   . ILE A 1 86  ? -12.321 -0.799  -1.551  1.00 24.05  ? 125 ILE A O   1 
ATOM   696  C CB  . ILE A 1 86  ? -13.295 1.818   -2.732  1.00 28.04  ? 125 ILE A CB  1 
ATOM   697  C CG1 . ILE A 1 86  ? -13.217 2.976   -3.726  1.00 32.65  ? 125 ILE A CG1 1 
ATOM   698  C CG2 . ILE A 1 86  ? -14.321 2.113   -1.639  1.00 28.51  ? 125 ILE A CG2 1 
ATOM   699  C CD1 . ILE A 1 86  ? -14.352 2.960   -4.725  1.00 35.46  ? 125 ILE A CD1 1 
ATOM   700  N N   . HIS A 1 87  ? -11.789 0.578   0.176   1.00 23.57  ? 126 HIS A N   1 
ATOM   701  C CA  . HIS A 1 87  ? -11.924 -0.516  1.154   1.00 24.47  ? 126 HIS A CA  1 
ATOM   702  C C   . HIS A 1 87  ? -13.338 -1.103  1.076   1.00 23.82  ? 126 HIS A C   1 
ATOM   703  O O   . HIS A 1 87  ? -14.310 -0.385  1.027   1.00 23.29  ? 126 HIS A O   1 
ATOM   704  C CB  . HIS A 1 87  ? -11.553 -0.085  2.564   1.00 24.31  ? 126 HIS A CB  1 
ATOM   705  C CG  . HIS A 1 87  ? -11.485 -1.253  3.465   1.00 22.96  ? 126 HIS A CG  1 
ATOM   706  N ND1 . HIS A 1 87  ? -12.628 -1.899  3.930   1.00 24.24  ? 126 HIS A ND1 1 
ATOM   707  C CD2 . HIS A 1 87  ? -10.429 -1.915  3.976   1.00 23.50  ? 126 HIS A CD2 1 
ATOM   708  C CE1 . HIS A 1 87  ? -12.256 -2.876  4.729   1.00 25.53  ? 126 HIS A CE1 1 
ATOM   709  N NE2 . HIS A 1 87  ? -10.915 -2.922  4.759   1.00 26.69  ? 126 HIS A NE2 1 
ATOM   710  N N   . PRO A 1 88  ? -13.505 -2.427  0.927   1.00 25.78  ? 127 PRO A N   1 
ATOM   711  C CA  . PRO A 1 88  ? -14.848 -2.964  0.688   1.00 29.33  ? 127 PRO A CA  1 
ATOM   712  C C   . PRO A 1 88  ? -15.901 -2.708  1.784   1.00 27.34  ? 127 PRO A C   1 
ATOM   713  O O   . PRO A 1 88  ? -17.078 -2.878  1.471   1.00 28.11  ? 127 PRO A O   1 
ATOM   714  C CB  . PRO A 1 88  ? -14.640 -4.479  0.548   1.00 29.24  ? 127 PRO A CB  1 
ATOM   715  C CG  . PRO A 1 88  ? -13.210 -4.744  1.016   1.00 29.43  ? 127 PRO A CG  1 
ATOM   716  C CD  . PRO A 1 88  ? -12.442 -3.436  0.864   1.00 26.81  ? 127 PRO A CD  1 
ATOM   717  N N   . ASP A 1 89  ? -15.500 -2.339  3.007   1.00 24.49  ? 128 ASP A N   1 
ATOM   718  C CA  . ASP A 1 89  ? -16.465 -1.986  4.101   1.00 23.53  ? 128 ASP A CA  1 
ATOM   719  C C   . ASP A 1 89  ? -17.077 -0.596  3.854   1.00 25.03  ? 128 ASP A C   1 
ATOM   720  O O   . ASP A 1 89  ? -18.019 -0.188  4.595   1.00 25.51  ? 128 ASP A O   1 
ATOM   721  C CB  . ASP A 1 89  ? -15.827 -2.096  5.482   1.00 24.38  ? 128 ASP A CB  1 
ATOM   722  C CG  . ASP A 1 89  ? -15.359 -3.487  5.905   1.00 27.10  ? 128 ASP A CG  1 
ATOM   723  O OD1 . ASP A 1 89  ? -15.552 -4.458  5.104   1.00 30.97  ? 128 ASP A OD1 1 
ATOM   724  O OD2 . ASP A 1 89  ? -14.816 -3.607  7.022   1.00 27.21  ? 128 ASP A OD2 1 
ATOM   725  N N   . SER A 1 90  ? -16.595 0.165   2.870   1.00 24.39  ? 129 SER A N   1 
ATOM   726  C CA  . SER A 1 90  ? -17.021 1.562   2.624   1.00 23.55  ? 129 SER A CA  1 
ATOM   727  C C   . SER A 1 90  ? -18.410 1.590   2.010   1.00 24.12  ? 129 SER A C   1 
ATOM   728  O O   . SER A 1 90  ? -18.700 0.740   1.171   1.00 25.50  ? 129 SER A O   1 
ATOM   729  C CB  . SER A 1 90  ? -16.079 2.288   1.697   1.00 25.55  ? 129 SER A CB  1 
ATOM   730  O OG  . SER A 1 90  ? -14.756 2.273   2.198   1.00 22.97  ? 129 SER A OG  1 
ATOM   731  N N   . PRO A 1 91  ? -19.245 2.610   2.282   1.00 27.54  ? 130 PRO A N   1 
ATOM   732  C CA  . PRO A 1 91  ? -19.046 3.567   3.366   1.00 25.07  ? 130 PRO A CA  1 
ATOM   733  C C   . PRO A 1 91  ? -19.473 2.911   4.686   1.00 25.71  ? 130 PRO A C   1 
ATOM   734  O O   . PRO A 1 91  ? -20.282 1.998   4.683   1.00 25.03  ? 130 PRO A O   1 
ATOM   735  C CB  . PRO A 1 91  ? -20.039 4.692   3.082   1.00 27.71  ? 130 PRO A CB  1 
ATOM   736  C CG  . PRO A 1 91  ? -21.192 3.974   2.359   1.00 29.13  ? 130 PRO A CG  1 
ATOM   737  C CD  . PRO A 1 91  ? -20.506 2.889   1.555   1.00 27.95  ? 130 PRO A CD  1 
ATOM   738  N N   . ASN A 1 92  ? -18.938 3.370   5.813   1.00 23.09  ? 131 ASN A N   1 
ATOM   739  C CA  . ASN A 1 92  ? -19.332 2.779   7.110   1.00 23.24  ? 131 ASN A CA  1 
ATOM   740  C C   . ASN A 1 92  ? -19.136 3.782   8.234   1.00 22.96  ? 131 ASN A C   1 
ATOM   741  O O   . ASN A 1 92  ? -18.425 4.783   8.048   1.00 22.55  ? 131 ASN A O   1 
ATOM   742  C CB  . ASN A 1 92  ? -18.529 1.508   7.379   1.00 24.03  ? 131 ASN A CB  1 
ATOM   743  C CG  . ASN A 1 92  ? -19.392 0.385   7.879   1.00 25.79  ? 131 ASN A CG  1 
ATOM   744  O OD1 . ASN A 1 92  ? -20.197 0.596   8.794   1.00 27.94  ? 131 ASN A OD1 1 
ATOM   745  N ND2 . ASN A 1 92  ? -19.201 -0.803  7.307   1.00 26.59  ? 131 ASN A ND2 1 
ATOM   746  N N   . PHE A 1 93  ? -19.733 3.493   9.374   1.00 23.93  ? 132 PHE A N   1 
ATOM   747  C CA  . PHE A 1 93  ? -19.674 4.368   10.556  1.00 23.53  ? 132 PHE A CA  1 
ATOM   748  C C   . PHE A 1 93  ? -18.254 4.495   11.102  1.00 23.64  ? 132 PHE A C   1 
ATOM   749  O O   . PHE A 1 93  ? -17.502 3.516   11.060  1.00 22.22  ? 132 PHE A O   1 
ATOM   750  C CB  . PHE A 1 93  ? -20.525 3.793   11.665  1.00 22.50  ? 132 PHE A CB  1 
ATOM   751  C CG  . PHE A 1 93  ? -21.988 3.851   11.360  1.00 24.34  ? 132 PHE A CG  1 
ATOM   752  C CD1 . PHE A 1 93  ? -22.646 5.061   11.405  1.00 24.91  ? 132 PHE A CD1 1 
ATOM   753  C CD2 . PHE A 1 93  ? -22.670 2.706   11.009  1.00 25.53  ? 132 PHE A CD2 1 
ATOM   754  C CE1 . PHE A 1 93  ? -23.997 5.125   11.112  1.00 30.64  ? 132 PHE A CE1 1 
ATOM   755  C CE2 . PHE A 1 93  ? -24.022 2.778   10.731  1.00 25.39  ? 132 PHE A CE2 1 
ATOM   756  C CZ  . PHE A 1 93  ? -24.676 3.968   10.822  1.00 24.29  ? 132 PHE A CZ  1 
ATOM   757  N N   . GLY A 1 94  ? -17.922 5.650   11.671  1.00 22.91  ? 133 GLY A N   1 
ATOM   758  C CA  . GLY A 1 94  ? -16.693 5.793   12.469  1.00 23.31  ? 133 GLY A CA  1 
ATOM   759  C C   . GLY A 1 94  ? -16.553 4.633   13.429  1.00 23.43  ? 133 GLY A C   1 
ATOM   760  O O   . GLY A 1 94  ? -15.440 4.040   13.544  1.00 23.59  ? 133 GLY A O   1 
ATOM   761  N N   . ALA A 1 95  ? -17.659 4.215   14.059  1.00 22.39  ? 134 ALA A N   1 
ATOM   762  C CA  . ALA A 1 95  ? -17.578 3.163   15.099  1.00 24.09  ? 134 ALA A CA  1 
ATOM   763  C C   . ALA A 1 95  ? -17.054 1.867   14.456  1.00 22.19  ? 134 ALA A C   1 
ATOM   764  O O   . ALA A 1 95  ? -16.311 1.125   15.129  1.00 23.52  ? 134 ALA A O   1 
ATOM   765  C CB  . ALA A 1 95  ? -18.905 2.929   15.776  1.00 24.38  ? 134 ALA A CB  1 
ATOM   766  N N   . HIS A 1 96  ? -17.477 1.582   13.230  1.00 24.37  ? 135 HIS A N   1 
ATOM   767  C CA  . HIS A 1 96  ? -17.055 0.375   12.482  1.00 24.06  ? 135 HIS A CA  1 
ATOM   768  C C   . HIS A 1 96  ? -15.537 0.382   12.264  1.00 23.85  ? 135 HIS A C   1 
ATOM   769  O O   . HIS A 1 96  ? -14.874 -0.613  12.541  1.00 25.59  ? 135 HIS A O   1 
ATOM   770  C CB  . HIS A 1 96  ? -17.779 0.298   11.152  1.00 24.82  ? 135 HIS A CB  1 
ATOM   771  C CG  . HIS A 1 96  ? -17.267 -0.818  10.320  1.00 27.78  ? 135 HIS A CG  1 
ATOM   772  N ND1 . HIS A 1 96  ? -17.770 -2.109  10.456  1.00 29.19  ? 135 HIS A ND1 1 
ATOM   773  C CD2 . HIS A 1 96  ? -16.264 -0.883  9.411   1.00 24.23  ? 135 HIS A CD2 1 
ATOM   774  C CE1 . HIS A 1 96  ? -17.142 -2.909  9.597   1.00 28.12  ? 135 HIS A CE1 1 
ATOM   775  N NE2 . HIS A 1 96  ? -16.217 -2.188  8.948   1.00 28.06  ? 135 HIS A NE2 1 
ATOM   776  N N   . TRP A 1 97  ? -15.007 1.497   11.775  1.00 23.08  ? 136 TRP A N   1 
ATOM   777  C CA  . TRP A 1 97  ? -13.577 1.618   11.430  1.00 21.68  ? 136 TRP A CA  1 
ATOM   778  C C   . TRP A 1 97  ? -12.720 1.535   12.693  1.00 22.27  ? 136 TRP A C   1 
ATOM   779  O O   . TRP A 1 97  ? -11.560 1.100   12.574  1.00 23.94  ? 136 TRP A O   1 
ATOM   780  C CB  . TRP A 1 97  ? -13.327 2.899   10.643  1.00 21.06  ? 136 TRP A CB  1 
ATOM   781  C CG  . TRP A 1 97  ? -14.104 3.011   9.365   1.00 21.51  ? 136 TRP A CG  1 
ATOM   782  C CD1 . TRP A 1 97  ? -15.067 3.935   9.093   1.00 23.33  ? 136 TRP A CD1 1 
ATOM   783  C CD2 . TRP A 1 97  ? -13.967 2.221   8.172   1.00 20.83  ? 136 TRP A CD2 1 
ATOM   784  N NE1 . TRP A 1 97  ? -15.531 3.781   7.822   1.00 20.29  ? 136 TRP A NE1 1 
ATOM   785  C CE2 . TRP A 1 97  ? -14.854 2.752   7.213   1.00 20.51  ? 136 TRP A CE2 1 
ATOM   786  C CE3 . TRP A 1 97  ? -13.146 1.159   7.790   1.00 21.10  ? 136 TRP A CE3 1 
ATOM   787  C CZ2 . TRP A 1 97  ? -14.980 2.217   5.929   1.00 20.78  ? 136 TRP A CZ2 1 
ATOM   788  C CZ3 . TRP A 1 97  ? -13.256 0.632   6.525   1.00 22.00  ? 136 TRP A CZ3 1 
ATOM   789  C CH2 . TRP A 1 97  ? -14.148 1.172   5.582   1.00 21.83  ? 136 TRP A CH2 1 
ATOM   790  N N   . MET A 1 98  ? -13.216 2.013   13.850  1.00 21.89  ? 137 MET A N   1 
ATOM   791  C CA  . MET A 1 98  ? -12.406 2.117   15.082  1.00 22.06  ? 137 MET A CA  1 
ATOM   792  C C   . MET A 1 98  ? -12.491 0.837   15.930  1.00 23.86  ? 137 MET A C   1 
ATOM   793  O O   . MET A 1 98  ? -11.623 0.677   16.789  1.00 28.59  ? 137 MET A O   1 
ATOM   794  C CB  . MET A 1 98  ? -12.875 3.321   15.897  1.00 21.59  ? 137 MET A CB  1 
ATOM   795  C CG  . MET A 1 98  ? -12.583 4.624   15.191  1.00 23.76  ? 137 MET A CG  1 
ATOM   796  S SD  . MET A 1 98  ? -12.918 6.087   16.173  1.00 25.16  ? 137 MET A SD  1 
ATOM   797  C CE  . MET A 1 98  ? -14.710 6.169   16.166  1.00 26.22  ? 137 MET A CE  1 
ATOM   798  N N   . LYS A 1 99  ? -13.477 -0.038  15.720  1.00 24.81  ? 138 LYS A N   1 
ATOM   799  C CA  . LYS A 1 99  ? -13.714 -1.148  16.669  1.00 27.92  ? 138 LYS A CA  1 
ATOM   800  C C   . LYS A 1 99  ? -12.681 -2.263  16.473  1.00 30.60  ? 138 LYS A C   1 
ATOM   801  O O   . LYS A 1 99  ? -12.497 -3.094  17.361  1.00 30.50  ? 138 LYS A O   1 
ATOM   802  C CB  . LYS A 1 99  ? -15.127 -1.696  16.502  1.00 30.50  ? 138 LYS A CB  1 
ATOM   803  C CG  . LYS A 1 99  ? -15.370 -2.483  15.239  1.00 30.25  ? 138 LYS A CG  1 
ATOM   804  C CD  . LYS A 1 99  ? -16.802 -2.943  15.161  1.00 35.05  ? 138 LYS A CD  1 
ATOM   805  C CE  . LYS A 1 99  ? -17.251 -3.327  13.774  1.00 39.19  ? 138 LYS A CE  1 
ATOM   806  N NZ  . LYS A 1 99  ? -18.734 -3.308  13.710  1.00 42.02  ? 138 LYS A NZ  1 
ATOM   807  N N   . ALA A 1 100 ? -12.049 -2.319  15.319  1.00 26.93  ? 139 ALA A N   1 
ATOM   808  C CA  . ALA A 1 100 ? -11.083 -3.371  14.972  1.00 27.40  ? 139 ALA A CA  1 
ATOM   809  C C   . ALA A 1 100 ? -10.205 -2.810  13.881  1.00 28.47  ? 139 ALA A C   1 
ATOM   810  O O   . ALA A 1 100 ? -10.648 -1.959  13.104  1.00 24.79  ? 139 ALA A O   1 
ATOM   811  C CB  . ALA A 1 100 ? -11.800 -4.613  14.489  1.00 28.55  ? 139 ALA A CB  1 
ATOM   812  N N   . PRO A 1 101 ? -8.953  -3.301  13.775  1.00 29.32  ? 140 PRO A N   1 
ATOM   813  C CA  . PRO A 1 101 ? -8.053  -2.816  12.727  1.00 27.18  ? 140 PRO A CA  1 
ATOM   814  C C   . PRO A 1 101 ? -8.637  -2.989  11.323  1.00 25.02  ? 140 PRO A C   1 
ATOM   815  O O   . PRO A 1 101 ? -9.372  -3.915  11.057  1.00 27.42  ? 140 PRO A O   1 
ATOM   816  C CB  . PRO A 1 101 ? -6.804  -3.693  12.895  1.00 30.10  ? 140 PRO A CB  1 
ATOM   817  C CG  . PRO A 1 101 ? -6.867  -4.169  14.335  1.00 32.13  ? 140 PRO A CG  1 
ATOM   818  C CD  . PRO A 1 101 ? -8.351  -4.356  14.612  1.00 32.21  ? 140 PRO A CD  1 
ATOM   819  N N   . VAL A 1 102 ? -8.348  -2.022  10.467  1.00 22.94  ? 141 VAL A N   1 
ATOM   820  C CA  . VAL A 1 102 ? -8.816  -1.921  9.063   1.00 24.17  ? 141 VAL A CA  1 
ATOM   821  C C   . VAL A 1 102 ? -7.745  -2.586  8.194   1.00 25.47  ? 141 VAL A C   1 
ATOM   822  O O   . VAL A 1 102 ? -6.621  -2.111  8.152   1.00 26.54  ? 141 VAL A O   1 
ATOM   823  C CB  . VAL A 1 102 ? -9.049  -0.443  8.676   1.00 24.79  ? 141 VAL A CB  1 
ATOM   824  C CG1 . VAL A 1 102 ? -9.642  -0.336  7.291   1.00 26.55  ? 141 VAL A CG1 1 
ATOM   825  C CG2 . VAL A 1 102 ? -9.939  0.245   9.713   1.00 24.61  ? 141 VAL A CG2 1 
ATOM   826  N N   A SER A 1 103 ? -8.102  -3.686  7.534   0.25 25.97  ? 142 SER A N   1 
ATOM   827  N N   B SER A 1 103 ? -8.099  -3.684  7.529   0.25 27.18  ? 142 SER A N   1 
ATOM   828  C CA  A SER A 1 103 ? -7.168  -4.536  6.749   0.25 25.60  ? 142 SER A CA  1 
ATOM   829  C CA  B SER A 1 103 ? -7.156  -4.524  6.746   0.25 27.53  ? 142 SER A CA  1 
ATOM   830  C C   A SER A 1 103 ? -7.452  -4.380  5.253   0.25 24.43  ? 142 SER A C   1 
ATOM   831  C C   B SER A 1 103 ? -7.450  -4.386  5.252   0.25 25.49  ? 142 SER A C   1 
ATOM   832  O O   A SER A 1 103 ? -8.613  -4.501  4.867   0.25 26.40  ? 142 SER A O   1 
ATOM   833  O O   B SER A 1 103 ? -8.610  -4.524  4.870   0.25 27.41  ? 142 SER A O   1 
ATOM   834  C CB  A SER A 1 103 ? -7.275  -5.979  7.178   0.25 25.73  ? 142 SER A CB  1 
ATOM   835  C CB  B SER A 1 103 ? -7.230  -5.962  7.187   0.25 29.08  ? 142 SER A CB  1 
ATOM   836  O OG  A SER A 1 103 ? -6.625  -6.829  6.245   0.25 26.90  ? 142 SER A OG  1 
ATOM   837  O OG  B SER A 1 103 ? -6.903  -6.071  8.562   0.25 33.94  ? 142 SER A OG  1 
ATOM   838  N N   . PHE A 1 104 ? -6.416  -4.141  4.443   1.00 24.83  ? 143 PHE A N   1 
ATOM   839  C CA  . PHE A 1 104 ? -6.543  -4.023  2.981   1.00 24.22  ? 143 PHE A CA  1 
ATOM   840  C C   . PHE A 1 104 ? -6.098  -5.351  2.349   1.00 26.61  ? 143 PHE A C   1 
ATOM   841  O O   . PHE A 1 104 ? -5.292  -5.372  1.396   1.00 26.26  ? 143 PHE A O   1 
ATOM   842  C CB  . PHE A 1 104 ? -5.736  -2.813  2.523   1.00 24.60  ? 143 PHE A CB  1 
ATOM   843  C CG  . PHE A 1 104 ? -6.383  -1.517  2.906   1.00 23.75  ? 143 PHE A CG  1 
ATOM   844  C CD1 . PHE A 1 104 ? -7.228  -0.856  2.031   1.00 25.67  ? 143 PHE A CD1 1 
ATOM   845  C CD2 . PHE A 1 104 ? -6.136  -0.970  4.152   1.00 28.20  ? 143 PHE A CD2 1 
ATOM   846  C CE1 . PHE A 1 104 ? -7.804  0.347   2.387   1.00 24.72  ? 143 PHE A CE1 1 
ATOM   847  C CE2 . PHE A 1 104 ? -6.708  0.235   4.510   1.00 30.07  ? 143 PHE A CE2 1 
ATOM   848  C CZ  . PHE A 1 104 ? -7.537  0.886   3.633   1.00 27.66  ? 143 PHE A CZ  1 
ATOM   849  N N   . SER A 1 105 ? -6.627  -6.466  2.850   1.00 27.05  ? 144 SER A N   1 
ATOM   850  C CA  . SER A 1 105 ? -6.093  -7.816  2.516   1.00 29.75  ? 144 SER A CA  1 
ATOM   851  C C   . SER A 1 105 ? -6.377  -8.206  1.054   1.00 30.16  ? 144 SER A C   1 
ATOM   852  O O   . SER A 1 105 ? -5.625  -9.050  0.517   1.00 31.48  ? 144 SER A O   1 
ATOM   853  C CB  . SER A 1 105 ? -6.642  -8.847  3.473   1.00 33.20  ? 144 SER A CB  1 
ATOM   854  O OG  . SER A 1 105 ? -8.037  -8.730  3.503   1.00 35.76  ? 144 SER A OG  1 
ATOM   855  N N   . LYS A 1 106 ? -7.362  -7.596  0.404   1.00 27.51  ? 145 LYS A N   1 
ATOM   856  C CA  . LYS A 1 106 ? -7.847  -8.054  -0.930  1.00 30.93  ? 145 LYS A CA  1 
ATOM   857  C C   . LYS A 1 106 ? -7.294  -7.180  -2.063  1.00 32.52  ? 145 LYS A C   1 
ATOM   858  O O   . LYS A 1 106 ? -7.550  -7.518  -3.241  1.00 32.24  ? 145 LYS A O   1 
ATOM   859  C CB  . LYS A 1 106 ? -9.378  -8.042  -0.998  1.00 32.11  ? 145 LYS A CB  1 
ATOM   860  C CG  . LYS A 1 106 ? -10.055 -8.882  0.075   1.00 36.40  ? 145 LYS A CG  1 
ATOM   861  C CD  . LYS A 1 106 ? -9.430  -10.235 0.278   1.00 45.54  ? 145 LYS A CD  1 
ATOM   862  C CE  . LYS A 1 106 ? -10.325 -11.207 1.032   1.00 52.15  ? 145 LYS A CE  1 
ATOM   863  N NZ  . LYS A 1 106 ? -9.854  -12.609 0.890   1.00 58.13  ? 145 LYS A NZ  1 
ATOM   864  N N   . VAL A 1 107 ? -6.642  -6.057  -1.763  1.00 29.13  ? 146 VAL A N   1 
ATOM   865  C CA  . VAL A 1 107 ? -6.062  -5.211  -2.849  1.00 27.31  ? 146 VAL A CA  1 
ATOM   866  C C   . VAL A 1 107 ? -5.035  -6.049  -3.638  1.00 25.40  ? 146 VAL A C   1 
ATOM   867  O O   . VAL A 1 107 ? -4.297  -6.840  -3.038  1.00 27.42  ? 146 VAL A O   1 
ATOM   868  C CB  . VAL A 1 107 ? -5.467  -3.896  -2.314  1.00 26.76  ? 146 VAL A CB  1 
ATOM   869  C CG1 . VAL A 1 107 ? -4.220  -4.140  -1.453  1.00 28.41  ? 146 VAL A CG1 1 
ATOM   870  C CG2 . VAL A 1 107 ? -5.198  -2.935  -3.474  1.00 29.75  ? 146 VAL A CG2 1 
ATOM   871  N N   . LYS A 1 108 ? -5.043  -5.902  -4.965  1.00 28.63  ? 147 LYS A N   1 
ATOM   872  C CA  . LYS A 1 108 ? -4.179  -6.650  -5.918  1.00 28.84  ? 147 LYS A CA  1 
ATOM   873  C C   . LYS A 1 108 ? -3.315  -5.651  -6.683  1.00 25.94  ? 147 LYS A C   1 
ATOM   874  O O   . LYS A 1 108 ? -3.806  -4.621  -7.164  1.00 26.70  ? 147 LYS A O   1 
ATOM   875  C CB  . LYS A 1 108 ? -5.032  -7.524  -6.841  1.00 31.78  ? 147 LYS A CB  1 
ATOM   876  C CG  . LYS A 1 108 ? -5.394  -8.865  -6.237  1.00 34.43  ? 147 LYS A CG  1 
ATOM   877  C CD  . LYS A 1 108 ? -6.108  -9.768  -7.229  1.00 41.04  ? 147 LYS A CD  1 
ATOM   878  C CE  . LYS A 1 108 ? -6.580  -11.040 -6.563  1.00 44.51  ? 147 LYS A CE  1 
ATOM   879  N NZ  . LYS A 1 108 ? -7.058  -12.042 -7.548  1.00 49.04  ? 147 LYS A NZ  1 
ATOM   880  N N   . LEU A 1 109 ? -2.032  -5.951  -6.731  1.00 27.05  ? 148 LEU A N   1 
ATOM   881  C CA  . LEU A 1 109 ? -1.041  -5.151  -7.474  1.00 26.50  ? 148 LEU A CA  1 
ATOM   882  C C   . LEU A 1 109 ? -0.806  -5.851  -8.807  1.00 25.22  ? 148 LEU A C   1 
ATOM   883  O O   . LEU A 1 109 ? -0.502  -7.061  -8.797  1.00 27.63  ? 148 LEU A O   1 
ATOM   884  C CB  . LEU A 1 109 ? 0.249   -5.086  -6.655  1.00 26.40  ? 148 LEU A CB  1 
ATOM   885  C CG  . LEU A 1 109 ? 0.116   -4.574  -5.226  1.00 27.15  ? 148 LEU A CG  1 
ATOM   886  C CD1 . LEU A 1 109 ? 1.508   -4.428  -4.581  1.00 25.29  ? 148 LEU A CD1 1 
ATOM   887  C CD2 . LEU A 1 109 ? -0.717  -3.293  -5.191  1.00 27.78  ? 148 LEU A CD2 1 
ATOM   888  N N   . THR A 1 110 ? -0.854  -5.057  -9.868  1.00 28.54  ? 149 THR A N   1 
ATOM   889  C CA  . THR A 1 110 ? -0.754  -5.502  -11.270 1.00 29.33  ? 149 THR A CA  1 
ATOM   890  C C   . THR A 1 110 ? 0.211   -4.627  -12.070 1.00 29.79  ? 149 THR A C   1 
ATOM   891  O O   . THR A 1 110 ? 0.494   -3.476  -11.694 1.00 26.92  ? 149 THR A O   1 
ATOM   892  C CB  . THR A 1 110 ? -2.143  -5.566  -11.908 1.00 32.17  ? 149 THR A CB  1 
ATOM   893  O OG1 . THR A 1 110 ? -1.930  -6.267  -13.126 1.00 32.76  ? 149 THR A OG1 1 
ATOM   894  C CG2 . THR A 1 110 ? -2.783  -4.221  -12.163 1.00 31.88  ? 149 THR A CG2 1 
ATOM   895  N N   . ASN A 1 111 ? 0.670   -5.200  -13.178 1.00 30.82  ? 150 ASN A N   1 
ATOM   896  C CA  . ASN A 1 111 ? 1.493   -4.521  -14.215 1.00 35.36  ? 150 ASN A CA  1 
ATOM   897  C C   . ASN A 1 111 ? 0.745   -4.529  -15.564 1.00 37.57  ? 150 ASN A C   1 
ATOM   898  O O   . ASN A 1 111 ? 1.366   -4.172  -16.578 1.00 41.03  ? 150 ASN A O   1 
ATOM   899  C CB  . ASN A 1 111 ? 2.897   -5.115  -14.261 1.00 37.55  ? 150 ASN A CB  1 
ATOM   900  C CG  . ASN A 1 111 ? 2.985   -6.566  -14.679 1.00 35.46  ? 150 ASN A CG  1 
ATOM   901  O OD1 . ASN A 1 111 ? 4.083   -7.050  -14.951 1.00 39.84  ? 150 ASN A OD1 1 
ATOM   902  N ND2 . ASN A 1 111 ? 1.875   -7.277  -14.725 1.00 33.60  ? 150 ASN A ND2 1 
ATOM   903  N N   . LYS A 1 112 ? -0.564  -4.799  -15.558 1.00 41.70  ? 151 LYS A N   1 
ATOM   904  C CA  . LYS A 1 112 ? -1.457  -4.706  -16.747 1.00 47.37  ? 151 LYS A CA  1 
ATOM   905  C C   . LYS A 1 112 ? -2.820  -4.164  -16.310 1.00 51.80  ? 151 LYS A C   1 
ATOM   906  O O   . LYS A 1 112 ? -3.407  -4.780  -15.396 1.00 51.03  ? 151 LYS A O   1 
ATOM   907  C CB  . LYS A 1 112 ? -1.658  -6.086  -17.373 1.00 53.35  ? 151 LYS A CB  1 
ATOM   908  C CG  . LYS A 1 112 ? -0.389  -6.772  -17.865 1.00 67.05  ? 151 LYS A CG  1 
ATOM   909  C CD  . LYS A 1 112 ? 0.041   -6.363  -19.268 1.00 73.50  ? 151 LYS A CD  1 
ATOM   910  C CE  . LYS A 1 112 ? 1.378   -6.956  -19.666 1.00 78.22  ? 151 LYS A CE  1 
ATOM   911  N NZ  . LYS A 1 112 ? 2.486   -6.420  -18.834 1.00 74.28  ? 151 LYS A NZ  1 
ATOM   912  N N   . LEU A 1 113 ? -3.294  -3.077  -16.934 1.00 57.66  ? 152 LEU A N   1 
ATOM   913  C CA  . LEU A 1 113 ? -4.715  -2.626  -16.836 1.00 70.37  ? 152 LEU A CA  1 
ATOM   914  C C   . LEU A 1 113 ? -5.631  -3.719  -17.412 1.00 65.22  ? 152 LEU A C   1 
ATOM   915  O O   . LEU A 1 113 ? -5.957  -3.662  -18.595 1.00 68.94  ? 152 LEU A O   1 
ATOM   916  C CB  . LEU A 1 113 ? -4.938  -1.266  -17.521 1.00 74.58  ? 152 LEU A CB  1 
ATOM   917  C CG  . LEU A 1 113 ? -4.328  -0.987  -18.906 1.00 79.90  ? 152 LEU A CG  1 
ATOM   918  C CD1 . LEU A 1 113 ? -2.993  -0.261  -18.801 1.00 80.20  ? 152 LEU A CD1 1 
ATOM   919  C CD2 . LEU A 1 113 ? -4.192  -2.218  -19.802 1.00 81.51  ? 152 LEU A CD2 1 
ATOM   920  N N   . ASN A 1 114 ? -6.013  -4.693  -16.586 1.00 67.37  ? 153 ASN A N   1 
ATOM   921  C CA  . ASN A 1 114 ? -6.850  -5.856  -16.978 1.00 71.06  ? 153 ASN A CA  1 
ATOM   922  C C   . ASN A 1 114 ? -8.081  -5.887  -16.062 1.00 74.32  ? 153 ASN A C   1 
ATOM   923  O O   . ASN A 1 114 ? -8.614  -6.998  -15.822 1.00 62.35  ? 153 ASN A O   1 
ATOM   924  C CB  . ASN A 1 114 ? -6.037  -7.154  -16.970 1.00 71.92  ? 153 ASN A CB  1 
ATOM   925  C CG  . ASN A 1 114 ? -5.674  -7.638  -15.581 1.00 72.06  ? 153 ASN A CG  1 
ATOM   926  O OD1 . ASN A 1 114 ? -6.024  -8.755  -15.214 1.00 79.19  ? 153 ASN A OD1 1 
ATOM   927  N ND2 . ASN A 1 114 ? -4.974  -6.821  -14.802 1.00 80.89  ? 153 ASN A ND2 1 
ATOM   928  N N   . GLY A 1 115 ? -8.502  -4.704  -15.586 1.00 79.71  ? 154 GLY A N   1 
ATOM   929  C CA  . GLY A 1 115 ? -9.713  -4.469  -14.770 1.00 77.27  ? 154 GLY A CA  1 
ATOM   930  C C   . GLY A 1 115 ? -9.579  -5.017  -13.357 1.00 76.94  ? 154 GLY A C   1 
ATOM   931  O O   . GLY A 1 115 ? -8.432  -5.194  -12.894 1.00 73.14  ? 154 GLY A O   1 
ATOM   932  N N   . GLY A 1 116 ? -10.719 -5.241  -12.691 1.00 71.10  ? 155 GLY A N   1 
ATOM   933  C CA  . GLY A 1 116 ? -10.843 -5.958  -11.405 1.00 64.81  ? 155 GLY A CA  1 
ATOM   934  C C   . GLY A 1 116 ? -10.430 -5.126  -10.196 1.00 59.62  ? 155 GLY A C   1 
ATOM   935  O O   . GLY A 1 116 ? -10.066 -5.743  -9.175  1.00 51.86  ? 155 GLY A O   1 
ATOM   936  N N   . GLY A 1 117 ? -10.487 -3.791  -10.294 1.00 58.54  ? 156 GLY A N   1 
ATOM   937  C CA  . GLY A 1 117 ? -10.133 -2.843  -9.216  1.00 54.39  ? 156 GLY A CA  1 
ATOM   938  C C   . GLY A 1 117 ? -8.717  -3.069  -8.694  1.00 54.60  ? 156 GLY A C   1 
ATOM   939  O O   . GLY A 1 117 ? -8.519  -3.037  -7.464  1.00 59.90  ? 156 GLY A O   1 
ATOM   940  N N   . GLN A 1 118 ? -7.772  -3.307  -9.604  1.00 48.84  ? 157 GLN A N   1 
ATOM   941  C CA  . GLN A 1 118 ? -6.360  -3.616  -9.287  1.00 44.73  ? 157 GLN A CA  1 
ATOM   942  C C   . GLN A 1 118 ? -5.593  -2.290  -9.254  1.00 41.70  ? 157 GLN A C   1 
ATOM   943  O O   . GLN A 1 118 ? -6.135  -1.238  -9.686  1.00 39.94  ? 157 GLN A O   1 
ATOM   944  C CB  . GLN A 1 118 ? -5.817  -4.616  -10.311 1.00 49.95  ? 157 GLN A CB  1 
ATOM   945  C CG  . GLN A 1 118 ? -6.444  -5.996  -10.182 1.00 52.52  ? 157 GLN A CG  1 
ATOM   946  C CD  . GLN A 1 118 ? -6.087  -6.938  -11.306 1.00 53.39  ? 157 GLN A CD  1 
ATOM   947  O OE1 . GLN A 1 118 ? -4.986  -6.922  -11.834 1.00 59.56  ? 157 GLN A OE1 1 
ATOM   948  N NE2 . GLN A 1 118 ? -7.038  -7.768  -11.697 1.00 63.50  ? 157 GLN A NE2 1 
ATOM   949  N N   . ILE A 1 119 ? -4.398  -2.310  -8.680  1.00 32.18  ? 158 ILE A N   1 
ATOM   950  C CA  . ILE A 1 119 ? -3.503  -1.132  -8.666  1.00 29.63  ? 158 ILE A CA  1 
ATOM   951  C C   . ILE A 1 119 ? -2.402  -1.431  -9.682  1.00 26.43  ? 158 ILE A C   1 
ATOM   952  O O   . ILE A 1 119 ? -1.650  -2.423  -9.482  1.00 26.24  ? 158 ILE A O   1 
ATOM   953  C CB  . ILE A 1 119 ? -2.915  -0.901  -7.257  1.00 30.19  ? 158 ILE A CB  1 
ATOM   954  C CG1 . ILE A 1 119 ? -3.974  -0.725  -6.165  1.00 33.07  ? 158 ILE A CG1 1 
ATOM   955  C CG2 . ILE A 1 119 ? -1.936  0.254   -7.288  1.00 29.44  ? 158 ILE A CG2 1 
ATOM   956  C CD1 . ILE A 1 119 ? -4.724  0.568   -6.216  1.00 34.56  ? 158 ILE A CD1 1 
ATOM   957  N N   . MET A 1 120 ? -2.302  -0.596  -10.719 1.00 28.34  ? 159 MET A N   1 
ATOM   958  C CA  . MET A 1 120 ? -1.212  -0.664  -11.712 1.00 31.72  ? 159 MET A CA  1 
ATOM   959  C C   . MET A 1 120 ? 0.059   -0.045  -11.112 1.00 28.10  ? 159 MET A C   1 
ATOM   960  O O   . MET A 1 120 ? 0.009   1.111   -10.731 1.00 29.50  ? 159 MET A O   1 
ATOM   961  C CB  . MET A 1 120 ? -1.573  0.133   -12.964 1.00 35.62  ? 159 MET A CB  1 
ATOM   962  C CG  . MET A 1 120 ? -0.463  0.090   -13.984 1.00 41.82  ? 159 MET A CG  1 
ATOM   963  S SD  . MET A 1 120 ? -0.575  -1.440  -14.891 1.00 51.46  ? 159 MET A SD  1 
ATOM   964  C CE  . MET A 1 120 ? -0.861  -0.755  -16.519 1.00 58.00  ? 159 MET A CE  1 
ATOM   965  N N   . LEU A 1 121 ? 1.169   -0.785  -11.110 1.00 27.83  ? 160 LEU A N   1 
ATOM   966  C CA  . LEU A 1 121 ? 2.468   -0.253  -10.660 1.00 26.88  ? 160 LEU A CA  1 
ATOM   967  C C   . LEU A 1 121 ? 3.509   -0.537  -11.747 1.00 28.63  ? 160 LEU A C   1 
ATOM   968  O O   . LEU A 1 121 ? 3.309   -1.498  -12.513 1.00 31.14  ? 160 LEU A O   1 
ATOM   969  C CB  . LEU A 1 121 ? 2.855   -0.912  -9.337  1.00 28.20  ? 160 LEU A CB  1 
ATOM   970  C CG  . LEU A 1 121 ? 1.920   -0.679  -8.138  1.00 25.76  ? 160 LEU A CG  1 
ATOM   971  C CD1 . LEU A 1 121 ? 2.500   -1.347  -6.902  1.00 24.95  ? 160 LEU A CD1 1 
ATOM   972  C CD2 . LEU A 1 121 ? 1.708   0.788   -7.867  1.00 25.92  ? 160 LEU A CD2 1 
ATOM   973  N N   . ASN A 1 122 ? 4.535   0.299   -11.816 1.00 26.30  ? 161 ASN A N   1 
ATOM   974  C CA  . ASN A 1 122 ? 5.699   0.097   -12.715 1.00 27.87  ? 161 ASN A CA  1 
ATOM   975  C C   . ASN A 1 122 ? 6.734   -0.781  -11.996 1.00 27.01  ? 161 ASN A C   1 
ATOM   976  O O   . ASN A 1 122 ? 7.196   -0.432  -10.913 1.00 26.65  ? 161 ASN A O   1 
ATOM   977  C CB  . ASN A 1 122 ? 6.261   1.427   -13.195 1.00 27.83  ? 161 ASN A CB  1 
ATOM   978  C CG  . ASN A 1 122 ? 5.276   2.198   -14.058 1.00 29.33  ? 161 ASN A CG  1 
ATOM   979  O OD1 . ASN A 1 122 ? 4.535   1.608   -14.826 1.00 37.16  ? 161 ASN A OD1 1 
ATOM   980  N ND2 . ASN A 1 122 ? 5.272   3.504   -13.931 1.00 37.17  ? 161 ASN A ND2 1 
ATOM   981  N N   . SER A 1 123 ? 7.105   -1.872  -12.634 1.00 26.11  ? 162 SER A N   1 
ATOM   982  C CA  . SER A 1 123 ? 8.176   -2.784  -12.191 1.00 30.36  ? 162 SER A CA  1 
ATOM   983  C C   . SER A 1 123 ? 9.463   -1.986  -11.985 1.00 27.00  ? 162 SER A C   1 
ATOM   984  O O   . SER A 1 123 ? 9.734   -1.063  -12.784 1.00 25.94  ? 162 SER A O   1 
ATOM   985  C CB  . SER A 1 123 ? 8.372   -3.917  -13.157 1.00 35.62  ? 162 SER A CB  1 
ATOM   986  O OG  . SER A 1 123 ? 9.238   -4.869  -12.549 1.00 42.34  ? 162 SER A OG  1 
ATOM   987  N N   . LEU A 1 124 ? 10.162  -2.298  -10.902 1.00 25.40  ? 163 LEU A N   1 
ATOM   988  C CA  . LEU A 1 124 ? 11.469  -1.711  -10.486 1.00 26.81  ? 163 LEU A CA  1 
ATOM   989  C C   . LEU A 1 124 ? 11.343  -0.248  -10.076 1.00 24.95  ? 163 LEU A C   1 
ATOM   990  O O   . LEU A 1 124 ? 12.355  0.430   -9.907  1.00 23.27  ? 163 LEU A O   1 
ATOM   991  C CB  . LEU A 1 124 ? 12.495  -1.951  -11.611 1.00 27.72  ? 163 LEU A CB  1 
ATOM   992  C CG  . LEU A 1 124 ? 12.762  -3.435  -11.884 1.00 32.06  ? 163 LEU A CG  1 
ATOM   993  C CD1 . LEU A 1 124 ? 13.829  -3.641  -12.963 1.00 34.79  ? 163 LEU A CD1 1 
ATOM   994  C CD2 . LEU A 1 124 ? 13.166  -4.157  -10.614 1.00 30.05  ? 163 LEU A CD2 1 
ATOM   995  N N   . HIS A 1 125 ? 10.136  0.197   -9.736  1.00 25.07  ? 164 HIS A N   1 
ATOM   996  C CA  . HIS A 1 125 ? 9.865   1.515   -9.127  1.00 21.89  ? 164 HIS A CA  1 
ATOM   997  C C   . HIS A 1 125 ? 9.392   1.319   -7.686  1.00 22.74  ? 164 HIS A C   1 
ATOM   998  O O   . HIS A 1 125 ? 8.715   0.260   -7.390  1.00 21.83  ? 164 HIS A O   1 
ATOM   999  C CB  . HIS A 1 125 ? 8.847   2.335   -9.939  1.00 24.05  ? 164 HIS A CB  1 
ATOM   1000 C CG  . HIS A 1 125 ? 9.300   2.672   -11.315 1.00 25.26  ? 164 HIS A CG  1 
ATOM   1001 N ND1 . HIS A 1 125 ? 9.491   1.728   -12.256 1.00 25.44  ? 164 HIS A ND1 1 
ATOM   1002 C CD2 . HIS A 1 125 ? 9.570   3.867   -11.887 1.00 27.10  ? 164 HIS A CD2 1 
ATOM   1003 C CE1 . HIS A 1 125 ? 9.873   2.313   -13.385 1.00 29.52  ? 164 HIS A CE1 1 
ATOM   1004 N NE2 . HIS A 1 125 ? 9.954   3.625   -13.161 1.00 26.75  ? 164 HIS A NE2 1 
ATOM   1005 N N   . LYS A 1 126 ? 9.768   2.267   -6.830  1.00 21.80  ? 165 LYS A N   1 
ATOM   1006 C CA  . LYS A 1 126 ? 9.457   2.254   -5.378  1.00 22.37  ? 165 LYS A CA  1 
ATOM   1007 C C   . LYS A 1 126 ? 8.156   3.016   -5.125  1.00 22.43  ? 165 LYS A C   1 
ATOM   1008 O O   . LYS A 1 126 ? 7.969   4.110   -5.685  1.00 21.06  ? 165 LYS A O   1 
ATOM   1009 C CB  . LYS A 1 126 ? 10.594  2.861   -4.569  1.00 25.42  ? 165 LYS A CB  1 
ATOM   1010 C CG  . LYS A 1 126 ? 10.437  2.856   -3.061  1.00 29.01  ? 165 LYS A CG  1 
ATOM   1011 C CD  . LYS A 1 126 ? 11.675  3.387   -2.324  1.00 30.66  ? 165 LYS A CD  1 
ATOM   1012 C CE  . LYS A 1 126 ? 12.840  2.420   -2.458  1.00 38.18  ? 165 LYS A CE  1 
ATOM   1013 N NZ  . LYS A 1 126 ? 13.895  2.602   -1.429  1.00 44.62  ? 165 LYS A NZ  1 
ATOM   1014 N N   . TYR A 1 127 ? 7.335   2.464   -4.245  1.00 20.75  ? 166 TYR A N   1 
ATOM   1015 C CA  . TYR A 1 127 ? 6.002   3.024   -3.925  1.00 22.65  ? 166 TYR A CA  1 
ATOM   1016 C C   . TYR A 1 127 ? 5.806   3.024   -2.419  1.00 22.37  ? 166 TYR A C   1 
ATOM   1017 O O   . TYR A 1 127 ? 6.348   2.163   -1.701  1.00 22.45  ? 166 TYR A O   1 
ATOM   1018 C CB  . TYR A 1 127 ? 4.902   2.234   -4.625  1.00 24.58  ? 166 TYR A CB  1 
ATOM   1019 C CG  . TYR A 1 127 ? 4.925   2.348   -6.121  1.00 24.09  ? 166 TYR A CG  1 
ATOM   1020 C CD1 . TYR A 1 127 ? 4.280   3.401   -6.765  1.00 22.76  ? 166 TYR A CD1 1 
ATOM   1021 C CD2 . TYR A 1 127 ? 5.574   1.400   -6.899  1.00 22.90  ? 166 TYR A CD2 1 
ATOM   1022 C CE1 . TYR A 1 127 ? 4.278   3.494   -8.145  1.00 23.74  ? 166 TYR A CE1 1 
ATOM   1023 C CE2 . TYR A 1 127 ? 5.595   1.495   -8.272  1.00 22.39  ? 166 TYR A CE2 1 
ATOM   1024 C CZ  . TYR A 1 127 ? 4.942   2.532   -8.896  1.00 23.41  ? 166 TYR A CZ  1 
ATOM   1025 O OH  . TYR A 1 127 ? 4.977   2.622   -10.259 1.00 25.61  ? 166 TYR A OH  1 
ATOM   1026 N N   . GLU A 1 128 ? 4.956   3.957   -1.988  1.00 22.84  ? 167 GLU A N   1 
ATOM   1027 C CA  . GLU A 1 128 ? 4.597   4.129   -0.557  1.00 23.99  ? 167 GLU A CA  1 
ATOM   1028 C C   . GLU A 1 128 ? 3.077   4.187   -0.494  1.00 24.00  ? 167 GLU A C   1 
ATOM   1029 O O   . GLU A 1 128 ? 2.457   5.108   -1.046  1.00 24.26  ? 167 GLU A O   1 
ATOM   1030 C CB  . GLU A 1 128 ? 5.243   5.372   0.017   1.00 28.39  ? 167 GLU A CB  1 
ATOM   1031 C CG  . GLU A 1 128 ? 4.985   5.535   1.507   1.00 33.57  ? 167 GLU A CG  1 
ATOM   1032 C CD  . GLU A 1 128 ? 5.726   6.751   2.018   1.00 41.21  ? 167 GLU A CD  1 
ATOM   1033 O OE1 . GLU A 1 128 ? 5.130   7.831   1.965   1.00 44.98  ? 167 GLU A OE1 1 
ATOM   1034 O OE2 . GLU A 1 128 ? 6.939   6.649   2.312   1.00 44.97  ? 167 GLU A OE2 1 
ATOM   1035 N N   . PRO A 1 129 ? 2.478   3.181   0.167   1.00 24.27  ? 168 PRO A N   1 
ATOM   1036 C CA  . PRO A 1 129 ? 1.046   3.166   0.460   1.00 23.07  ? 168 PRO A CA  1 
ATOM   1037 C C   . PRO A 1 129 ? 0.581   4.415   1.207   1.00 23.78  ? 168 PRO A C   1 
ATOM   1038 O O   . PRO A 1 129 ? 1.301   4.939   2.058   1.00 22.62  ? 168 PRO A O   1 
ATOM   1039 C CB  . PRO A 1 129 ? 0.883   1.938   1.350   1.00 24.28  ? 168 PRO A CB  1 
ATOM   1040 C CG  . PRO A 1 129 ? 1.971   1.021   0.856   1.00 25.35  ? 168 PRO A CG  1 
ATOM   1041 C CD  . PRO A 1 129 ? 3.138   1.956   0.637   1.00 23.56  ? 168 PRO A CD  1 
ATOM   1042 N N   . ARG A 1 130 ? -0.646  4.827   0.882   1.00 22.56  ? 169 ARG A N   1 
ATOM   1043 C CA  . ARG A 1 130 ? -1.255  6.047   1.426   1.00 23.03  ? 169 ARG A CA  1 
ATOM   1044 C C   . ARG A 1 130 ? -2.740  5.747   1.600   1.00 22.54  ? 169 ARG A C   1 
ATOM   1045 O O   . ARG A 1 130 ? -3.371  5.314   0.629   1.00 22.94  ? 169 ARG A O   1 
ATOM   1046 C CB  . ARG A 1 130 ? -0.997  7.242   0.509   1.00 25.46  ? 169 ARG A CB  1 
ATOM   1047 C CG  . ARG A 1 130 ? -1.644  8.532   0.988   1.00 24.17  ? 169 ARG A CG  1 
ATOM   1048 C CD  . ARG A 1 130 ? -1.234  9.734   0.154   1.00 25.60  ? 169 ARG A CD  1 
ATOM   1049 N NE  . ARG A 1 130 ? -1.636  9.568   -1.228  1.00 23.73  ? 169 ARG A NE  1 
ATOM   1050 C CZ  . ARG A 1 130 ? -1.525  10.520  -2.153  1.00 27.42  ? 169 ARG A CZ  1 
ATOM   1051 N NH1 . ARG A 1 130 ? -0.962  11.676  -1.850  1.00 26.50  ? 169 ARG A NH1 1 
ATOM   1052 N NH2 . ARG A 1 130 ? -1.970  10.303  -3.379  1.00 27.89  ? 169 ARG A NH2 1 
ATOM   1053 N N   . ILE A 1 131 ? -3.276  5.981   2.790   1.00 21.55  ? 170 ILE A N   1 
ATOM   1054 C CA  . ILE A 1 131 ? -4.729  5.780   3.066   1.00 24.04  ? 170 ILE A CA  1 
ATOM   1055 C C   . ILE A 1 131 ? -5.400  7.144   3.171   1.00 23.25  ? 170 ILE A C   1 
ATOM   1056 O O   . ILE A 1 131 ? -4.840  8.043   3.819   1.00 24.56  ? 170 ILE A O   1 
ATOM   1057 C CB  . ILE A 1 131 ? -4.890  4.971   4.361   1.00 25.93  ? 170 ILE A CB  1 
ATOM   1058 C CG1 . ILE A 1 131 ? -4.419  3.532   4.133   1.00 27.47  ? 170 ILE A CG1 1 
ATOM   1059 C CG2 . ILE A 1 131 ? -6.328  5.057   4.878   1.00 25.66  ? 170 ILE A CG2 1 
ATOM   1060 C CD1 . ILE A 1 131 ? -4.346  2.698   5.408   1.00 29.97  ? 170 ILE A CD1 1 
ATOM   1061 N N   . HIS A 1 132 ? -6.583  7.253   2.577   1.00 22.12  ? 171 HIS A N   1 
ATOM   1062 C CA  . HIS A 1 132 ? -7.453  8.439   2.614   1.00 22.68  ? 171 HIS A CA  1 
ATOM   1063 C C   . HIS A 1 132 ? -8.749  8.083   3.353   1.00 22.33  ? 171 HIS A C   1 
ATOM   1064 O O   . HIS A 1 132 ? -9.293  7.034   3.085   1.00 24.76  ? 171 HIS A O   1 
ATOM   1065 C CB  . HIS A 1 132 ? -7.797  8.921   1.223   1.00 25.50  ? 171 HIS A CB  1 
ATOM   1066 C CG  . HIS A 1 132 ? -6.598  9.034   0.351   1.00 26.55  ? 171 HIS A CG  1 
ATOM   1067 N ND1 . HIS A 1 132 ? -5.927  10.206  0.214   1.00 29.74  ? 171 HIS A ND1 1 
ATOM   1068 C CD2 . HIS A 1 132 ? -5.935  8.107   -0.373  1.00 31.45  ? 171 HIS A CD2 1 
ATOM   1069 C CE1 . HIS A 1 132 ? -4.907  10.025  -0.615  1.00 29.30  ? 171 HIS A CE1 1 
ATOM   1070 N NE2 . HIS A 1 132 ? -4.889  8.752   -0.976  1.00 28.64  ? 171 HIS A NE2 1 
ATOM   1071 N N   . ILE A 1 133 ? -9.151  8.950   4.251   1.00 20.15  ? 172 ILE A N   1 
ATOM   1072 C CA  . ILE A 1 133 ? -10.466 8.813   4.936   1.00 19.76  ? 172 ILE A CA  1 
ATOM   1073 C C   . ILE A 1 133 ? -11.329 9.938   4.418   1.00 21.48  ? 172 ILE A C   1 
ATOM   1074 O O   . ILE A 1 133 ? -10.923 11.084  4.587   1.00 21.57  ? 172 ILE A O   1 
ATOM   1075 C CB  . ILE A 1 133 ? -10.328 8.771   6.454   1.00 21.80  ? 172 ILE A CB  1 
ATOM   1076 C CG1 . ILE A 1 133 ? -9.387  7.661   6.903   1.00 21.78  ? 172 ILE A CG1 1 
ATOM   1077 C CG2 . ILE A 1 133 ? -11.694 8.620   7.108   1.00 21.00  ? 172 ILE A CG2 1 
ATOM   1078 C CD1 . ILE A 1 133 ? -8.973  7.795   8.354   1.00 23.26  ? 172 ILE A CD1 1 
ATOM   1079 N N   . VAL A 1 134 ? -12.445 9.555   3.793   1.00 23.24  ? 173 VAL A N   1 
ATOM   1080 C CA  . VAL A 1 134 ? -13.377 10.434  3.038   1.00 25.97  ? 173 VAL A CA  1 
ATOM   1081 C C   . VAL A 1 134 ? -14.686 10.462  3.814   1.00 27.80  ? 173 VAL A C   1 
ATOM   1082 O O   . VAL A 1 134 ? -15.296 9.379   3.932   1.00 30.16  ? 173 VAL A O   1 
ATOM   1083 C CB  . VAL A 1 134 ? -13.605 9.887   1.611   1.00 30.25  ? 173 VAL A CB  1 
ATOM   1084 C CG1 . VAL A 1 134 ? -14.383 10.858  0.726   1.00 33.11  ? 173 VAL A CG1 1 
ATOM   1085 C CG2 . VAL A 1 134 ? -12.304 9.492   0.940   1.00 33.90  ? 173 VAL A CG2 1 
ATOM   1086 N N   . ARG A 1 135 ? -15.075 11.620  4.336   1.00 23.89  ? 174 ARG A N   1 
ATOM   1087 C CA  . ARG A 1 135 ? -16.355 11.761  5.077   1.00 24.37  ? 174 ARG A CA  1 
ATOM   1088 C C   . ARG A 1 135 ? -17.554 11.737  4.134   1.00 27.41  ? 174 ARG A C   1 
ATOM   1089 O O   . ARG A 1 135 ? -17.527 12.465  3.120   1.00 28.11  ? 174 ARG A O   1 
ATOM   1090 C CB  . ARG A 1 135 ? -16.409 13.064  5.857   1.00 28.26  ? 174 ARG A CB  1 
ATOM   1091 C CG  . ARG A 1 135 ? -17.503 13.035  6.899   1.00 26.88  ? 174 ARG A CG  1 
ATOM   1092 C CD  . ARG A 1 135 ? -17.185 14.023  7.989   1.00 31.85  ? 174 ARG A CD  1 
ATOM   1093 N NE  . ARG A 1 135 ? -16.882 15.357  7.458   1.00 34.63  ? 174 ARG A NE  1 
ATOM   1094 C CZ  . ARG A 1 135 ? -16.307 16.335  8.176   1.00 39.37  ? 174 ARG A CZ  1 
ATOM   1095 N NH1 . ARG A 1 135 ? -16.116 17.540  7.655   1.00 34.79  ? 174 ARG A NH1 1 
ATOM   1096 N NH2 . ARG A 1 135 ? -15.879 16.088  9.409   1.00 41.34  ? 174 ARG A NH2 1 
ATOM   1097 N N   . VAL A 1 136 ? -18.583 10.933  4.414   1.00 25.85  ? 175 VAL A N   1 
ATOM   1098 C CA  . VAL A 1 136 ? -19.701 10.862  3.429   1.00 25.23  ? 175 VAL A CA  1 
ATOM   1099 C C   . VAL A 1 136 ? -20.710 11.953  3.769   1.00 25.32  ? 175 VAL A C   1 
ATOM   1100 O O   . VAL A 1 136 ? -20.834 12.325  4.935   1.00 23.42  ? 175 VAL A O   1 
ATOM   1101 C CB  . VAL A 1 136 ? -20.319 9.472   3.170   1.00 31.59  ? 175 VAL A CB  1 
ATOM   1102 C CG1 . VAL A 1 136 ? -19.449 8.303   3.578   1.00 30.62  ? 175 VAL A CG1 1 
ATOM   1103 C CG2 . VAL A 1 136 ? -21.773 9.303   3.537   1.00 29.73  ? 175 VAL A CG2 1 
ATOM   1104 N N   . GLY A 1 137 ? -21.348 12.475  2.728   1.00 25.29  ? 176 GLY A N   1 
ATOM   1105 C CA  . GLY A 1 137 ? -22.436 13.467  2.821   1.00 30.08  ? 176 GLY A CA  1 
ATOM   1106 C C   . GLY A 1 137 ? -21.904 14.844  3.169   1.00 29.64  ? 176 GLY A C   1 
ATOM   1107 O O   . GLY A 1 137 ? -22.638 15.646  3.735   1.00 34.41  ? 176 GLY A O   1 
ATOM   1108 N N   . ASP A 1 138 ? -20.618 15.084  2.954   1.00 29.06  ? 177 ASP A N   1 
ATOM   1109 C CA  . ASP A 1 138 ? -19.955 16.332  3.423   1.00 25.67  ? 177 ASP A CA  1 
ATOM   1110 C C   . ASP A 1 138 ? -19.873 17.326  2.258   1.00 26.44  ? 177 ASP A C   1 
ATOM   1111 O O   . ASP A 1 138 ? -19.203 17.034  1.268   1.00 23.93  ? 177 ASP A O   1 
ATOM   1112 C CB  . ASP A 1 138 ? -18.555 15.991  3.925   1.00 25.88  ? 177 ASP A CB  1 
ATOM   1113 C CG  . ASP A 1 138 ? -17.815 17.208  4.442   1.00 27.16  ? 177 ASP A CG  1 
ATOM   1114 O OD1 . ASP A 1 138 ? -18.409 18.302  4.511   1.00 31.31  ? 177 ASP A OD1 1 
ATOM   1115 O OD2 . ASP A 1 138 ? -16.686 17.043  4.782   1.00 27.89  ? 177 ASP A OD2 1 
ATOM   1116 N N   . PRO A 1 139 ? -20.552 18.499  2.329   0.35 25.44  ? 178 PRO A N   1 
ATOM   1117 C CA  . PRO A 1 139 ? -20.444 19.523  1.285   0.35 24.84  ? 178 PRO A CA  1 
ATOM   1118 C C   . PRO A 1 139 ? -18.993 19.965  1.042   0.35 23.64  ? 178 PRO A C   1 
ATOM   1119 O O   . PRO A 1 139 ? -18.648 20.252  -0.091  0.35 23.40  ? 178 PRO A O   1 
ATOM   1120 C CB  . PRO A 1 139 ? -21.261 20.703  1.834   0.35 25.54  ? 178 PRO A CB  1 
ATOM   1121 C CG  . PRO A 1 139 ? -22.228 20.072  2.811   0.35 25.60  ? 178 PRO A CG  1 
ATOM   1122 C CD  . PRO A 1 139 ? -21.471 18.902  3.404   0.35 25.82  ? 178 PRO A CD  1 
ATOM   1123 N N   . GLN A 1 140 ? -18.187 19.986  2.109   0.35 22.32  ? 179 GLN A N   1 
ATOM   1124 C CA  . GLN A 1 140 ? -16.752 20.374  2.099   0.35 22.28  ? 179 GLN A CA  1 
ATOM   1125 C C   . GLN A 1 140 ? -15.906 19.250  1.483   0.35 22.91  ? 179 GLN A C   1 
ATOM   1126 O O   . GLN A 1 140 ? -14.750 19.525  1.099   0.35 23.82  ? 179 GLN A O   1 
ATOM   1127 C CB  . GLN A 1 140 ? -16.318 20.713  3.525   0.35 21.28  ? 179 GLN A CB  1 
ATOM   1128 C CG  . GLN A 1 140 ? -14.838 21.005  3.696   0.35 20.55  ? 179 GLN A CG  1 
ATOM   1129 C CD  . GLN A 1 140 ? -14.591 21.641  5.040   0.35 20.17  ? 179 GLN A CD  1 
ATOM   1130 O OE1 . GLN A 1 140 ? -14.937 22.797  5.267   0.35 19.60  ? 179 GLN A OE1 1 
ATOM   1131 N NE2 . GLN A 1 140 ? -14.021 20.875  5.950   0.35 17.85  ? 179 GLN A NE2 1 
ATOM   1132 N N   . ARG A 1 141 ? -16.456 18.036  1.351   0.35 24.11  ? 180 ARG A N   1 
ATOM   1133 C CA  . ARG A 1 141 ? -15.723 16.874  0.766   0.35 25.94  ? 180 ARG A CA  1 
ATOM   1134 C C   . ARG A 1 141 ? -14.355 16.730  1.429   0.35 26.44  ? 180 ARG A C   1 
ATOM   1135 O O   . ARG A 1 141 ? -13.355 16.497  0.749   0.35 27.29  ? 180 ARG A O   1 
ATOM   1136 C CB  . ARG A 1 141 ? -15.593 17.031  -0.745  0.35 27.58  ? 180 ARG A CB  1 
ATOM   1137 C CG  . ARG A 1 141 ? -16.797 16.470  -1.474  0.35 29.06  ? 180 ARG A CG  1 
ATOM   1138 C CD  . ARG A 1 141 ? -16.480 16.382  -2.941  0.35 31.59  ? 180 ARG A CD  1 
ATOM   1139 N NE  . ARG A 1 141 ? -17.062 17.590  -3.459  0.35 33.68  ? 180 ARG A NE  1 
ATOM   1140 C CZ  . ARG A 1 141 ? -16.383 18.579  -3.991  0.35 34.72  ? 180 ARG A CZ  1 
ATOM   1141 N NH1 . ARG A 1 141 ? -17.038 19.629  -4.436  0.35 35.83  ? 180 ARG A NH1 1 
ATOM   1142 N NH2 . ARG A 1 141 ? -15.078 18.500  -4.124  0.35 37.79  ? 180 ARG A NH2 1 
ATOM   1143 N N   . MET A 1 142 ? -14.369 16.804  2.743   0.35 26.71  ? 181 MET A N   1 
ATOM   1144 C CA  . MET A 1 142 ? -13.135 16.808  3.567   0.35 27.55  ? 181 MET A CA  1 
ATOM   1145 C C   . MET A 1 142 ? -12.543 15.400  3.571   0.35 27.10  ? 181 MET A C   1 
ATOM   1146 O O   . MET A 1 142 ? -13.245 14.455  3.984   0.35 27.82  ? 181 MET A O   1 
ATOM   1147 C CB  . MET A 1 142 ? -13.424 17.255  5.000   0.35 27.92  ? 181 MET A CB  1 
ATOM   1148 C CG  . MET A 1 142 ? -12.185 17.327  5.867   0.35 29.18  ? 181 MET A CG  1 
ATOM   1149 S SD  . MET A 1 142 ? -12.579 17.845  7.549   0.35 30.97  ? 181 MET A SD  1 
ATOM   1150 C CE  . MET A 1 142 ? -11.085 17.330  8.387   0.35 30.10  ? 181 MET A CE  1 
ATOM   1151 N N   . ILE A 1 143 ? -11.290 15.286  3.138   0.35 26.77  ? 182 ILE A N   1 
ATOM   1152 C CA  . ILE A 1 143 ? -10.556 13.993  3.034   0.35 26.02  ? 182 ILE A CA  1 
ATOM   1153 C C   . ILE A 1 143 ? -9.209  14.147  3.750   0.35 25.20  ? 182 ILE A C   1 
ATOM   1154 O O   . ILE A 1 143 ? -8.497  15.140  3.493   0.35 23.46  ? 182 ILE A O   1 
ATOM   1155 C CB  . ILE A 1 143 ? -10.425 13.569  1.559   0.35 26.68  ? 182 ILE A CB  1 
ATOM   1156 C CG1 . ILE A 1 143 ? -9.828  12.169  1.410   0.35 27.00  ? 182 ILE A CG1 1 
ATOM   1157 C CG2 . ILE A 1 143 ? -9.658  14.601  0.744   0.35 27.02  ? 182 ILE A CG2 1 
ATOM   1158 C CD1 . ILE A 1 143 ? -10.010 11.587  0.022   0.35 27.59  ? 182 ILE A CD1 1 
ATOM   1159 N N   . THR A 1 144 ? -8.914  13.214  4.653   0.35 23.60  ? 183 THR A N   1 
ATOM   1160 C CA  . THR A 1 144 ? -7.623  13.101  5.376   0.35 23.22  ? 183 THR A CA  1 
ATOM   1161 C C   . THR A 1 144 ? -6.755  12.075  4.643   0.35 22.59  ? 183 THR A C   1 
ATOM   1162 O O   . THR A 1 144 ? -7.317  11.065  4.175   0.35 21.74  ? 183 THR A O   1 
ATOM   1163 C CB  . THR A 1 144 ? -7.851  12.707  6.839   0.35 23.94  ? 183 THR A CB  1 
ATOM   1164 O OG1 . THR A 1 144 ? -8.456  11.416  6.833   0.35 25.04  ? 183 THR A OG1 1 
ATOM   1165 C CG2 . THR A 1 144 ? -8.738  13.669  7.596   0.35 23.92  ? 183 THR A CG2 1 
ATOM   1166 N N   A SER A 1 145 ? -5.442  12.317  4.563   0.17 21.32  ? 184 SER A N   1 
ATOM   1167 N N   B SER A 1 145 ? -5.466  12.327  4.496   0.18 21.32  ? 184 SER A N   1 
ATOM   1168 C CA  A SER A 1 145 ? -4.458  11.410  3.917   0.17 21.98  ? 184 SER A CA  1 
ATOM   1169 C CA  B SER A 1 145 ? -4.522  11.331  3.931   0.18 21.59  ? 184 SER A CA  1 
ATOM   1170 C C   A SER A 1 145 ? -3.345  11.073  4.904   0.17 20.71  ? 184 SER A C   1 
ATOM   1171 C C   B SER A 1 145 ? -3.448  10.997  4.962   0.18 20.64  ? 184 SER A C   1 
ATOM   1172 O O   A SER A 1 145 ? -2.874  11.993  5.590   0.17 20.17  ? 184 SER A O   1 
ATOM   1173 O O   B SER A 1 145 ? -3.201  11.804  5.874   0.18 19.73  ? 184 SER A O   1 
ATOM   1174 C CB  A SER A 1 145 ? -3.878  11.998  2.667   0.17 23.15  ? 184 SER A CB  1 
ATOM   1175 C CB  B SER A 1 145 ? -3.913  11.770  2.634   0.18 22.04  ? 184 SER A CB  1 
ATOM   1176 O OG  A SER A 1 145 ? -4.906  12.417  1.784   0.17 25.19  ? 184 SER A OG  1 
ATOM   1177 O OG  B SER A 1 145 ? -3.222  12.994  2.790   0.18 22.99  ? 184 SER A OG  1 
ATOM   1178 N N   . HIS A 1 146 ? -2.871  9.826   4.825   0.35 20.60  ? 185 HIS A N   1 
ATOM   1179 C CA  . HIS A 1 146 ? -1.960  9.190   5.808   0.35 20.89  ? 185 HIS A CA  1 
ATOM   1180 C C   . HIS A 1 146 ? -0.919  8.366   5.043   0.35 20.73  ? 185 HIS A C   1 
ATOM   1181 O O   . HIS A 1 146 ? -1.346  7.431   4.337   0.35 20.51  ? 185 HIS A O   1 
ATOM   1182 C CB  . HIS A 1 146 ? -2.805  8.325   6.758   0.35 20.89  ? 185 HIS A CB  1 
ATOM   1183 C CG  . HIS A 1 146 ? -4.009  9.032   7.293   0.35 20.96  ? 185 HIS A CG  1 
ATOM   1184 N ND1 . HIS A 1 146 ? -5.233  9.050   6.633   0.35 21.80  ? 185 HIS A ND1 1 
ATOM   1185 C CD2 . HIS A 1 146 ? -4.172  9.769   8.412   0.35 20.93  ? 185 HIS A CD2 1 
ATOM   1186 C CE1 . HIS A 1 146 ? -6.092  9.757   7.336   0.35 21.90  ? 185 HIS A CE1 1 
ATOM   1187 N NE2 . HIS A 1 146 ? -5.474  10.206  8.435   0.35 22.19  ? 185 HIS A NE2 1 
ATOM   1188 N N   . CYS A 1 147 ? 0.380   8.674   5.174   1.00 21.64  ? 186 CYS A N   1 
ATOM   1189 C CA  . CYS A 1 147 ? 1.428   7.863   4.494   1.00 22.44  ? 186 CYS A CA  1 
ATOM   1190 C C   . CYS A 1 147 ? 2.035   6.904   5.499   1.00 22.71  ? 186 CYS A C   1 
ATOM   1191 O O   . CYS A 1 147 ? 2.116   7.280   6.665   1.00 23.25  ? 186 CYS A O   1 
ATOM   1192 C CB  . CYS A 1 147 ? 2.501   8.758   3.888   1.00 24.75  ? 186 CYS A CB  1 
ATOM   1193 S SG  . CYS A 1 147 ? 1.777   9.811   2.620   1.00 29.05  ? 186 CYS A SG  1 
ATOM   1194 N N   . PHE A 1 148 ? 2.567   5.766   5.035   1.00 23.10  ? 187 PHE A N   1 
ATOM   1195 C CA  . PHE A 1 148 ? 3.140   4.723   5.912   1.00 26.67  ? 187 PHE A CA  1 
ATOM   1196 C C   . PHE A 1 148 ? 4.553   4.402   5.435   1.00 27.29  ? 187 PHE A C   1 
ATOM   1197 O O   . PHE A 1 148 ? 4.727   3.526   4.600   1.00 24.64  ? 187 PHE A O   1 
ATOM   1198 C CB  . PHE A 1 148 ? 2.218   3.521   5.908   1.00 25.51  ? 187 PHE A CB  1 
ATOM   1199 C CG  . PHE A 1 148 ? 0.881   3.882   6.472   1.00 24.58  ? 187 PHE A CG  1 
ATOM   1200 C CD1 . PHE A 1 148 ? 0.691   3.955   7.840   1.00 23.91  ? 187 PHE A CD1 1 
ATOM   1201 C CD2 . PHE A 1 148 ? -0.135  4.282   5.617   1.00 25.86  ? 187 PHE A CD2 1 
ATOM   1202 C CE1 . PHE A 1 148 ? -0.522  4.396   8.349   1.00 25.50  ? 187 PHE A CE1 1 
ATOM   1203 C CE2 . PHE A 1 148 ? -1.345  4.715   6.133   1.00 26.38  ? 187 PHE A CE2 1 
ATOM   1204 C CZ  . PHE A 1 148 ? -1.523  4.775   7.482   1.00 25.50  ? 187 PHE A CZ  1 
ATOM   1205 N N   . PRO A 1 149 ? 5.567   5.160   5.881   1.00 29.76  ? 188 PRO A N   1 
ATOM   1206 C CA  . PRO A 1 149 ? 6.932   4.995   5.357   1.00 27.86  ? 188 PRO A CA  1 
ATOM   1207 C C   . PRO A 1 149 ? 7.515   3.603   5.633   1.00 26.62  ? 188 PRO A C   1 
ATOM   1208 O O   . PRO A 1 149 ? 8.359   3.168   4.825   1.00 24.11  ? 188 PRO A O   1 
ATOM   1209 C CB  . PRO A 1 149 ? 7.785   6.040   6.100   1.00 31.13  ? 188 PRO A CB  1 
ATOM   1210 C CG  . PRO A 1 149 ? 6.934   6.478   7.276   1.00 36.53  ? 188 PRO A CG  1 
ATOM   1211 C CD  . PRO A 1 149 ? 5.486   6.242   6.884   1.00 34.05  ? 188 PRO A CD  1 
ATOM   1212 N N   . GLU A 1 150 ? 7.054   2.941   6.690   1.00 28.92  ? 189 GLU A N   1 
ATOM   1213 C CA  . GLU A 1 150 ? 7.471   1.558   7.050   1.00 26.32  ? 189 GLU A CA  1 
ATOM   1214 C C   . GLU A 1 150 ? 7.102   0.584   5.935   1.00 23.40  ? 189 GLU A C   1 
ATOM   1215 O O   . GLU A 1 150 ? 7.631   -0.543  5.923   1.00 24.86  ? 189 GLU A O   1 
ATOM   1216 C CB  . GLU A 1 150 ? 6.812   1.102   8.343   1.00 31.05  ? 189 GLU A CB  1 
ATOM   1217 C CG  . GLU A 1 150 ? 7.216   1.982   9.512   1.00 32.97  ? 189 GLU A CG  1 
ATOM   1218 C CD  . GLU A 1 150 ? 6.174   3.000   9.901   1.00 34.19  ? 189 GLU A CD  1 
ATOM   1219 O OE1 . GLU A 1 150 ? 6.180   3.362   11.096  1.00 39.17  ? 189 GLU A OE1 1 
ATOM   1220 O OE2 . GLU A 1 150 ? 5.352   3.396   9.047   1.00 32.49  ? 189 GLU A OE2 1 
ATOM   1221 N N   . THR A 1 151 ? 6.134   0.954   5.092   1.00 21.49  ? 190 THR A N   1 
ATOM   1222 C CA  . THR A 1 151 ? 5.493   0.019   4.151   1.00 22.12  ? 190 THR A CA  1 
ATOM   1223 C C   . THR A 1 151 ? 6.015   0.271   2.732   1.00 20.86  ? 190 THR A C   1 
ATOM   1224 O O   . THR A 1 151 ? 5.510   -0.383  1.860   1.00 22.06  ? 190 THR A O   1 
ATOM   1225 C CB  . THR A 1 151 ? 3.955   0.074   4.207   1.00 23.85  ? 190 THR A CB  1 
ATOM   1226 O OG1 . THR A 1 151 ? 3.509   1.309   3.655   1.00 23.94  ? 190 THR A OG1 1 
ATOM   1227 C CG2 . THR A 1 151 ? 3.390   -0.047  5.613   1.00 22.24  ? 190 THR A CG2 1 
ATOM   1228 N N   . GLN A 1 152 ? 7.037   1.120   2.526   1.00 21.56  ? 191 GLN A N   1 
ATOM   1229 C CA  . GLN A 1 152 ? 7.628   1.348   1.184   1.00 23.25  ? 191 GLN A CA  1 
ATOM   1230 C C   . GLN A 1 152 ? 8.101   0.019   0.596   1.00 21.28  ? 191 GLN A C   1 
ATOM   1231 O O   . GLN A 1 152 ? 8.716   -0.817  1.332   1.00 22.40  ? 191 GLN A O   1 
ATOM   1232 C CB  . GLN A 1 152 ? 8.836   2.282   1.223   1.00 28.13  ? 191 GLN A CB  1 
ATOM   1233 C CG  . GLN A 1 152 ? 8.446   3.730   1.456   1.00 33.17  ? 191 GLN A CG  1 
ATOM   1234 C CD  . GLN A 1 152 ? 9.642   4.497   1.963   1.00 38.31  ? 191 GLN A CD  1 
ATOM   1235 O OE1 . GLN A 1 152 ? 10.749  3.960   2.032   1.00 38.99  ? 191 GLN A OE1 1 
ATOM   1236 N NE2 . GLN A 1 152 ? 9.405   5.733   2.367   1.00 40.83  ? 191 GLN A NE2 1 
ATOM   1237 N N   . PHE A 1 153 ? 7.923   -0.164  -0.698  1.00 20.81  ? 192 PHE A N   1 
ATOM   1238 C CA  . PHE A 1 153 ? 8.443   -1.384  -1.365  1.00 20.75  ? 192 PHE A CA  1 
ATOM   1239 C C   . PHE A 1 153 ? 8.760   -1.068  -2.821  1.00 23.52  ? 192 PHE A C   1 
ATOM   1240 O O   . PHE A 1 153 ? 8.196   -0.094  -3.391  1.00 21.86  ? 192 PHE A O   1 
ATOM   1241 C CB  . PHE A 1 153 ? 7.415   -2.521  -1.299  1.00 20.87  ? 192 PHE A CB  1 
ATOM   1242 C CG  . PHE A 1 153 ? 6.120   -2.183  -1.992  1.00 21.14  ? 192 PHE A CG  1 
ATOM   1243 C CD1 . PHE A 1 153 ? 5.951   -2.389  -3.345  1.00 19.76  ? 192 PHE A CD1 1 
ATOM   1244 C CD2 . PHE A 1 153 ? 5.094   -1.573  -1.284  1.00 21.08  ? 192 PHE A CD2 1 
ATOM   1245 C CE1 . PHE A 1 153 ? 4.770   -2.057  -3.994  1.00 20.73  ? 192 PHE A CE1 1 
ATOM   1246 C CE2 . PHE A 1 153 ? 3.921   -1.225  -1.927  1.00 19.43  ? 192 PHE A CE2 1 
ATOM   1247 C CZ  . PHE A 1 153 ? 3.762   -1.461  -3.273  1.00 21.45  ? 192 PHE A CZ  1 
ATOM   1248 N N   . ILE A 1 154 ? 9.583   -1.926  -3.448  1.00 20.97  ? 193 ILE A N   1 
ATOM   1249 C CA  . ILE A 1 154 ? 9.772   -1.904  -4.901  1.00 22.27  ? 193 ILE A CA  1 
ATOM   1250 C C   . ILE A 1 154 ? 8.849   -2.950  -5.529  1.00 22.04  ? 193 ILE A C   1 
ATOM   1251 O O   . ILE A 1 154 ? 8.848   -4.125  -5.087  1.00 23.45  ? 193 ILE A O   1 
ATOM   1252 C CB  . ILE A 1 154 ? 11.253  -2.138  -5.235  1.00 24.04  ? 193 ILE A CB  1 
ATOM   1253 C CG1 . ILE A 1 154 ? 12.083  -1.072  -4.519  1.00 24.73  ? 193 ILE A CG1 1 
ATOM   1254 C CG2 . ILE A 1 154 ? 11.457  -2.178  -6.745  1.00 25.96  ? 193 ILE A CG2 1 
ATOM   1255 C CD1 . ILE A 1 154 ? 13.551  -1.296  -4.601  1.00 27.13  ? 193 ILE A CD1 1 
ATOM   1256 N N   . ALA A 1 155 ? 8.089   -2.540  -6.526  1.00 23.05  ? 194 ALA A N   1 
ATOM   1257 C CA  . ALA A 1 155 ? 7.275   -3.433  -7.373  1.00 23.91  ? 194 ALA A CA  1 
ATOM   1258 C C   . ALA A 1 155 ? 8.226   -4.294  -8.205  1.00 26.27  ? 194 ALA A C   1 
ATOM   1259 O O   . ALA A 1 155 ? 9.175   -3.744  -8.780  1.00 27.28  ? 194 ALA A O   1 
ATOM   1260 C CB  . ALA A 1 155 ? 6.323   -2.696  -8.259  1.00 26.01  ? 194 ALA A CB  1 
ATOM   1261 N N   . VAL A 1 156 ? 8.017   -5.605  -8.250  1.00 23.94  ? 195 VAL A N   1 
ATOM   1262 C CA  . VAL A 1 156 ? 8.908   -6.486  -9.069  1.00 26.03  ? 195 VAL A CA  1 
ATOM   1263 C C   . VAL A 1 156 ? 8.041   -7.514  -9.815  1.00 27.52  ? 195 VAL A C   1 
ATOM   1264 O O   . VAL A 1 156 ? 6.984   -7.869  -9.293  1.00 25.90  ? 195 VAL A O   1 
ATOM   1265 C CB  . VAL A 1 156 ? 9.966   -7.164  -8.186  1.00 25.59  ? 195 VAL A CB  1 
ATOM   1266 C CG1 . VAL A 1 156 ? 10.869  -6.184  -7.482  1.00 25.01  ? 195 VAL A CG1 1 
ATOM   1267 C CG2 . VAL A 1 156 ? 9.360   -8.096  -7.124  1.00 23.41  ? 195 VAL A CG2 1 
ATOM   1268 N N   . THR A 1 157 ? 8.480   -8.042  -10.956 1.00 28.65  ? 196 THR A N   1 
ATOM   1269 C CA  . THR A 1 157 ? 7.773   -9.188  -11.610 1.00 28.59  ? 196 THR A CA  1 
ATOM   1270 C C   . THR A 1 157 ? 8.205   -10.516 -10.967 1.00 30.18  ? 196 THR A C   1 
ATOM   1271 O O   . THR A 1 157 ? 7.542   -11.505 -11.194 1.00 29.75  ? 196 THR A O   1 
ATOM   1272 C CB  . THR A 1 157 ? 7.957   -9.143  -13.135 1.00 34.83  ? 196 THR A CB  1 
ATOM   1273 O OG1 . THR A 1 157 ? 9.340   -9.317  -13.407 1.00 33.32  ? 196 THR A OG1 1 
ATOM   1274 C CG2 . THR A 1 157 ? 7.521   -7.843  -13.762 1.00 36.37  ? 196 THR A CG2 1 
ATOM   1275 N N   . ALA A 1 158 ? 9.286   -10.517 -10.198 1.00 26.49  ? 197 ALA A N   1 
ATOM   1276 C CA  . ALA A 1 158 ? 9.947   -11.669 -9.540  1.00 28.69  ? 197 ALA A CA  1 
ATOM   1277 C C   . ALA A 1 158 ? 10.833  -11.104 -8.440  1.00 27.99  ? 197 ALA A C   1 
ATOM   1278 O O   . ALA A 1 158 ? 11.494  -10.038 -8.669  1.00 26.67  ? 197 ALA A O   1 
ATOM   1279 C CB  . ALA A 1 158 ? 10.761  -12.487 -10.536 1.00 29.30  ? 197 ALA A CB  1 
ATOM   1280 N N   . TYR A 1 159 ? 10.912  -11.797 -7.315  1.00 26.99  ? 198 TYR A N   1 
ATOM   1281 C CA  . TYR A 1 159 ? 11.770  -11.382 -6.183  1.00 25.57  ? 198 TYR A CA  1 
ATOM   1282 C C   . TYR A 1 159 ? 13.215  -11.351 -6.654  1.00 26.18  ? 198 TYR A C   1 
ATOM   1283 O O   . TYR A 1 159 ? 13.631  -12.278 -7.348  1.00 26.28  ? 198 TYR A O   1 
ATOM   1284 C CB  . TYR A 1 159 ? 11.568  -12.271 -4.970  1.00 25.01  ? 198 TYR A CB  1 
ATOM   1285 C CG  . TYR A 1 159 ? 10.218  -12.096 -4.333  1.00 28.29  ? 198 TYR A CG  1 
ATOM   1286 C CD1 . TYR A 1 159 ? 9.704   -10.829 -4.063  1.00 26.11  ? 198 TYR A CD1 1 
ATOM   1287 C CD2 . TYR A 1 159 ? 9.497   -13.200 -3.912  1.00 29.82  ? 198 TYR A CD2 1 
ATOM   1288 C CE1 . TYR A 1 159 ? 8.475   -10.675 -3.437  1.00 28.98  ? 198 TYR A CE1 1 
ATOM   1289 C CE2 . TYR A 1 159 ? 8.260   -13.062 -3.313  1.00 33.86  ? 198 TYR A CE2 1 
ATOM   1290 C CZ  . TYR A 1 159 ? 7.752   -11.800 -3.074  1.00 33.29  ? 198 TYR A CZ  1 
ATOM   1291 O OH  . TYR A 1 159 ? 6.535   -11.678 -2.481  1.00 31.90  ? 198 TYR A OH  1 
ATOM   1292 N N   . GLN A 1 160 ? 13.900  -10.263 -6.329  1.00 25.73  ? 199 GLN A N   1 
ATOM   1293 C CA  . GLN A 1 160 ? 15.340  -10.080 -6.618  1.00 28.30  ? 199 GLN A CA  1 
ATOM   1294 C C   . GLN A 1 160 ? 16.190  -10.615 -5.462  1.00 25.43  ? 199 GLN A C   1 
ATOM   1295 O O   . GLN A 1 160 ? 17.164  -11.355 -5.716  1.00 29.46  ? 199 GLN A O   1 
ATOM   1296 C CB  . GLN A 1 160 ? 15.598  -8.594  -6.882  1.00 26.54  ? 199 GLN A CB  1 
ATOM   1297 C CG  . GLN A 1 160 ? 14.709  -8.021  -7.972  1.00 27.23  ? 199 GLN A CG  1 
ATOM   1298 C CD  . GLN A 1 160 ? 15.032  -8.681  -9.280  1.00 33.11  ? 199 GLN A CD  1 
ATOM   1299 O OE1 . GLN A 1 160 ? 16.114  -8.467  -9.839  1.00 33.32  ? 199 GLN A OE1 1 
ATOM   1300 N NE2 . GLN A 1 160 ? 14.089  -9.462  -9.792  1.00 30.38  ? 199 GLN A NE2 1 
ATOM   1301 N N   . ASN A 1 161 ? 15.880  -10.207 -4.237  1.00 24.39  ? 200 ASN A N   1 
ATOM   1302 C CA  . ASN A 1 161 ? 16.618  -10.535 -3.008  1.00 25.62  ? 200 ASN A CA  1 
ATOM   1303 C C   . ASN A 1 161 ? 16.098  -11.884 -2.499  1.00 28.22  ? 200 ASN A C   1 
ATOM   1304 O O   . ASN A 1 161 ? 14.914  -11.954 -2.090  1.00 27.13  ? 200 ASN A O   1 
ATOM   1305 C CB  . ASN A 1 161 ? 16.380  -9.417  -2.008  1.00 25.21  ? 200 ASN A CB  1 
ATOM   1306 C CG  . ASN A 1 161 ? 17.204  -9.489  -0.760  1.00 22.15  ? 200 ASN A CG  1 
ATOM   1307 O OD1 . ASN A 1 161 ? 17.886  -10.485 -0.496  1.00 28.64  ? 200 ASN A OD1 1 
ATOM   1308 N ND2 . ASN A 1 161 ? 17.145  -8.432  0.021   1.00 25.57  ? 200 ASN A ND2 1 
ATOM   1309 N N   . GLU A 1 162 ? 16.938  -12.914 -2.477  1.00 30.51  ? 201 GLU A N   1 
ATOM   1310 C CA  . GLU A 1 162 ? 16.526  -14.233 -1.911  1.00 29.22  ? 201 GLU A CA  1 
ATOM   1311 C C   . GLU A 1 162 ? 16.168  -14.124 -0.423  1.00 27.80  ? 201 GLU A C   1 
ATOM   1312 O O   . GLU A 1 162 ? 15.411  -14.992 0.029   1.00 31.20  ? 201 GLU A O   1 
ATOM   1313 C CB  . GLU A 1 162 ? 17.614  -15.291 -2.102  1.00 31.21  ? 201 GLU A CB  1 
ATOM   1314 C CG  . GLU A 1 162 ? 18.757  -15.182 -1.115  1.00 34.75  ? 201 GLU A CG  1 
ATOM   1315 C CD  . GLU A 1 162 ? 19.735  -14.034 -1.332  1.00 38.65  ? 201 GLU A CD  1 
ATOM   1316 O OE1 . GLU A 1 162 ? 20.509  -13.748 -0.414  1.00 45.25  ? 201 GLU A OE1 1 
ATOM   1317 O OE2 . GLU A 1 162 ? 19.686  -13.389 -2.402  1.00 40.14  ? 201 GLU A OE2 1 
ATOM   1318 N N   . GLU A 1 163 ? 16.688  -13.155 0.325   1.00 26.75  ? 202 GLU A N   1 
ATOM   1319 C CA  . GLU A 1 163 ? 16.300  -12.924 1.742   1.00 28.19  ? 202 GLU A CA  1 
ATOM   1320 C C   . GLU A 1 163 ? 14.834  -12.470 1.813   1.00 29.03  ? 202 GLU A C   1 
ATOM   1321 O O   . GLU A 1 163 ? 14.154  -12.816 2.807   1.00 29.22  ? 202 GLU A O   1 
ATOM   1322 C CB  . GLU A 1 163 ? 17.182  -11.890 2.416   1.00 30.59  ? 202 GLU A CB  1 
ATOM   1323 C CG  . GLU A 1 163 ? 18.585  -12.377 2.684   1.00 36.23  ? 202 GLU A CG  1 
ATOM   1324 C CD  . GLU A 1 163 ? 19.312  -11.351 3.504   1.00 39.31  ? 202 GLU A CD  1 
ATOM   1325 O OE1 . GLU A 1 163 ? 19.398  -11.524 4.709   1.00 46.06  ? 202 GLU A OE1 1 
ATOM   1326 O OE2 . GLU A 1 163 ? 19.690  -10.330 2.923   1.00 49.42  ? 202 GLU A OE2 1 
ATOM   1327 N N   . ILE A 1 164 ? 14.332  -11.762 0.798   1.00 26.58  ? 203 ILE A N   1 
ATOM   1328 C CA  . ILE A 1 164 ? 12.892  -11.361 0.749   1.00 26.21  ? 203 ILE A CA  1 
ATOM   1329 C C   . ILE A 1 164 ? 12.038  -12.598 0.472   1.00 30.54  ? 203 ILE A C   1 
ATOM   1330 O O   . ILE A 1 164 ? 11.018  -12.798 1.188   1.00 30.02  ? 203 ILE A O   1 
ATOM   1331 C CB  . ILE A 1 164 ? 12.640  -10.252 -0.294  1.00 28.26  ? 203 ILE A CB  1 
ATOM   1332 C CG1 . ILE A 1 164 ? 13.072  -8.901  0.280   1.00 26.05  ? 203 ILE A CG1 1 
ATOM   1333 C CG2 . ILE A 1 164 ? 11.186  -10.272 -0.743  1.00 28.24  ? 203 ILE A CG2 1 
ATOM   1334 C CD1 . ILE A 1 164 ? 12.269  -8.437  1.517   1.00 27.22  ? 203 ILE A CD1 1 
ATOM   1335 N N   . THR A 1 165 ? 12.431  -13.397 -0.517  1.00 27.15  ? 204 THR A N   1 
ATOM   1336 C CA  . THR A 1 165 ? 11.763  -14.658 -0.851  1.00 31.27  ? 204 THR A CA  1 
ATOM   1337 C C   . THR A 1 165 ? 11.648  -15.473 0.438   1.00 26.25  ? 204 THR A C   1 
ATOM   1338 O O   . THR A 1 165 ? 10.526  -15.887 0.699   1.00 29.66  ? 204 THR A O   1 
ATOM   1339 C CB  . THR A 1 165 ? 12.484  -15.421 -1.964  1.00 33.37  ? 204 THR A CB  1 
ATOM   1340 O OG1 . THR A 1 165 ? 12.711  -14.521 -3.054  1.00 32.95  ? 204 THR A OG1 1 
ATOM   1341 C CG2 . THR A 1 165 ? 11.655  -16.601 -2.422  1.00 34.69  ? 204 THR A CG2 1 
ATOM   1342 N N   . ALA A 1 166 ? 12.697  -15.549 1.260   1.00 29.45  ? 205 ALA A N   1 
ATOM   1343 C CA  . ALA A 1 166 ? 12.738  -16.410 2.479   1.00 28.61  ? 205 ALA A CA  1 
ATOM   1344 C C   . ALA A 1 166 ? 11.840  -15.798 3.565   1.00 29.37  ? 205 ALA A C   1 
ATOM   1345 O O   . ALA A 1 166 ? 11.101  -16.552 4.259   1.00 29.18  ? 205 ALA A O   1 
ATOM   1346 C CB  . ALA A 1 166 ? 14.147  -16.547 2.996   1.00 29.40  ? 205 ALA A CB  1 
ATOM   1347 N N   . LEU A 1 167 ? 11.890  -14.475 3.702   1.00 28.49  ? 206 LEU A N   1 
ATOM   1348 C CA  . LEU A 1 167 ? 11.080  -13.743 4.716   1.00 27.95  ? 206 LEU A CA  1 
ATOM   1349 C C   . LEU A 1 167 ? 9.603   -13.959 4.406   1.00 26.41  ? 206 LEU A C   1 
ATOM   1350 O O   . LEU A 1 167 ? 8.835   -14.139 5.368   1.00 28.61  ? 206 LEU A O   1 
ATOM   1351 C CB  . LEU A 1 167 ? 11.383  -12.245 4.659   1.00 30.43  ? 206 LEU A CB  1 
ATOM   1352 C CG  . LEU A 1 167 ? 12.041  -11.548 5.846   1.00 38.60  ? 206 LEU A CG  1 
ATOM   1353 C CD1 . LEU A 1 167 ? 11.485  -10.140 6.013   1.00 36.28  ? 206 LEU A CD1 1 
ATOM   1354 C CD2 . LEU A 1 167 ? 11.925  -12.292 7.141   1.00 35.88  ? 206 LEU A CD2 1 
ATOM   1355 N N   . LYS A 1 168 ? 9.212   -13.854 3.140   1.00 26.92  ? 207 LYS A N   1 
ATOM   1356 C CA  . LYS A 1 168 ? 7.799   -13.948 2.691   1.00 28.27  ? 207 LYS A CA  1 
ATOM   1357 C C   . LYS A 1 168 ? 7.290   -15.337 3.094   1.00 32.21  ? 207 LYS A C   1 
ATOM   1358 O O   . LYS A 1 168 ? 6.158   -15.452 3.558   1.00 37.20  ? 207 LYS A O   1 
ATOM   1359 C CB  . LYS A 1 168 ? 7.667   -13.744 1.180   1.00 29.72  ? 207 LYS A CB  1 
ATOM   1360 C CG  . LYS A 1 168 ? 8.061   -12.348 0.692   1.00 29.94  ? 207 LYS A CG  1 
ATOM   1361 C CD  . LYS A 1 168 ? 6.940   -11.346 0.692   1.00 27.24  ? 207 LYS A CD  1 
ATOM   1362 C CE  . LYS A 1 168 ? 7.386   -9.969  0.218   1.00 27.84  ? 207 LYS A CE  1 
ATOM   1363 N NZ  . LYS A 1 168 ? 6.251   -9.178  -0.302  1.00 26.89  ? 207 LYS A NZ  1 
ATOM   1364 N N   . ILE A 1 169 ? 8.148   -16.338 2.965   1.00 30.27  ? 208 ILE A N   1 
ATOM   1365 C CA  . ILE A 1 169 ? 7.813   -17.750 3.324   1.00 34.70  ? 208 ILE A CA  1 
ATOM   1366 C C   . ILE A 1 169 ? 7.797   -17.877 4.844   1.00 32.68  ? 208 ILE A C   1 
ATOM   1367 O O   . ILE A 1 169 ? 6.848   -18.491 5.362   1.00 39.68  ? 208 ILE A O   1 
ATOM   1368 C CB  . ILE A 1 169 ? 8.789   -18.722 2.631   1.00 36.38  ? 208 ILE A CB  1 
ATOM   1369 C CG1 . ILE A 1 169 ? 8.452   -18.811 1.145   1.00 38.14  ? 208 ILE A CG1 1 
ATOM   1370 C CG2 . ILE A 1 169 ? 8.765   -20.089 3.309   1.00 40.83  ? 208 ILE A CG2 1 
ATOM   1371 C CD1 . ILE A 1 169 ? 9.480   -19.523 0.312   1.00 39.08  ? 208 ILE A CD1 1 
ATOM   1372 N N   . LYS A 1 170 ? 8.779   -17.328 5.549   1.00 30.56  ? 209 LYS A N   1 
ATOM   1373 C CA  . LYS A 1 170 ? 8.870   -17.421 7.022   1.00 30.71  ? 209 LYS A CA  1 
ATOM   1374 C C   . LYS A 1 170 ? 7.582   -16.836 7.633   1.00 35.68  ? 209 LYS A C   1 
ATOM   1375 O O   . LYS A 1 170 ? 6.936   -17.528 8.457   1.00 32.83  ? 209 LYS A O   1 
ATOM   1376 C CB  . LYS A 1 170 ? 10.127  -16.730 7.549   1.00 35.28  ? 209 LYS A CB  1 
ATOM   1377 C CG  . LYS A 1 170 ? 10.348  -16.792 9.057   1.00 36.90  ? 209 LYS A CG  1 
ATOM   1378 C CD  . LYS A 1 170 ? 11.725  -16.336 9.480   1.00 38.24  ? 209 LYS A CD  1 
ATOM   1379 C CE  . LYS A 1 170 ? 11.893  -16.182 10.982  1.00 42.46  ? 209 LYS A CE  1 
ATOM   1380 N NZ  . LYS A 1 170 ? 11.544  -17.422 11.710  1.00 41.82  ? 209 LYS A NZ  1 
ATOM   1381 N N   . TYR A 1 171 ? 7.202   -15.609 7.270   1.00 35.25  ? 210 TYR A N   1 
ATOM   1382 C CA  . TYR A 1 171 ? 6.172   -14.873 8.052   1.00 33.84  ? 210 TYR A CA  1 
ATOM   1383 C C   . TYR A 1 171 ? 4.790   -15.077 7.450   1.00 33.89  ? 210 TYR A C   1 
ATOM   1384 O O   . TYR A 1 171 ? 3.816   -14.698 8.135   1.00 37.18  ? 210 TYR A O   1 
ATOM   1385 C CB  . TYR A 1 171 ? 6.539   -13.404 8.215   1.00 31.50  ? 210 TYR A CB  1 
ATOM   1386 C CG  . TYR A 1 171 ? 7.635   -13.196 9.219   1.00 34.07  ? 210 TYR A CG  1 
ATOM   1387 C CD1 . TYR A 1 171 ? 7.448   -13.403 10.570  1.00 36.90  ? 210 TYR A CD1 1 
ATOM   1388 C CD2 . TYR A 1 171 ? 8.891   -12.801 8.809   1.00 36.08  ? 210 TYR A CD2 1 
ATOM   1389 C CE1 . TYR A 1 171 ? 8.479   -13.232 11.484  1.00 39.88  ? 210 TYR A CE1 1 
ATOM   1390 C CE2 . TYR A 1 171 ? 9.919   -12.585 9.710   1.00 40.45  ? 210 TYR A CE2 1 
ATOM   1391 C CZ  . TYR A 1 171 ? 9.729   -12.823 11.050  1.00 41.35  ? 210 TYR A CZ  1 
ATOM   1392 O OH  . TYR A 1 171 ? 10.807  -12.630 11.874  1.00 40.53  ? 210 TYR A OH  1 
ATOM   1393 N N   . ASN A 1 172 ? 4.693   -15.671 6.262   1.00 36.03  ? 211 ASN A N   1 
ATOM   1394 C CA  . ASN A 1 172 ? 3.404   -15.855 5.550   1.00 42.91  ? 211 ASN A CA  1 
ATOM   1395 C C   . ASN A 1 172 ? 3.162   -17.358 5.438   1.00 49.80  ? 211 ASN A C   1 
ATOM   1396 O O   . ASN A 1 172 ? 3.086   -17.987 6.489   1.00 53.35  ? 211 ASN A O   1 
ATOM   1397 C CB  . ASN A 1 172 ? 3.361   -15.162 4.180   1.00 43.40  ? 211 ASN A CB  1 
ATOM   1398 C CG  . ASN A 1 172 ? 1.971   -15.159 3.582   1.00 41.37  ? 211 ASN A CG  1 
ATOM   1399 O OD1 . ASN A 1 172 ? 0.992   -15.297 4.303   1.00 45.84  ? 211 ASN A OD1 1 
ATOM   1400 N ND2 . ASN A 1 172 ? 1.873   -14.980 2.277   1.00 41.37  ? 211 ASN A ND2 1 
ATOM   1401 O OXT . ASN A 1 172 ? 3.056   -17.917 4.346   1.00 51.99  ? 211 ASN A OXT 1 
HETATM 1402 C C4  . O1D B 2 .   ? -7.677  16.470  13.680  0.35 62.12  ? 301 O1D A C4  1 
HETATM 1403 C C5  . O1D B 2 .   ? -6.164  18.237  13.327  0.35 54.94  ? 301 O1D A C5  1 
HETATM 1404 C C6  . O1D B 2 .   ? -5.156  17.903  12.273  0.35 52.43  ? 301 O1D A C6  1 
HETATM 1405 C C7  . O1D B 2 .   ? -4.239  16.902  12.488  0.35 50.41  ? 301 O1D A C7  1 
HETATM 1406 C C8  . O1D B 2 .   ? -3.273  16.614  11.551  0.35 47.85  ? 301 O1D A C8  1 
HETATM 1407 C C10 . O1D B 2 .   ? -4.170  18.304  10.214  0.35 49.52  ? 301 O1D A C10 1 
HETATM 1408 N N   . O1D B 2 .   ? -9.625  15.056  10.976  0.35 72.87  ? 301 O1D A N   1 
HETATM 1409 C C   . O1D B 2 .   ? -9.258  15.485  12.212  0.35 68.41  ? 301 O1D A C   1 
HETATM 1410 O O   . O1D B 2 .   ? -6.436  17.017  13.972  0.35 57.87  ? 301 O1D A O   1 
HETATM 1411 C C1  . O1D B 2 .   ? -10.152 15.312  13.263  0.35 71.35  ? 301 O1D A C1  1 
HETATM 1412 C C11 . O1D B 2 .   ? -5.120  18.608  11.116  0.35 50.34  ? 301 O1D A C11 1 
HETATM 1413 C C12 . O1D B 2 .   ? -7.996  16.077  12.404  0.35 63.51  ? 301 O1D A C12 1 
HETATM 1414 C C2  . O1D B 2 .   ? -9.794  15.729  14.502  0.35 67.03  ? 301 O1D A C2  1 
HETATM 1415 C C3  . O1D B 2 .   ? -8.563  16.312  14.730  0.35 61.34  ? 301 O1D A C3  1 
HETATM 1416 C C9  . O1D B 2 .   ? -3.237  17.310  10.410  0.35 48.05  ? 301 O1D A C9  1 
HETATM 1417 O O   . HOH C 3 .   ? -0.838  4.970   20.317  1.00 39.14  ? 401 HOH A O   1 
HETATM 1418 O O   . HOH C 3 .   ? 18.991  -8.158  2.430   1.00 37.38  ? 402 HOH A O   1 
HETATM 1419 O O   . HOH C 3 .   ? 20.422  -10.166 0.678   1.00 38.38  ? 403 HOH A O   1 
HETATM 1420 O O   . HOH C 3 .   ? 5.189   -19.691 4.132   1.00 49.66  ? 404 HOH A O   1 
HETATM 1421 O O   . HOH C 3 .   ? -7.572  9.724   19.070  1.00 34.18  ? 405 HOH A O   1 
HETATM 1422 O O   . HOH C 3 .   ? 6.605   5.240   -12.900 1.00 54.65  ? 406 HOH A O   1 
HETATM 1423 O O   . HOH C 3 .   ? -6.378  12.918  -0.087  1.00 44.09  ? 407 HOH A O   1 
HETATM 1424 O O   . HOH C 3 .   ? -7.435  -4.781  -6.145  1.00 34.66  ? 408 HOH A O   1 
HETATM 1425 O O   . HOH C 3 .   ? -9.503  -8.081  -4.600  1.00 52.27  ? 409 HOH A O   1 
HETATM 1426 O O   . HOH C 3 .   ? 0.338   -12.415 -2.888  1.00 56.02  ? 410 HOH A O   1 
HETATM 1427 O O   . HOH C 3 .   ? 11.304  -0.997  -15.080 1.00 43.11  ? 411 HOH A O   1 
HETATM 1428 O O   . HOH C 3 .   ? 10.315  8.859   -18.077 1.00 37.64  ? 412 HOH A O   1 
HETATM 1429 O O   . HOH C 3 .   ? 18.334  -5.137  12.077  1.00 65.13  ? 413 HOH A O   1 
HETATM 1430 O O   . HOH C 3 .   ? 1.423   -15.034 8.725   1.00 42.07  ? 414 HOH A O   1 
HETATM 1431 O O   . HOH C 3 .   ? 20.293  -7.430  -0.326  1.00 29.41  ? 415 HOH A O   1 
HETATM 1432 O O   . HOH C 3 .   ? 15.478  13.925  -17.520 1.00 41.40  ? 416 HOH A O   1 
HETATM 1433 O O   . HOH C 3 .   ? -2.301  3.998   -6.727  1.00 27.79  ? 417 HOH A O   1 
HETATM 1434 O O   . HOH C 3 .   ? -2.275  -8.261  13.992  1.00 35.92  ? 418 HOH A O   1 
HETATM 1435 O O   . HOH C 3 .   ? -13.384 -2.257  -3.310  1.00 50.56  ? 419 HOH A O   1 
HETATM 1436 O O   . HOH C 3 .   ? 14.998  -8.115  8.246   1.00 36.22  ? 420 HOH A O   1 
HETATM 1437 O O   . HOH C 3 .   ? -18.512 20.153  6.265   1.00 33.92  ? 421 HOH A O   1 
HETATM 1438 O O   . HOH C 3 .   ? 18.754  -11.689 -7.689  1.00 38.47  ? 422 HOH A O   1 
HETATM 1439 O O   . HOH C 3 .   ? -6.451  14.870  1.967   0.50 39.50  ? 423 HOH A O   1 
HETATM 1440 O O   . HOH C 3 .   ? -19.930 19.943  -2.301  1.00 37.94  ? 424 HOH A O   1 
HETATM 1441 O O   . HOH C 3 .   ? 2.606   -1.636  14.958  1.00 26.37  ? 425 HOH A O   1 
HETATM 1442 O O   . HOH C 3 .   ? 21.100  -8.953  -9.289  1.00 37.73  ? 426 HOH A O   1 
HETATM 1443 O O   . HOH C 3 .   ? 2.042   1.962   -15.421 1.00 54.03  ? 427 HOH A O   1 
HETATM 1444 O O   . HOH C 3 .   ? 23.346  3.024   -9.783  1.00 38.95  ? 428 HOH A O   1 
HETATM 1445 O O   . HOH C 3 .   ? -4.497  -11.129 1.573   1.00 40.69  ? 429 HOH A O   1 
HETATM 1446 O O   . HOH C 3 .   ? -18.430 -3.270  7.081   1.00 130.16 ? 430 HOH A O   1 
HETATM 1447 O O   . HOH C 3 .   ? 18.780  -5.526  -0.001  1.00 34.82  ? 431 HOH A O   1 
HETATM 1448 O O   . HOH C 3 .   ? 17.568  -0.245  -0.805  1.00 47.45  ? 432 HOH A O   1 
HETATM 1449 O O   . HOH C 3 .   ? 4.761   -5.213  -18.422 1.00 63.20  ? 433 HOH A O   1 
HETATM 1450 O O   . HOH C 3 .   ? 25.145  -7.291  -1.561  1.00 50.16  ? 434 HOH A O   1 
HETATM 1451 O O   . HOH C 3 .   ? -9.050  -5.224  1.082   1.00 29.89  ? 435 HOH A O   1 
HETATM 1452 O O   . HOH C 3 .   ? 24.606  -0.847  -11.233 1.00 33.29  ? 436 HOH A O   1 
HETATM 1453 O O   . HOH C 3 .   ? 12.516  5.515   4.599   1.00 53.08  ? 437 HOH A O   1 
HETATM 1454 O O   . HOH C 3 .   ? 14.075  11.191  -6.690  1.00 35.21  ? 438 HOH A O   1 
HETATM 1455 O O   . HOH C 3 .   ? 13.656  -1.561  9.228   1.00 50.14  ? 439 HOH A O   1 
HETATM 1456 O O   . HOH C 3 .   ? 5.004   -13.814 -2.568  1.00 39.23  ? 440 HOH A O   1 
HETATM 1457 O O   . HOH C 3 .   ? 13.216  -12.505 10.820  1.00 46.65  ? 441 HOH A O   1 
HETATM 1458 O O   . HOH C 3 .   ? 5.044   10.813  -6.188  1.00 41.29  ? 442 HOH A O   1 
HETATM 1459 O O   . HOH C 3 .   ? 3.209   4.599   10.000  1.00 41.13  ? 443 HOH A O   1 
HETATM 1460 O O   . HOH C 3 .   ? 5.158   -11.132 -12.460 1.00 43.51  ? 444 HOH A O   1 
HETATM 1461 O O   . HOH C 3 .   ? 25.642  -2.815  -6.438  1.00 32.15  ? 445 HOH A O   1 
HETATM 1462 O O   . HOH C 3 .   ? 15.398  -17.588 -0.492  1.00 29.49  ? 446 HOH A O   1 
HETATM 1463 O O   . HOH C 3 .   ? -11.233 17.792  -0.173  1.00 28.62  ? 447 HOH A O   1 
HETATM 1464 O O   . HOH C 3 .   ? -19.883 12.108  17.905  1.00 41.84  ? 448 HOH A O   1 
HETATM 1465 O O   . HOH C 3 .   ? -1.631  -11.621 1.694   1.00 37.03  ? 449 HOH A O   1 
HETATM 1466 O O   . HOH C 3 .   ? -11.945 -5.752  -2.814  1.00 39.63  ? 450 HOH A O   1 
HETATM 1467 O O   . HOH C 3 .   ? -14.563 -5.663  8.703   1.00 31.02  ? 451 HOH A O   1 
HETATM 1468 O O   . HOH C 3 .   ? -0.033  -13.770 0.856   1.00 51.72  ? 452 HOH A O   1 
HETATM 1469 O O   . HOH C 3 .   ? 4.392   3.749   -17.481 1.00 46.00  ? 453 HOH A O   1 
HETATM 1470 O O   . HOH C 3 .   ? -5.140  4.743   16.091  1.00 34.34  ? 454 HOH A O   1 
HETATM 1471 O O   . HOH C 3 .   ? -22.055 -0.872  10.051  1.00 38.36  ? 455 HOH A O   1 
HETATM 1472 O O   . HOH C 3 .   ? 11.528  -5.065  12.983  1.00 33.69  ? 456 HOH A O   1 
HETATM 1473 O O   . HOH C 3 .   ? 1.894   -7.919  -4.447  1.00 31.06  ? 457 HOH A O   1 
HETATM 1474 O O   . HOH C 3 .   ? 15.153  -13.869 5.073   1.00 29.75  ? 458 HOH A O   1 
HETATM 1475 O O   . HOH C 3 .   ? -3.377  -7.327  -0.545  1.00 28.29  ? 459 HOH A O   1 
HETATM 1476 O O   . HOH C 3 .   ? -5.137  -12.919 -9.235  1.00 44.89  ? 460 HOH A O   1 
HETATM 1477 O O   . HOH C 3 .   ? -1.388  11.200  21.915  1.00 60.38  ? 461 HOH A O   1 
HETATM 1478 O O   . HOH C 3 .   ? 1.202   10.012  20.296  1.00 52.48  ? 462 HOH A O   1 
HETATM 1479 O O   . HOH C 3 .   ? -16.009 1.607   17.779  1.00 33.44  ? 463 HOH A O   1 
HETATM 1480 O O   . HOH C 3 .   ? -13.899 8.981   18.674  1.00 41.64  ? 464 HOH A O   1 
HETATM 1481 O O   . HOH C 3 .   ? 11.451  4.482   -7.833  1.00 23.45  ? 465 HOH A O   1 
HETATM 1482 O O   . HOH C 3 .   ? 14.582  -15.622 -4.697  1.00 37.55  ? 466 HOH A O   1 
HETATM 1483 O O   . HOH C 3 .   ? 26.936  -7.212  -11.205 1.00 35.88  ? 467 HOH A O   1 
HETATM 1484 O O   . HOH C 3 .   ? 2.408   -20.580 5.974   1.00 61.25  ? 468 HOH A O   1 
HETATM 1485 O O   . HOH C 3 .   ? 0.906   4.657   -8.318  1.00 34.64  ? 469 HOH A O   1 
HETATM 1486 O O   . HOH C 3 .   ? -18.982 13.912  1.109   1.00 40.34  ? 470 HOH A O   1 
HETATM 1487 O O   . HOH C 3 .   ? 11.435  -1.112  1.518   1.00 26.47  ? 471 HOH A O   1 
HETATM 1488 O O   . HOH C 3 .   ? 21.396  -10.984 -2.586  1.00 36.50  ? 472 HOH A O   1 
HETATM 1489 O O   . HOH C 3 .   ? 12.003  -19.086 4.797   1.00 30.07  ? 473 HOH A O   1 
HETATM 1490 O O   . HOH C 3 .   ? 15.194  -6.593  -1.462  1.00 22.16  ? 474 HOH A O   1 
HETATM 1491 O O   . HOH C 3 .   ? -4.165  -2.569  17.975  1.00 35.61  ? 475 HOH A O   1 
HETATM 1492 O O   . HOH C 3 .   ? -5.796  -9.051  7.633   1.00 52.64  ? 476 HOH A O   1 
HETATM 1493 O O   . HOH C 3 .   ? -15.533 13.719  1.695   1.00 33.54  ? 477 HOH A O   1 
HETATM 1494 O O   . HOH C 3 .   ? -4.806  5.743   18.486  1.00 34.48  ? 478 HOH A O   1 
HETATM 1495 O O   . HOH C 3 .   ? -2.918  5.472   15.653  1.00 128.86 ? 479 HOH A O   1 
HETATM 1496 O O   . HOH C 3 .   ? 16.225  -0.889  -13.495 1.00 42.12  ? 480 HOH A O   1 
HETATM 1497 O O   . HOH C 3 .   ? -13.981 -6.737  5.200   1.00 35.34  ? 481 HOH A O   1 
HETATM 1498 O O   . HOH C 3 .   ? -12.759 -2.116  11.317  1.00 27.02  ? 482 HOH A O   1 
HETATM 1499 O O   . HOH C 3 .   ? 8.928   5.538   -7.858  1.00 29.33  ? 483 HOH A O   1 
HETATM 1500 O O   . HOH C 3 .   ? 3.191   -1.657  -15.279 1.00 46.61  ? 484 HOH A O   1 
HETATM 1501 O O   . HOH C 3 .   ? -0.033  -3.772  8.619   1.00 22.87  ? 485 HOH A O   1 
HETATM 1502 O O   . HOH C 3 .   ? 19.778  0.473   -1.382  1.00 47.89  ? 486 HOH A O   1 
HETATM 1503 O O   . HOH C 3 .   ? 7.782   -9.756  13.642  1.00 56.33  ? 487 HOH A O   1 
HETATM 1504 O O   . HOH C 3 .   ? -20.223 0.566   -1.166  1.00 46.26  ? 488 HOH A O   1 
HETATM 1505 O O   . HOH C 3 .   ? 2.306   6.385   -9.868  1.00 43.13  ? 489 HOH A O   1 
HETATM 1506 O O   . HOH C 3 .   ? -9.585  -8.278  5.790   1.00 42.33  ? 490 HOH A O   1 
HETATM 1507 O O   . HOH C 3 .   ? 7.755   2.105   13.043  1.00 45.67  ? 491 HOH A O   1 
HETATM 1508 O O   . HOH C 3 .   ? 13.849  11.270  -14.125 1.00 47.92  ? 492 HOH A O   1 
HETATM 1509 O O   . HOH C 3 .   ? 4.410   5.234   -11.113 1.00 32.60  ? 493 HOH A O   1 
HETATM 1510 O O   . HOH C 3 .   ? 8.279   -2.247  3.716   1.00 23.52  ? 494 HOH A O   1 
HETATM 1511 O O   . HOH C 3 .   ? -17.973 -4.483  -0.660  1.00 47.95  ? 495 HOH A O   1 
HETATM 1512 O O   . HOH C 3 .   ? -9.184  0.636   14.051  1.00 24.92  ? 496 HOH A O   1 
HETATM 1513 O O   . HOH C 3 .   ? -17.610 4.669   -0.875  1.00 46.16  ? 497 HOH A O   1 
HETATM 1514 O O   . HOH C 3 .   ? 2.028   4.079   12.573  1.00 32.26  ? 498 HOH A O   1 
HETATM 1515 O O   . HOH C 3 .   ? 14.861  -13.450 -9.597  1.00 50.37  ? 499 HOH A O   1 
HETATM 1516 O O   . HOH C 3 .   ? 8.496   -16.305 -1.212  1.00 41.70  ? 500 HOH A O   1 
HETATM 1517 O O   . HOH C 3 .   ? 19.926  -3.044  -0.985  1.00 34.00  ? 501 HOH A O   1 
HETATM 1518 O O   . HOH C 3 .   ? 20.530  -15.452 1.844   1.00 39.29  ? 502 HOH A O   1 
HETATM 1519 O O   . HOH C 3 .   ? 3.683   -10.099 -1.158  1.00 43.23  ? 503 HOH A O   1 
HETATM 1520 O O   . HOH C 3 .   ? 18.168  -2.678  2.458   1.00 49.18  ? 504 HOH A O   1 
HETATM 1521 O O   . HOH C 3 .   ? 0.006   -4.560  15.517  0.50 25.00  ? 505 HOH A O   1 
HETATM 1522 O O   . HOH C 3 .   ? 14.658  -0.147  2.377   1.00 46.81  ? 506 HOH A O   1 
HETATM 1523 O O   . HOH C 3 .   ? 16.061  0.948   -2.253  1.00 42.10  ? 507 HOH A O   1 
HETATM 1524 O O   . HOH C 3 .   ? -14.670 19.603  8.999   1.00 38.59  ? 508 HOH A O   1 
HETATM 1525 O O   . HOH C 3 .   ? 16.889  -5.854  -10.691 1.00 30.24  ? 509 HOH A O   1 
HETATM 1526 O O   . HOH C 3 .   ? -1.397  6.502   17.080  1.00 67.86  ? 510 HOH A O   1 
HETATM 1527 O O   . HOH C 3 .   ? -21.029 11.330  7.721   1.00 27.35  ? 511 HOH A O   1 
HETATM 1528 O O   . HOH C 3 .   ? 14.434  -11.184 -12.058 1.00 45.67  ? 512 HOH A O   1 
HETATM 1529 O O   . HOH C 3 .   ? -8.411  -8.087  -9.161  1.00 87.14  ? 513 HOH A O   1 
HETATM 1530 O O   . HOH C 3 .   ? -0.037  -9.993  13.982  1.00 37.04  ? 514 HOH A O   1 
HETATM 1531 O O   . HOH C 3 .   ? -1.974  3.735   17.496  1.00 43.31  ? 515 HOH A O   1 
HETATM 1532 O O   . HOH C 3 .   ? -21.003 -3.038  7.611   1.00 38.63  ? 516 HOH A O   1 
HETATM 1533 O O   . HOH C 3 .   ? 24.218  -8.373  -10.029 1.00 35.56  ? 517 HOH A O   1 
HETATM 1534 O O   . HOH C 3 .   ? -13.108 -5.619  -14.300 1.00 55.56  ? 518 HOH A O   1 
HETATM 1535 O O   . HOH C 3 .   ? 3.634   -9.903  -3.703  1.00 39.58  ? 519 HOH A O   1 
HETATM 1536 O O   . HOH C 3 .   ? -13.166 -1.997  19.972  1.00 52.28  ? 520 HOH A O   1 
HETATM 1537 O O   . HOH C 3 .   ? 2.552   7.603   0.630   1.00 41.26  ? 521 HOH A O   1 
HETATM 1538 O O   . HOH C 3 .   ? 2.618   8.626   -7.603  1.00 32.03  ? 522 HOH A O   1 
HETATM 1539 O O   . HOH C 3 .   ? 9.782   -14.495 -7.342  1.00 35.49  ? 523 HOH A O   1 
HETATM 1540 O O   . HOH C 3 .   ? -1.325  3.340   -9.379  1.00 32.28  ? 524 HOH A O   1 
HETATM 1541 O O   . HOH C 3 .   ? -11.820 -0.311  -5.463  1.00 36.10  ? 525 HOH A O   1 
HETATM 1542 O O   . HOH C 3 .   ? -11.792 7.299   19.213  1.00 34.79  ? 526 HOH A O   1 
HETATM 1543 O O   . HOH C 3 .   ? 23.635  -0.840  -0.123  1.00 51.65  ? 527 HOH A O   1 
HETATM 1544 O O   . HOH C 3 .   ? -2.459  -4.527  1.765   1.00 26.97  ? 528 HOH A O   1 
HETATM 1545 O O   . HOH C 3 .   ? -12.466 -2.590  8.490   1.00 29.97  ? 529 HOH A O   1 
HETATM 1546 O O   . HOH C 3 .   ? 11.153  -7.051  -11.742 1.00 39.37  ? 530 HOH A O   1 
HETATM 1547 O O   . HOH C 3 .   ? -10.924 -4.594  7.634   1.00 27.94  ? 531 HOH A O   1 
HETATM 1548 O O   . HOH C 3 .   ? 0.429   -9.330  7.303   1.00 36.54  ? 532 HOH A O   1 
HETATM 1549 O O   . HOH C 3 .   ? -2.897  -12.930 -4.979  1.00 33.79  ? 533 HOH A O   1 
HETATM 1550 O O   . HOH C 3 .   ? 28.212  -3.126  -6.911  1.00 29.40  ? 534 HOH A O   1 
HETATM 1551 O O   . HOH C 3 .   ? 4.206   2.815   13.267  1.00 47.29  ? 535 HOH A O   1 
HETATM 1552 O O   . HOH C 3 .   ? 2.046   -11.910 -15.235 1.00 39.18  ? 536 HOH A O   1 
HETATM 1553 O O   . HOH C 3 .   ? 5.777   -2.617  -15.215 1.00 46.76  ? 537 HOH A O   1 
HETATM 1554 O O   . HOH C 3 .   ? -19.526 16.766  7.568   1.00 50.81  ? 538 HOH A O   1 
HETATM 1555 O O   . HOH C 3 .   ? 0.375   12.604  0.679   1.00 38.07  ? 539 HOH A O   1 
HETATM 1556 O O   . HOH C 3 .   ? 22.542  -9.653  -7.096  1.00 34.85  ? 540 HOH A O   1 
HETATM 1557 O O   . HOH C 3 .   ? 17.120  -14.388 -5.593  1.00 47.92  ? 541 HOH A O   1 
HETATM 1558 O O   . HOH C 3 .   ? 6.197   -5.064  -15.860 1.00 51.88  ? 542 HOH A O   1 
HETATM 1559 O O   . HOH C 3 .   ? 12.828  1.088   1.012   1.00 35.66  ? 543 HOH A O   1 
HETATM 1560 O O   . HOH C 3 .   ? -18.012 1.761   -1.643  1.00 42.87  ? 544 HOH A O   1 
HETATM 1561 O O   . HOH C 3 .   ? -8.987  -0.919  16.509  1.00 36.20  ? 545 HOH A O   1 
HETATM 1562 O O   . HOH C 3 .   ? -1.209  7.666   -6.489  1.00 41.37  ? 546 HOH A O   1 
HETATM 1563 O O   . HOH C 3 .   ? -16.964 -0.469  -1.102  1.00 46.67  ? 547 HOH A O   1 
HETATM 1564 O O   . HOH C 3 .   ? 0.018   5.694   -17.320 1.00 62.63  ? 548 HOH A O   1 
HETATM 1565 O O   . HOH C 3 .   ? 19.436  -5.446  3.402   1.00 44.25  ? 549 HOH A O   1 
HETATM 1566 O O   . HOH C 3 .   ? -10.588 -6.181  3.049   1.00 36.08  ? 550 HOH A O   1 
HETATM 1567 O O   . HOH C 3 .   ? -4.417  -15.243 -17.788 1.00 55.75  ? 551 HOH A O   1 
HETATM 1568 O O   . HOH C 3 .   ? -8.829  3.325   -9.993  1.00 52.53  ? 552 HOH A O   1 
HETATM 1569 O O   . HOH C 3 .   ? -8.780  5.885   -9.754  1.00 57.24  ? 553 HOH A O   1 
HETATM 1570 O O   . HOH C 3 .   ? -11.313 -6.184  5.775   1.00 38.23  ? 554 HOH A O   1 
HETATM 1571 O O   . HOH C 3 .   ? 5.752   -15.655 -7.021  1.00 51.19  ? 555 HOH A O   1 
HETATM 1572 O O   . HOH C 3 .   ? -1.309  -12.951 3.923   1.00 52.57  ? 556 HOH A O   1 
HETATM 1573 O O   . HOH C 3 .   ? -3.182  4.223   19.731  1.00 45.48  ? 557 HOH A O   1 
HETATM 1574 O O   . HOH C 3 .   ? -20.966 14.906  7.003   1.00 39.85  ? 558 HOH A O   1 
HETATM 1575 O O   . HOH C 3 .   ? -0.346  7.175   14.800  1.00 51.56  ? 559 HOH A O   1 
HETATM 1576 O O   . HOH C 3 .   ? 20.486  -0.139  -15.737 1.00 44.82  ? 560 HOH A O   1 
HETATM 1577 O O   . HOH C 3 .   ? 19.159  -2.571  -16.251 1.00 41.04  ? 561 HOH A O   1 
HETATM 1578 O O   . HOH C 3 .   ? 8.656   11.702  -5.899  1.00 62.44  ? 562 HOH A O   1 
HETATM 1579 O O   . HOH C 3 .   ? 5.317   -15.230 -4.533  1.00 47.13  ? 563 HOH A O   1 
HETATM 1580 O O   . HOH C 3 .   ? 16.530  -11.971 6.643   1.00 49.48  ? 564 HOH A O   1 
HETATM 1581 O O   . HOH C 3 .   ? 1.035   -11.616 9.655   1.00 59.32  ? 565 HOH A O   1 
HETATM 1582 O O   . HOH C 3 .   ? 1.398   6.236   13.576  1.00 50.00  ? 566 HOH A O   1 
HETATM 1583 O O   . HOH C 3 .   ? 12.967  -18.934 0.190   1.00 31.19  ? 567 HOH A O   1 
HETATM 1584 O O   . HOH C 3 .   ? 17.912  -16.158 2.287   1.00 32.56  ? 568 HOH A O   1 
HETATM 1585 O O   . HOH C 3 .   ? 3.407   -13.367 -0.549  1.00 41.81  ? 569 HOH A O   1 
HETATM 1586 O O   . HOH C 3 .   ? -24.274 13.276  16.320  1.00 34.82  ? 570 HOH A O   1 
HETATM 1587 O O   . HOH C 3 .   ? -0.910  -14.526 -11.585 1.00 68.56  ? 571 HOH A O   1 
HETATM 1588 O O   . HOH C 3 .   ? 13.668  -15.349 6.752   1.00 29.61  ? 572 HOH A O   1 
HETATM 1589 O O   . HOH C 3 .   ? 2.897   -12.519 10.910  1.00 59.25  ? 573 HOH A O   1 
HETATM 1590 O O   . HOH C 3 .   ? 12.631  9.944   -18.107 1.00 43.05  ? 574 HOH A O   1 
HETATM 1591 O O   . HOH C 3 .   ? -19.474 -3.792  5.007   1.00 51.24  ? 575 HOH A O   1 
HETATM 1592 O O   . HOH C 3 .   ? -0.108  9.225   16.354  1.00 55.52  ? 576 HOH A O   1 
HETATM 1593 O O   . HOH C 3 .   ? -8.015  -13.647 -13.700 1.00 67.83  ? 577 HOH A O   1 
HETATM 1594 O O   . HOH C 3 .   ? 13.792  -18.073 6.520   1.00 36.08  ? 578 HOH A O   1 
HETATM 1595 O O   . HOH C 3 .   ? -11.500 -0.025  -9.882  1.00 69.85  ? 579 HOH A O   1 
HETATM 1596 O O   . HOH C 3 .   ? -7.753  2.144   -12.163 1.00 64.59  ? 580 HOH A O   1 
HETATM 1597 O O   . HOH C 3 .   ? -15.339 8.007   -1.353  1.00 54.07  ? 581 HOH A O   1 
HETATM 1598 O O   . HOH C 3 .   ? 13.394  1.796   8.216   1.00 52.14  ? 582 HOH A O   1 
HETATM 1599 O O   . HOH C 3 .   ? 15.009  -3.668  -16.609 1.00 53.24  ? 583 HOH A O   1 
HETATM 1600 O O   . HOH C 3 .   ? 20.858  -3.009  3.072   1.00 58.66  ? 584 HOH A O   1 
HETATM 1601 O O   . HOH C 3 .   ? 17.139  -18.445 1.336   1.00 33.39  ? 585 HOH A O   1 
HETATM 1602 O O   . HOH C 3 .   ? 6.634   10.328  -1.545  1.00 52.22  ? 586 HOH A O   1 
HETATM 1603 O O   . HOH C 3 .   ? -25.340 6.989   19.984  1.00 48.08  ? 587 HOH A O   1 
HETATM 1604 O O   . HOH C 3 .   ? 29.615  -1.499  -5.667  1.00 41.62  ? 588 HOH A O   1 
HETATM 1605 O O   . HOH C 3 .   ? 6.635   2.827   -20.120 1.00 51.25  ? 589 HOH A O   1 
HETATM 1606 O O   . HOH C 3 .   ? -13.637 -4.541  11.187  1.00 35.26  ? 590 HOH A O   1 
HETATM 1607 O O   . HOH C 3 .   ? 10.702  -20.970 6.106   1.00 39.63  ? 591 HOH A O   1 
HETATM 1608 O O   . HOH C 3 .   ? -16.047 -2.659  -2.754  1.00 56.45  ? 592 HOH A O   1 
HETATM 1609 O O   . HOH C 3 .   ? 15.454  -17.932 -3.287  1.00 43.10  ? 593 HOH A O   1 
HETATM 1610 O O   . HOH C 3 .   ? 8.372   -5.719  -16.767 1.00 40.78  ? 594 HOH A O   1 
HETATM 1611 O O   . HOH C 3 .   ? -14.788 -6.437  15.668  1.00 53.82  ? 595 HOH A O   1 
HETATM 1612 O O   . HOH C 3 .   ? -15.963 4.205   18.335  1.00 62.60  ? 596 HOH A O   1 
HETATM 1613 O O   . HOH C 3 .   ? -5.161  -12.075 4.184   1.00 45.66  ? 597 HOH A O   1 
HETATM 1614 O O   . HOH C 3 .   ? 13.120  -20.248 2.551   1.00 32.40  ? 598 HOH A O   1 
HETATM 1615 O O   . HOH C 3 .   ? -15.177 -8.869  6.406   1.00 57.85  ? 599 HOH A O   1 
HETATM 1616 O O   . HOH C 3 .   ? 16.908  -3.213  -14.725 1.00 39.29  ? 600 HOH A O   1 
HETATM 1617 O O   . HOH C 3 .   ? -13.467 -7.867  8.387   1.00 50.74  ? 601 HOH A O   1 
HETATM 1618 O O   . HOH C 3 .   ? 17.048  -15.836 4.906   1.00 32.21  ? 602 HOH A O   1 
HETATM 1619 O O   . HOH C 3 .   ? 23.832  3.265   -4.837  1.00 49.19  ? 603 HOH A O   1 
HETATM 1620 O O   . HOH C 3 .   ? 24.827  3.759   -7.145  1.00 37.88  ? 604 HOH A O   1 
HETATM 1621 O O   . HOH C 3 .   ? 25.995  -0.906  -8.912  1.00 33.43  ? 605 HOH A O   1 
HETATM 1622 O O   . HOH C 3 .   ? 15.033  -14.735 9.278   1.00 41.23  ? 606 HOH A O   1 
HETATM 1623 O O   . HOH C 3 .   ? -0.736  -4.735  -22.414 1.00 68.15  ? 607 HOH A O   1 
HETATM 1624 O O   . HOH C 3 .   ? 5.259   4.551   -21.683 1.00 38.40  ? 608 HOH A O   1 
HETATM 1625 O O   . HOH C 3 .   ? 3.289   10.514  -19.788 1.00 60.66  ? 609 HOH A O   1 
HETATM 1626 O O   . HOH C 3 .   ? 16.228  -18.384 5.484   1.00 35.38  ? 610 HOH A O   1 
HETATM 1627 O O   . HOH C 3 .   ? 7.796   10.443  -21.481 1.00 34.32  ? 611 HOH A O   1 
HETATM 1628 O O   . HOH C 3 .   ? 5.849   -13.671 -16.295 1.00 58.08  ? 612 HOH A O   1 
HETATM 1629 O O   . HOH C 3 .   ? -6.253  -16.995 4.161   1.00 72.21  ? 613 HOH A O   1 
HETATM 1630 O O   . HOH C 3 .   ? 12.525  -22.766 2.361   1.00 49.63  ? 614 HOH A O   1 
HETATM 1631 O O   . HOH C 3 .   ? 17.887  -21.050 8.467   1.00 55.60  ? 615 HOH A O   1 
# 
